data_9CTF
#
_entry.id   9CTF
#
_cell.length_a   1.00
_cell.length_b   1.00
_cell.length_c   1.00
_cell.angle_alpha   90.00
_cell.angle_beta   90.00
_cell.angle_gamma   90.00
#
_symmetry.space_group_name_H-M   'P 1'
#
loop_
_entity.id
_entity.type
_entity.pdbx_description
1 polymer 'ATP-dependent translocase ABCB1'
2 non-polymer 'UNKNOWN BRANCHED FRAGMENT OF PHOSPHOLIPID'
3 non-polymer "ADENOSINE-5'-TRIPHOSPHATE"
4 non-polymer TAXOL
#
_entity_poly.entity_id   1
_entity_poly.type   'polypeptide(L)'
_entity_poly.pdbx_seq_one_letter_code
;MDLEGDRNGGAKKKNFFKLNNKSEKDKKEKKPTVSVFSMFRYSNWLDKLYMVVGTLAAIIHGAGLPLMMLVFGEMTDIFA
NAGNLEDLMSNITNRSDINDTGFFMNLEEDMTRYAYYYSGIGAGVLVAAYIQVSFWCLAAGRQIHKIRKQFFHAIMRQEI
GWFDVHDVGELNTRLTDDVSKINEGIGDKIGMFFQSMATFFTGFIVGFTRGWKLTLVILAISPVLGLSAAVWAKILSSFT
DKELLAYAKAGAVAEEVLAAIRTVIAFGGQKKELERYNKNLEEAKRIGIKKAITANISIGAAFLLIYASYALAFWYGTTL
VLSGEYSIGQVLTVFFSVLIGAFSVGQASPSIEAFANARGAAYEIFKIIDNKPSIDSYSKSGHKPDNIKGNLEFRNVHFS
YPSRKEVKILKGLNLKVQSGQTVALVGNSGCGKSTTVQLMQRLYDPTEGMVSVDGQDIRTINVRFLREIIGVVSQEPVLF
ATTIAENIRYGRENVTMDEIEKAVKEANAYDFIMKLPHKFDTLVGERGAQLSGGQKQRIAIARALVRNPKILLLDEATSA
LDTESEAVVQVALDKARKGRTTIVIAHRLSTVRNADVIAGFDDGVIVEKGNHDELMKEKGIYFKLVTMQTAGNEVELENA
ADESKSEIDALEMSSNDSRSSLIRKRSTRRSVRGSQAQDRKLSTKEALDESIPPVSFWRIMKLNLTEWPYFVVGVFCAII
NGGLQPAFAIIFSKIIGVFTRIDDPETKRQNSNLFSLLFLALGIISFITFFLQGFTFGKAGEILTKRLRYMVFRSMLRQD
VSWFDDPKNTTGALTTRLANDAAQVKGAIGSRLAVITQNIANLGTGIIISFIYGWQLTLLLLAIVPIIAIAGVVEMKMLS
GQALKDKKELEGSGKIATEAIENFRTVVSLTQEQKFEHMYAQSLQVPYRNSLRKAHIFGITFSFTQAMMYFSYAGCFRFG
AYLVAHKLMSFEDVLLVFSAVVFGAMAVGQVSSFAPDYAKAKISAAHIIMIIEKTPLIDSYSTEGLMPNTLEGNVTFGEV
VFNYPTRPDIPVLQGLSLEVKKGQTLALVGSSGCGKSTVVQLLERFYDPLAGKVLLDGKEIKRLNVQWLRAHLGIVSQEP
ILFDCSIAENIAYGDNSRVVSQEEIVRAAKEANIHAFIESLPNKYSTKVGDKGTQLSGGQKQRIAIARALVRQPHILLLD
EATSALDTESEKVVQEALDKAREGRTCIVIAHRLSTIQNADLIVVFQNGRVKEHGTHQQLLAQKGIYFSMVSVQAGTKRQ
;
_entity_poly.pdbx_strand_id   A
#
loop_
_chem_comp.id
_chem_comp.type
_chem_comp.name
_chem_comp.formula
ATP non-polymer ADENOSINE-5'-TRIPHOSPHATE 'C10 H16 N5 O13 P3'
TA1 non-polymer TAXOL 'C47 H51 N O14'
UPL non-polymer 'UNKNOWN BRANCHED FRAGMENT OF PHOSPHOLIPID' 'C34 H70'
#
# COMPACT_ATOMS: atom_id res chain seq x y z
N LYS A 30 14.37 -14.49 -12.79
CA LYS A 30 14.09 -13.36 -13.67
C LYS A 30 12.78 -13.57 -14.42
N LYS A 31 11.86 -12.62 -14.25
CA LYS A 31 10.55 -12.74 -14.89
C LYS A 31 10.68 -12.60 -16.41
N PRO A 32 10.00 -13.45 -17.18
CA PRO A 32 10.11 -13.38 -18.64
C PRO A 32 9.50 -12.11 -19.20
N THR A 33 9.98 -11.74 -20.38
CA THR A 33 9.48 -10.59 -21.13
C THR A 33 9.01 -11.04 -22.50
N VAL A 34 8.29 -10.15 -23.18
CA VAL A 34 7.71 -10.46 -24.48
C VAL A 34 8.32 -9.67 -25.62
N SER A 35 9.01 -8.57 -25.34
CA SER A 35 9.75 -7.78 -26.33
C SER A 35 8.83 -7.11 -27.34
N VAL A 36 9.44 -6.48 -28.36
CA VAL A 36 8.69 -5.68 -29.32
C VAL A 36 7.75 -6.54 -30.15
N PHE A 37 8.19 -7.75 -30.50
CA PHE A 37 7.44 -8.59 -31.42
C PHE A 37 6.04 -8.90 -30.91
N SER A 38 5.80 -8.80 -29.60
CA SER A 38 4.50 -9.10 -29.03
C SER A 38 3.95 -8.03 -28.10
N MET A 39 4.74 -7.04 -27.70
CA MET A 39 4.23 -6.01 -26.79
C MET A 39 3.17 -5.15 -27.46
N PHE A 40 3.45 -4.63 -28.64
CA PHE A 40 2.50 -3.75 -29.30
C PHE A 40 1.29 -4.52 -29.81
N ARG A 41 1.53 -5.53 -30.65
CA ARG A 41 0.51 -6.52 -30.99
C ARG A 41 -0.73 -5.87 -31.58
N TYR A 42 -1.73 -5.59 -30.75
CA TYR A 42 -3.00 -5.04 -31.23
C TYR A 42 -2.80 -3.62 -31.70
N SER A 43 -2.55 -3.45 -33.00
CA SER A 43 -2.35 -2.12 -33.57
C SER A 43 -2.72 -2.21 -35.04
N ASN A 44 -3.88 -1.65 -35.39
CA ASN A 44 -4.44 -1.77 -36.72
C ASN A 44 -4.35 -0.44 -37.45
N TRP A 45 -3.63 -0.42 -38.57
CA TRP A 45 -3.58 0.73 -39.47
C TRP A 45 -3.12 1.99 -38.75
N LEU A 46 -4.08 2.80 -38.30
CA LEU A 46 -3.78 4.14 -37.79
C LEU A 46 -2.91 4.11 -36.53
N ASP A 47 -2.91 3.00 -35.79
CA ASP A 47 -2.09 2.95 -34.57
C ASP A 47 -0.61 3.05 -34.91
N LYS A 48 -0.14 2.28 -35.88
CA LYS A 48 1.26 2.36 -36.26
C LYS A 48 1.59 3.70 -36.89
N LEU A 49 0.63 4.30 -37.60
CA LEU A 49 0.84 5.66 -38.12
C LEU A 49 1.05 6.64 -36.97
N TYR A 50 0.24 6.54 -35.93
CA TYR A 50 0.42 7.38 -34.76
C TYR A 50 1.79 7.15 -34.13
N MET A 51 2.19 5.88 -33.99
CA MET A 51 3.48 5.58 -33.40
C MET A 51 4.61 6.24 -34.19
N VAL A 52 4.61 6.08 -35.52
CA VAL A 52 5.70 6.60 -36.33
C VAL A 52 5.72 8.12 -36.32
N VAL A 53 4.56 8.76 -36.47
CA VAL A 53 4.52 10.22 -36.48
C VAL A 53 4.95 10.77 -35.13
N GLY A 54 4.49 10.15 -34.04
CA GLY A 54 4.92 10.60 -32.73
C GLY A 54 6.40 10.44 -32.50
N THR A 55 6.98 9.33 -32.98
CA THR A 55 8.42 9.15 -32.84
C THR A 55 9.20 10.19 -33.62
N LEU A 56 8.76 10.49 -34.85
CA LEU A 56 9.44 11.52 -35.63
C LEU A 56 9.32 12.89 -34.97
N ALA A 57 8.15 13.21 -34.45
CA ALA A 57 7.96 14.48 -33.75
C ALA A 57 8.83 14.56 -32.51
N ALA A 58 8.95 13.45 -31.77
CA ALA A 58 9.79 13.43 -30.59
C ALA A 58 11.25 13.63 -30.96
N ILE A 59 11.70 13.03 -32.07
CA ILE A 59 13.07 13.25 -32.51
C ILE A 59 13.31 14.71 -32.84
N ILE A 60 12.36 15.35 -33.53
CA ILE A 60 12.49 16.76 -33.84
C ILE A 60 12.55 17.59 -32.56
N HIS A 61 11.66 17.27 -31.61
CA HIS A 61 11.61 18.02 -30.36
C HIS A 61 12.92 17.90 -29.59
N GLY A 62 13.48 16.69 -29.53
CA GLY A 62 14.76 16.52 -28.87
C GLY A 62 15.88 17.27 -29.57
N ALA A 63 15.96 17.15 -30.89
CA ALA A 63 17.03 17.82 -31.61
C ALA A 63 16.90 19.34 -31.60
N GLY A 64 15.74 19.88 -31.23
CA GLY A 64 15.59 21.32 -31.20
C GLY A 64 16.52 22.01 -30.21
N LEU A 65 16.62 21.48 -28.99
CA LEU A 65 17.28 22.21 -27.92
C LEU A 65 18.77 22.47 -28.18
N PRO A 66 19.60 21.47 -28.53
CA PRO A 66 20.98 21.80 -28.88
C PRO A 66 21.11 22.76 -30.05
N LEU A 67 20.16 22.76 -30.98
CA LEU A 67 20.17 23.77 -32.03
C LEU A 67 19.94 25.16 -31.45
N MET A 68 19.05 25.27 -30.46
CA MET A 68 18.87 26.55 -29.79
C MET A 68 20.15 26.98 -29.09
N MET A 69 20.87 26.02 -28.51
CA MET A 69 22.16 26.34 -27.91
C MET A 69 23.15 26.81 -28.97
N LEU A 70 23.12 26.21 -30.16
CA LEU A 70 23.96 26.66 -31.26
C LEU A 70 23.64 28.10 -31.62
N VAL A 71 22.35 28.44 -31.69
CA VAL A 71 21.95 29.81 -31.99
C VAL A 71 22.43 30.74 -30.89
N PHE A 72 22.32 30.30 -29.63
CA PHE A 72 22.84 31.08 -28.50
C PHE A 72 24.32 31.38 -28.70
N GLY A 73 25.09 30.36 -29.05
CA GLY A 73 26.52 30.55 -29.22
C GLY A 73 26.86 31.51 -30.35
N GLU A 74 26.18 31.35 -31.49
CA GLU A 74 26.46 32.23 -32.62
C GLU A 74 26.03 33.67 -32.33
N MET A 75 24.89 33.83 -31.65
CA MET A 75 24.43 35.17 -31.29
C MET A 75 25.37 35.82 -30.30
N THR A 76 25.89 35.04 -29.34
CA THR A 76 26.88 35.58 -28.41
C THR A 76 28.14 36.00 -29.14
N ASP A 77 28.59 35.19 -30.09
CA ASP A 77 29.77 35.56 -30.87
C ASP A 77 29.53 36.85 -31.64
N ILE A 78 28.37 36.99 -32.28
CA ILE A 78 28.14 38.20 -33.07
C ILE A 78 27.93 39.41 -32.16
N PHE A 79 27.38 39.21 -30.96
CA PHE A 79 27.27 40.30 -30.01
C PHE A 79 28.64 40.79 -29.57
N ALA A 80 29.54 39.86 -29.27
CA ALA A 80 30.90 40.24 -28.89
C ALA A 80 31.62 40.92 -30.06
N ASN A 81 31.41 40.42 -31.27
CA ASN A 81 32.03 41.04 -32.44
C ASN A 81 31.54 42.48 -32.61
N ALA A 82 30.23 42.70 -32.51
CA ALA A 82 29.70 44.05 -32.64
C ALA A 82 30.14 44.93 -31.48
N GLY A 83 30.30 44.36 -30.29
CA GLY A 83 30.78 45.13 -29.16
C GLY A 83 32.21 45.60 -29.33
N ASN A 84 33.09 44.72 -29.81
CA ASN A 84 34.47 45.14 -30.03
C ASN A 84 34.63 46.00 -31.29
N LEU A 85 33.68 45.91 -32.23
CA LEU A 85 33.61 46.92 -33.27
C LEU A 85 33.24 48.27 -32.66
N GLU A 86 32.29 48.27 -31.72
CA GLU A 86 31.97 49.47 -30.96
C GLU A 86 33.13 49.89 -30.07
N ASP A 87 33.81 48.92 -29.46
CA ASP A 87 34.89 49.21 -28.52
C ASP A 87 36.12 49.77 -29.24
N ASP A 100 29.09 55.35 -37.37
CA ASP A 100 29.00 54.83 -36.02
C ASP A 100 27.67 54.12 -35.80
N THR A 101 26.58 54.81 -36.16
CA THR A 101 25.25 54.24 -35.99
C THR A 101 24.88 53.24 -37.08
N GLY A 102 25.67 53.17 -38.17
CA GLY A 102 25.35 52.23 -39.23
C GLY A 102 25.44 50.78 -38.78
N PHE A 103 26.56 50.41 -38.17
CA PHE A 103 26.68 49.05 -37.66
C PHE A 103 25.80 48.82 -36.44
N PHE A 104 25.38 49.88 -35.76
CA PHE A 104 24.39 49.72 -34.70
C PHE A 104 23.02 49.34 -35.29
N MET A 105 22.63 49.98 -36.39
CA MET A 105 21.41 49.57 -37.08
C MET A 105 21.55 48.15 -37.62
N ASN A 106 22.75 47.81 -38.10
CA ASN A 106 23.01 46.43 -38.52
C ASN A 106 22.84 45.47 -37.36
N LEU A 107 23.32 45.84 -36.17
CA LEU A 107 23.12 45.02 -34.98
C LEU A 107 21.64 44.85 -34.70
N GLU A 108 20.88 45.95 -34.77
CA GLU A 108 19.44 45.88 -34.54
C GLU A 108 18.79 44.88 -35.49
N GLU A 109 19.07 45.02 -36.80
CA GLU A 109 18.37 44.19 -37.77
C GLU A 109 18.79 42.73 -37.69
N ASP A 110 20.09 42.45 -37.54
CA ASP A 110 20.49 41.05 -37.51
C ASP A 110 20.15 40.38 -36.18
N MET A 111 20.12 41.13 -35.08
CA MET A 111 19.60 40.57 -33.85
C MET A 111 18.11 40.31 -33.95
N THR A 112 17.38 41.15 -34.69
CA THR A 112 15.99 40.84 -34.98
C THR A 112 15.88 39.55 -35.78
N ARG A 113 16.79 39.34 -36.73
CA ARG A 113 16.81 38.08 -37.47
C ARG A 113 17.06 36.89 -36.56
N TYR A 114 18.01 37.02 -35.62
CA TYR A 114 18.24 35.94 -34.67
C TYR A 114 17.04 35.71 -33.76
N ALA A 115 16.33 36.78 -33.41
CA ALA A 115 15.07 36.61 -32.68
C ALA A 115 14.06 35.84 -33.51
N TYR A 116 14.04 36.08 -34.82
CA TYR A 116 13.21 35.28 -35.71
C TYR A 116 13.62 33.82 -35.68
N TYR A 117 14.93 33.55 -35.66
CA TYR A 117 15.41 32.18 -35.55
C TYR A 117 14.90 31.53 -34.26
N TYR A 118 15.00 32.26 -33.16
CA TYR A 118 14.52 31.74 -31.88
C TYR A 118 13.02 31.46 -31.93
N SER A 119 12.25 32.38 -32.51
CA SER A 119 10.81 32.20 -32.59
C SER A 119 10.45 31.01 -33.46
N GLY A 120 11.19 30.81 -34.55
CA GLY A 120 10.97 29.64 -35.39
C GLY A 120 11.27 28.35 -34.67
N ILE A 121 12.37 28.31 -33.93
CA ILE A 121 12.66 27.15 -33.10
C ILE A 121 11.53 26.91 -32.11
N GLY A 122 11.01 27.98 -31.52
CA GLY A 122 9.94 27.84 -30.56
C GLY A 122 8.67 27.27 -31.17
N ALA A 123 8.29 27.78 -32.34
CA ALA A 123 7.11 27.27 -33.01
C ALA A 123 7.29 25.80 -33.41
N GLY A 124 8.48 25.47 -33.92
CA GLY A 124 8.74 24.09 -34.31
C GLY A 124 8.66 23.14 -33.13
N VAL A 125 9.30 23.50 -32.02
CA VAL A 125 9.24 22.62 -30.86
C VAL A 125 7.83 22.60 -30.27
N LEU A 126 7.08 23.69 -30.40
CA LEU A 126 5.70 23.70 -29.94
C LEU A 126 4.87 22.66 -30.70
N VAL A 127 4.90 22.73 -32.03
CA VAL A 127 4.08 21.80 -32.80
C VAL A 127 4.59 20.37 -32.63
N ALA A 128 5.92 20.19 -32.55
CA ALA A 128 6.47 18.85 -32.39
C ALA A 128 6.07 18.24 -31.06
N ALA A 129 6.17 19.01 -29.97
CA ALA A 129 5.79 18.49 -28.66
C ALA A 129 4.31 18.18 -28.62
N TYR A 130 3.47 19.07 -29.17
CA TYR A 130 2.04 18.80 -29.18
C TYR A 130 1.74 17.51 -29.93
N ILE A 131 2.31 17.36 -31.13
CA ILE A 131 2.06 16.16 -31.93
C ILE A 131 2.53 14.92 -31.19
N GLN A 132 3.74 14.96 -30.63
CA GLN A 132 4.29 13.78 -29.96
C GLN A 132 3.40 13.36 -28.80
N VAL A 133 3.11 14.28 -27.89
CA VAL A 133 2.35 13.92 -26.70
C VAL A 133 0.95 13.45 -27.09
N SER A 134 0.28 14.21 -27.95
CA SER A 134 -1.10 13.87 -28.31
C SER A 134 -1.17 12.52 -29.01
N PHE A 135 -0.30 12.30 -30.01
CA PHE A 135 -0.38 11.06 -30.77
C PHE A 135 0.01 9.86 -29.92
N TRP A 136 1.06 9.97 -29.11
CA TRP A 136 1.43 8.83 -28.27
C TRP A 136 0.34 8.52 -27.25
N CYS A 137 -0.26 9.55 -26.65
CA CYS A 137 -1.33 9.28 -25.70
C CYS A 137 -2.54 8.65 -26.38
N LEU A 138 -2.89 9.13 -27.57
CA LEU A 138 -4.02 8.54 -28.29
C LEU A 138 -3.75 7.08 -28.65
N ALA A 139 -2.55 6.79 -29.16
CA ALA A 139 -2.22 5.42 -29.53
C ALA A 139 -2.23 4.51 -28.30
N ALA A 140 -1.65 4.98 -27.20
CA ALA A 140 -1.67 4.19 -25.97
C ALA A 140 -3.09 3.95 -25.50
N GLY A 141 -3.94 4.98 -25.56
CA GLY A 141 -5.32 4.82 -25.12
C GLY A 141 -6.08 3.80 -25.94
N ARG A 142 -5.98 3.89 -27.26
CA ARG A 142 -6.67 2.94 -28.12
C ARG A 142 -6.15 1.51 -27.89
N GLN A 143 -4.83 1.37 -27.84
CA GLN A 143 -4.24 0.05 -27.67
C GLN A 143 -4.63 -0.56 -26.33
N ILE A 144 -4.62 0.24 -25.26
CA ILE A 144 -4.96 -0.28 -23.95
C ILE A 144 -6.46 -0.56 -23.85
N HIS A 145 -7.30 0.21 -24.55
CA HIS A 145 -8.72 -0.10 -24.59
C HIS A 145 -8.95 -1.46 -25.22
N LYS A 146 -8.28 -1.71 -26.35
CA LYS A 146 -8.40 -3.02 -27.00
C LYS A 146 -7.86 -4.12 -26.09
N ILE A 147 -6.75 -3.86 -25.39
CA ILE A 147 -6.18 -4.85 -24.49
C ILE A 147 -7.15 -5.18 -23.38
N ARG A 148 -7.77 -4.16 -22.79
CA ARG A 148 -8.70 -4.39 -21.69
C ARG A 148 -9.91 -5.20 -22.16
N LYS A 149 -10.46 -4.84 -23.31
CA LYS A 149 -11.60 -5.58 -23.84
C LYS A 149 -11.24 -7.03 -24.11
N GLN A 150 -10.11 -7.26 -24.78
CA GLN A 150 -9.69 -8.63 -25.11
C GLN A 150 -9.38 -9.43 -23.86
N PHE A 151 -8.76 -8.79 -22.86
CA PHE A 151 -8.42 -9.50 -21.63
C PHE A 151 -9.67 -9.91 -20.87
N PHE A 152 -10.66 -9.03 -20.78
CA PHE A 152 -11.90 -9.43 -20.12
C PHE A 152 -12.62 -10.52 -20.91
N HIS A 153 -12.61 -10.42 -22.24
CA HIS A 153 -13.22 -11.46 -23.05
C HIS A 153 -12.54 -12.81 -22.83
N ALA A 154 -11.21 -12.81 -22.77
CA ALA A 154 -10.47 -14.05 -22.55
C ALA A 154 -10.78 -14.62 -21.17
N ILE A 155 -10.83 -13.76 -20.14
CA ILE A 155 -11.14 -14.25 -18.81
C ILE A 155 -12.52 -14.88 -18.78
N MET A 156 -13.48 -14.27 -19.47
CA MET A 156 -14.80 -14.88 -19.57
C MET A 156 -14.78 -16.16 -20.40
N ARG A 157 -13.82 -16.31 -21.30
CA ARG A 157 -13.75 -17.49 -22.14
C ARG A 157 -13.19 -18.70 -21.39
N GLN A 158 -12.37 -18.47 -20.37
CA GLN A 158 -11.63 -19.56 -19.74
C GLN A 158 -12.55 -20.56 -19.07
N GLU A 159 -12.12 -21.82 -19.07
CA GLU A 159 -12.85 -22.89 -18.40
C GLU A 159 -12.73 -22.73 -16.88
N ILE A 160 -13.70 -23.33 -16.17
CA ILE A 160 -13.70 -23.28 -14.71
C ILE A 160 -12.44 -23.91 -14.14
N GLY A 161 -11.89 -24.91 -14.83
CA GLY A 161 -10.69 -25.56 -14.32
C GLY A 161 -9.52 -24.61 -14.21
N TRP A 162 -9.29 -23.80 -15.25
CA TRP A 162 -8.23 -22.80 -15.19
C TRP A 162 -8.53 -21.76 -14.13
N PHE A 163 -9.80 -21.45 -13.91
CA PHE A 163 -10.15 -20.45 -12.89
C PHE A 163 -9.92 -20.98 -11.48
N ASP A 164 -10.02 -22.30 -11.30
CA ASP A 164 -9.90 -22.87 -9.95
C ASP A 164 -8.47 -22.91 -9.45
N VAL A 165 -7.47 -22.79 -10.33
CA VAL A 165 -6.08 -22.81 -9.92
C VAL A 165 -5.52 -21.39 -9.76
N HIS A 166 -6.37 -20.37 -9.85
CA HIS A 166 -5.97 -18.99 -9.60
C HIS A 166 -7.02 -18.33 -8.70
N ASP A 167 -6.56 -17.67 -7.64
CA ASP A 167 -7.48 -17.05 -6.70
C ASP A 167 -8.20 -15.87 -7.34
N VAL A 168 -9.42 -15.62 -6.87
CA VAL A 168 -10.24 -14.55 -7.43
C VAL A 168 -9.59 -13.20 -7.17
N GLY A 169 -9.01 -13.01 -5.98
CA GLY A 169 -8.49 -11.70 -5.61
C GLY A 169 -7.35 -11.24 -6.48
N GLU A 170 -6.60 -12.16 -7.07
CA GLU A 170 -5.46 -11.76 -7.90
C GLU A 170 -5.91 -11.20 -9.25
N LEU A 171 -6.98 -11.75 -9.82
CA LEU A 171 -7.33 -11.43 -11.20
C LEU A 171 -7.74 -9.97 -11.35
N ASN A 172 -8.63 -9.48 -10.49
CA ASN A 172 -9.08 -8.10 -10.59
C ASN A 172 -7.95 -7.12 -10.29
N THR A 173 -7.14 -7.43 -9.28
CA THR A 173 -5.99 -6.58 -8.95
C THR A 173 -5.03 -6.51 -10.14
N ARG A 174 -4.81 -7.63 -10.82
CA ARG A 174 -4.05 -7.59 -12.07
C ARG A 174 -4.73 -6.68 -13.07
N LEU A 175 -5.97 -7.01 -13.45
CA LEU A 175 -6.70 -6.29 -14.48
C LEU A 175 -6.69 -4.79 -14.26
N THR A 176 -6.54 -4.35 -13.01
CA THR A 176 -6.38 -2.92 -12.76
C THR A 176 -4.92 -2.47 -12.83
N ASP A 177 -4.08 -3.03 -11.94
CA ASP A 177 -2.75 -2.46 -11.73
C ASP A 177 -1.82 -2.76 -12.90
N ASP A 178 -1.80 -3.99 -13.40
CA ASP A 178 -0.87 -4.29 -14.49
C ASP A 178 -1.30 -3.60 -15.78
N VAL A 179 -2.60 -3.44 -15.99
CA VAL A 179 -3.07 -2.66 -17.13
C VAL A 179 -2.66 -1.20 -17.00
N SER A 180 -2.71 -0.66 -15.77
CA SER A 180 -2.21 0.70 -15.56
C SER A 180 -0.71 0.78 -15.84
N LYS A 181 0.04 -0.26 -15.45
CA LYS A 181 1.47 -0.28 -15.73
C LYS A 181 1.74 -0.34 -17.23
N ILE A 182 0.92 -1.10 -17.97
CA ILE A 182 1.03 -1.11 -19.43
C ILE A 182 0.75 0.28 -19.98
N ASN A 183 -0.24 0.97 -19.42
CA ASN A 183 -0.52 2.34 -19.83
C ASN A 183 0.70 3.24 -19.61
N GLU A 184 1.36 3.08 -18.47
CA GLU A 184 2.61 3.80 -18.23
C GLU A 184 3.66 3.44 -19.26
N GLY A 185 3.76 2.16 -19.61
CA GLY A 185 4.81 1.72 -20.51
C GLY A 185 4.64 2.26 -21.91
N ILE A 186 3.43 2.22 -22.45
CA ILE A 186 3.19 2.62 -23.84
C ILE A 186 2.72 4.06 -23.94
N GLY A 187 2.75 4.81 -22.84
CA GLY A 187 2.31 6.20 -22.85
C GLY A 187 3.34 7.15 -23.38
N ASP A 188 3.46 8.33 -22.76
CA ASP A 188 4.41 9.33 -23.22
C ASP A 188 5.86 8.93 -22.95
N LYS A 189 6.07 7.93 -22.09
CA LYS A 189 7.42 7.59 -21.66
C LYS A 189 8.32 7.22 -22.84
N ILE A 190 7.77 6.51 -23.82
CA ILE A 190 8.56 6.15 -24.99
C ILE A 190 8.95 7.40 -25.77
N GLY A 191 8.03 8.36 -25.89
CA GLY A 191 8.36 9.60 -26.54
C GLY A 191 9.45 10.36 -25.82
N MET A 192 9.38 10.39 -24.48
CA MET A 192 10.42 11.06 -23.72
C MET A 192 11.77 10.37 -23.87
N PHE A 193 11.76 9.03 -23.92
CA PHE A 193 12.99 8.29 -24.13
C PHE A 193 13.62 8.63 -25.49
N PHE A 194 12.79 8.67 -26.53
CA PHE A 194 13.29 9.03 -27.85
C PHE A 194 13.80 10.47 -27.86
N GLN A 195 13.11 11.37 -27.18
CA GLN A 195 13.57 12.75 -27.09
C GLN A 195 14.92 12.83 -26.39
N SER A 196 15.11 12.06 -25.32
CA SER A 196 16.37 12.06 -24.61
C SER A 196 17.51 11.57 -25.48
N MET A 197 17.29 10.45 -26.18
CA MET A 197 18.33 9.94 -27.07
C MET A 197 18.63 10.94 -28.20
N ALA A 198 17.58 11.59 -28.72
CA ALA A 198 17.78 12.59 -29.76
C ALA A 198 18.60 13.76 -29.25
N THR A 199 18.32 14.22 -28.03
CA THR A 199 19.11 15.30 -27.44
C THR A 199 20.57 14.88 -27.31
N PHE A 200 20.81 13.66 -26.83
CA PHE A 200 22.17 13.16 -26.69
C PHE A 200 22.91 13.19 -28.01
N PHE A 201 22.32 12.56 -29.03
CA PHE A 201 23.01 12.46 -30.33
C PHE A 201 23.16 13.82 -30.98
N THR A 202 22.14 14.68 -30.90
CA THR A 202 22.24 15.99 -31.51
C THR A 202 23.29 16.84 -30.83
N GLY A 203 23.36 16.79 -29.50
CA GLY A 203 24.39 17.54 -28.80
C GLY A 203 25.78 17.07 -29.15
N PHE A 204 25.99 15.75 -29.18
CA PHE A 204 27.32 15.26 -29.54
C PHE A 204 27.68 15.62 -30.97
N ILE A 205 26.72 15.53 -31.90
CA ILE A 205 26.99 15.85 -33.30
C ILE A 205 27.34 17.31 -33.46
N VAL A 206 26.56 18.20 -32.83
CA VAL A 206 26.85 19.63 -32.95
C VAL A 206 28.16 19.97 -32.25
N GLY A 207 28.52 19.23 -31.20
CA GLY A 207 29.83 19.44 -30.61
C GLY A 207 30.96 19.05 -31.53
N PHE A 208 30.83 17.88 -32.17
CA PHE A 208 31.94 17.35 -32.97
C PHE A 208 32.15 18.11 -34.27
N THR A 209 31.13 18.80 -34.79
CA THR A 209 31.29 19.51 -36.05
C THR A 209 31.94 20.88 -35.88
N ARG A 210 32.12 21.35 -34.66
CA ARG A 210 32.78 22.63 -34.40
C ARG A 210 34.25 22.45 -34.00
N GLY A 211 34.52 21.55 -33.06
CA GLY A 211 35.88 21.26 -32.66
C GLY A 211 35.98 19.98 -31.86
N TRP A 212 36.90 19.09 -32.25
CA TRP A 212 36.97 17.78 -31.60
C TRP A 212 37.73 17.82 -30.29
N LYS A 213 38.68 18.75 -30.13
CA LYS A 213 39.49 18.79 -28.92
C LYS A 213 38.63 19.00 -27.68
N LEU A 214 37.78 20.03 -27.70
CA LEU A 214 36.97 20.34 -26.53
C LEU A 214 35.96 19.24 -26.26
N THR A 215 35.37 18.68 -27.30
CA THR A 215 34.42 17.57 -27.10
C THR A 215 35.11 16.38 -26.47
N LEU A 216 36.33 16.05 -26.93
CA LEU A 216 37.06 14.94 -26.33
C LEU A 216 37.41 15.22 -24.87
N VAL A 217 37.81 16.45 -24.57
CA VAL A 217 38.16 16.79 -23.18
C VAL A 217 36.93 16.64 -22.29
N ILE A 218 35.79 17.19 -22.72
CA ILE A 218 34.58 17.11 -21.90
C ILE A 218 34.10 15.67 -21.79
N LEU A 219 34.25 14.89 -22.85
CA LEU A 219 33.85 13.48 -22.79
C LEU A 219 34.74 12.71 -21.83
N ALA A 220 36.04 13.01 -21.81
CA ALA A 220 36.95 12.35 -20.87
C ALA A 220 36.70 12.80 -19.44
N ILE A 221 36.18 14.01 -19.26
CA ILE A 221 35.78 14.45 -17.92
C ILE A 221 34.45 13.80 -17.52
N SER A 222 33.62 13.46 -18.50
CA SER A 222 32.30 12.91 -18.23
C SER A 222 32.26 11.72 -17.28
N PRO A 223 33.18 10.74 -17.34
CA PRO A 223 33.11 9.65 -16.36
C PRO A 223 33.21 10.13 -14.92
N VAL A 224 33.96 11.21 -14.66
CA VAL A 224 34.01 11.75 -13.31
C VAL A 224 32.63 12.25 -12.89
N LEU A 225 31.95 12.96 -13.78
CA LEU A 225 30.59 13.43 -13.49
C LEU A 225 29.65 12.26 -13.25
N GLY A 226 29.75 11.22 -14.09
CA GLY A 226 28.89 10.07 -13.92
C GLY A 226 29.12 9.35 -12.60
N LEU A 227 30.39 9.15 -12.24
CA LEU A 227 30.71 8.50 -10.98
C LEU A 227 30.23 9.33 -9.79
N SER A 228 30.42 10.65 -9.85
CA SER A 228 29.97 11.49 -8.76
C SER A 228 28.45 11.49 -8.63
N ALA A 229 27.74 11.53 -9.78
CA ALA A 229 26.28 11.47 -9.73
C ALA A 229 25.81 10.14 -9.18
N ALA A 230 26.48 9.04 -9.55
CA ALA A 230 26.13 7.74 -9.02
C ALA A 230 26.36 7.69 -7.51
N VAL A 231 27.46 8.26 -7.04
CA VAL A 231 27.73 8.29 -5.60
C VAL A 231 26.66 9.10 -4.88
N TRP A 232 26.29 10.25 -5.44
CA TRP A 232 25.26 11.08 -4.82
C TRP A 232 23.93 10.33 -4.75
N ALA A 233 23.54 9.66 -5.83
CA ALA A 233 22.30 8.91 -5.84
C ALA A 233 22.34 7.77 -4.83
N LYS A 234 23.46 7.06 -4.76
CA LYS A 234 23.57 5.93 -3.84
C LYS A 234 23.50 6.39 -2.39
N ILE A 235 24.30 7.40 -2.03
CA ILE A 235 24.31 7.87 -0.65
C ILE A 235 22.96 8.47 -0.26
N LEU A 236 22.36 9.25 -1.18
CA LEU A 236 21.09 9.87 -0.88
C LEU A 236 19.99 8.84 -0.66
N SER A 237 19.95 7.81 -1.49
CA SER A 237 18.88 6.83 -1.40
C SER A 237 19.03 5.94 -0.16
N SER A 238 20.26 5.46 0.09
CA SER A 238 20.49 4.50 1.16
C SER A 238 20.37 5.11 2.55
N PHE A 239 20.24 6.43 2.66
CA PHE A 239 20.29 7.09 3.97
C PHE A 239 19.21 6.55 4.89
N THR A 240 17.98 6.44 4.40
CA THR A 240 16.87 5.98 5.23
C THR A 240 17.01 4.51 5.60
N ASP A 241 17.46 3.68 4.65
CA ASP A 241 17.65 2.27 4.95
C ASP A 241 18.75 2.06 5.98
N LYS A 242 19.85 2.81 5.85
CA LYS A 242 20.89 2.76 6.87
C LYS A 242 20.39 3.27 8.20
N GLU A 243 19.52 4.28 8.20
CA GLU A 243 18.92 4.72 9.45
C GLU A 243 18.10 3.61 10.09
N LEU A 244 17.31 2.90 9.28
CA LEU A 244 16.53 1.78 9.80
C LEU A 244 17.42 0.68 10.33
N LEU A 245 18.53 0.40 9.63
CA LEU A 245 19.47 -0.62 10.08
C LEU A 245 20.10 -0.23 11.41
N ALA A 246 20.45 1.04 11.57
CA ALA A 246 20.98 1.50 12.84
C ALA A 246 19.94 1.39 13.95
N TYR A 247 18.68 1.74 13.65
CA TYR A 247 17.65 1.72 14.68
C TYR A 247 17.20 0.31 15.05
N ALA A 248 17.39 -0.67 14.16
CA ALA A 248 16.90 -2.02 14.37
C ALA A 248 17.15 -2.56 15.77
N LYS A 249 18.30 -2.22 16.35
CA LYS A 249 18.64 -2.69 17.69
C LYS A 249 17.60 -2.24 18.71
N ALA A 250 17.29 -0.94 18.74
CA ALA A 250 16.27 -0.45 19.66
C ALA A 250 14.88 -0.82 19.20
N GLY A 251 14.69 -0.96 17.89
CA GLY A 251 13.39 -1.36 17.37
C GLY A 251 12.97 -2.73 17.83
N ALA A 252 13.94 -3.63 18.03
CA ALA A 252 13.60 -4.95 18.57
C ALA A 252 12.98 -4.83 19.96
N VAL A 253 13.60 -4.03 20.82
CA VAL A 253 13.06 -3.81 22.17
C VAL A 253 11.71 -3.13 22.09
N ALA A 254 11.58 -2.13 21.21
CA ALA A 254 10.31 -1.42 21.06
C ALA A 254 9.20 -2.38 20.65
N GLU A 255 9.49 -3.27 19.70
CA GLU A 255 8.50 -4.26 19.28
C GLU A 255 8.17 -5.23 20.40
N GLU A 256 9.17 -5.62 21.19
CA GLU A 256 8.92 -6.53 22.31
C GLU A 256 7.98 -5.90 23.33
N VAL A 257 8.23 -4.63 23.68
CA VAL A 257 7.43 -3.99 24.73
C VAL A 257 5.99 -3.84 24.28
N LEU A 258 5.78 -3.41 23.04
CA LEU A 258 4.43 -3.16 22.54
C LEU A 258 3.65 -4.44 22.28
N ALA A 259 4.22 -5.61 22.57
CA ALA A 259 3.51 -6.87 22.44
C ALA A 259 3.14 -7.50 23.79
N ALA A 260 3.69 -6.99 24.88
CA ALA A 260 3.40 -7.47 26.22
C ALA A 260 3.08 -6.31 27.15
N ILE A 261 2.27 -5.36 26.65
CA ILE A 261 1.96 -4.15 27.41
C ILE A 261 1.27 -4.50 28.72
N ARG A 262 0.41 -5.53 28.70
CA ARG A 262 -0.32 -5.91 29.90
C ARG A 262 0.63 -6.20 31.05
N THR A 263 1.60 -7.08 30.83
CA THR A 263 2.53 -7.44 31.89
C THR A 263 3.40 -6.25 32.30
N VAL A 264 3.84 -5.44 31.33
CA VAL A 264 4.70 -4.31 31.63
C VAL A 264 4.00 -3.35 32.59
N ILE A 265 2.74 -3.02 32.29
CA ILE A 265 2.04 -2.09 33.17
C ILE A 265 1.61 -2.78 34.45
N ALA A 266 1.40 -4.11 34.42
CA ALA A 266 1.03 -4.81 35.64
C ALA A 266 2.17 -4.80 36.65
N PHE A 267 3.40 -4.99 36.19
CA PHE A 267 4.56 -5.04 37.07
C PHE A 267 5.16 -3.67 37.33
N GLY A 268 4.64 -2.61 36.71
CA GLY A 268 5.19 -1.28 36.91
C GLY A 268 6.62 -1.14 36.45
N GLY A 269 6.95 -1.73 35.31
CA GLY A 269 8.29 -1.69 34.76
C GLY A 269 8.59 -0.54 33.85
N GLN A 270 7.70 0.46 33.77
CA GLN A 270 7.92 1.58 32.87
C GLN A 270 9.21 2.32 33.23
N LYS A 271 9.44 2.55 34.51
CA LYS A 271 10.62 3.27 34.98
C LYS A 271 11.92 2.47 34.81
N LYS A 272 11.89 1.30 34.19
CA LYS A 272 13.08 0.54 33.85
C LYS A 272 13.17 0.21 32.37
N GLU A 273 12.07 -0.21 31.74
CA GLU A 273 12.09 -0.44 30.31
C GLU A 273 12.21 0.86 29.55
N LEU A 274 11.67 1.94 30.09
CA LEU A 274 11.89 3.25 29.49
C LEU A 274 13.37 3.60 29.48
N GLU A 275 14.08 3.31 30.57
CA GLU A 275 15.51 3.61 30.63
C GLU A 275 16.31 2.69 29.72
N ARG A 276 15.90 1.43 29.60
CA ARG A 276 16.55 0.55 28.63
C ARG A 276 16.38 1.08 27.21
N TYR A 277 15.15 1.48 26.87
CA TYR A 277 14.91 2.09 25.57
C TYR A 277 15.74 3.35 25.39
N ASN A 278 15.89 4.13 26.46
CA ASN A 278 16.70 5.35 26.37
C ASN A 278 18.16 5.03 26.10
N LYS A 279 18.70 3.99 26.74
CA LYS A 279 20.08 3.59 26.47
C LYS A 279 20.26 3.15 25.02
N ASN A 280 19.33 2.32 24.52
CA ASN A 280 19.41 1.91 23.13
C ASN A 280 19.29 3.10 22.20
N LEU A 281 18.50 4.10 22.59
CA LEU A 281 18.42 5.34 21.82
C LEU A 281 19.72 6.12 21.87
N GLU A 282 20.43 6.10 23.00
CA GLU A 282 21.75 6.72 23.06
C GLU A 282 22.68 6.09 22.02
N GLU A 283 22.67 4.76 21.97
CA GLU A 283 23.49 4.06 20.98
C GLU A 283 23.07 4.43 19.56
N ALA A 284 21.75 4.45 19.31
CA ALA A 284 21.25 4.82 18.00
C ALA A 284 21.66 6.24 17.63
N LYS A 285 21.61 7.15 18.60
CA LYS A 285 22.00 8.53 18.34
C LYS A 285 23.47 8.64 17.98
N ARG A 286 24.33 7.92 18.71
CA ARG A 286 25.75 7.90 18.36
C ARG A 286 25.96 7.43 16.93
N ILE A 287 25.37 6.29 16.58
CA ILE A 287 25.62 5.74 15.25
C ILE A 287 25.01 6.63 14.17
N GLY A 288 23.86 7.25 14.46
CA GLY A 288 23.25 8.16 13.50
C GLY A 288 24.09 9.39 13.27
N ILE A 289 24.69 9.94 14.33
CA ILE A 289 25.56 11.08 14.17
C ILE A 289 26.74 10.73 13.28
N LYS A 290 27.35 9.56 13.52
CA LYS A 290 28.46 9.14 12.69
C LYS A 290 28.03 8.99 11.23
N LYS A 291 26.88 8.36 11.00
CA LYS A 291 26.37 8.20 9.65
C LYS A 291 26.13 9.55 8.98
N ALA A 292 25.55 10.49 9.73
CA ALA A 292 25.24 11.81 9.16
C ALA A 292 26.51 12.53 8.73
N ILE A 293 27.53 12.54 9.60
CA ILE A 293 28.74 13.27 9.24
C ILE A 293 29.44 12.62 8.06
N THR A 294 29.50 11.27 8.04
CA THR A 294 30.16 10.60 6.92
C THR A 294 29.43 10.86 5.61
N ALA A 295 28.10 10.73 5.61
CA ALA A 295 27.34 10.94 4.40
C ALA A 295 27.46 12.39 3.92
N ASN A 296 27.41 13.34 4.85
CA ASN A 296 27.51 14.74 4.46
C ASN A 296 28.86 15.05 3.84
N ILE A 297 29.94 14.53 4.44
CA ILE A 297 31.26 14.82 3.88
C ILE A 297 31.43 14.16 2.51
N SER A 298 30.87 12.95 2.33
CA SER A 298 30.96 12.28 1.03
C SER A 298 30.21 13.06 -0.04
N ILE A 299 29.01 13.52 0.28
CA ILE A 299 28.22 14.29 -0.68
C ILE A 299 28.94 15.60 -1.03
N GLY A 300 29.50 16.27 -0.02
CA GLY A 300 30.27 17.47 -0.27
C GLY A 300 31.45 17.22 -1.19
N ALA A 301 32.15 16.11 -0.98
CA ALA A 301 33.28 15.76 -1.83
C ALA A 301 32.84 15.55 -3.27
N ALA A 302 31.73 14.83 -3.47
CA ALA A 302 31.25 14.60 -4.83
C ALA A 302 30.90 15.91 -5.52
N PHE A 303 30.23 16.82 -4.80
CA PHE A 303 29.84 18.09 -5.40
C PHE A 303 31.07 18.94 -5.72
N LEU A 304 32.05 18.97 -4.81
CA LEU A 304 33.28 19.69 -5.10
C LEU A 304 33.97 19.10 -6.33
N LEU A 305 33.91 17.78 -6.48
CA LEU A 305 34.55 17.13 -7.63
C LEU A 305 33.89 17.57 -8.94
N ILE A 306 32.56 17.53 -8.99
CA ILE A 306 31.91 17.93 -10.25
C ILE A 306 32.14 19.41 -10.53
N TYR A 307 32.12 20.24 -9.48
CA TYR A 307 32.37 21.67 -9.65
C TYR A 307 33.77 21.92 -10.24
N ALA A 308 34.78 21.24 -9.69
CA ALA A 308 36.13 21.37 -10.22
C ALA A 308 36.23 20.84 -11.64
N SER A 309 35.46 19.81 -11.97
CA SER A 309 35.47 19.31 -13.34
C SER A 309 34.97 20.37 -14.31
N TYR A 310 33.87 21.03 -13.96
CA TYR A 310 33.37 22.14 -14.77
C TYR A 310 34.44 23.23 -14.91
N ALA A 311 35.07 23.57 -13.78
CA ALA A 311 36.07 24.64 -13.79
C ALA A 311 37.23 24.30 -14.71
N LEU A 312 37.73 23.05 -14.63
CA LEU A 312 38.83 22.63 -15.49
C LEU A 312 38.43 22.66 -16.96
N ALA A 313 37.23 22.18 -17.28
CA ALA A 313 36.80 22.19 -18.66
C ALA A 313 36.75 23.62 -19.22
N PHE A 314 36.17 24.54 -18.45
CA PHE A 314 36.08 25.91 -18.94
C PHE A 314 37.43 26.58 -19.00
N TRP A 315 38.34 26.26 -18.06
CA TRP A 315 39.69 26.80 -18.14
C TRP A 315 40.41 26.33 -19.40
N TYR A 316 40.25 25.05 -19.75
CA TYR A 316 40.87 24.58 -20.98
C TYR A 316 40.25 25.27 -22.19
N GLY A 317 38.93 25.50 -22.16
CA GLY A 317 38.32 26.26 -23.23
C GLY A 317 38.91 27.65 -23.36
N THR A 318 39.13 28.33 -22.24
CA THR A 318 39.73 29.66 -22.28
C THR A 318 41.15 29.60 -22.83
N THR A 319 41.93 28.59 -22.43
CA THR A 319 43.28 28.45 -22.96
C THR A 319 43.25 28.27 -24.47
N LEU A 320 42.30 27.47 -24.97
CA LEU A 320 42.15 27.32 -26.41
C LEU A 320 41.79 28.64 -27.07
N VAL A 321 40.92 29.43 -26.42
CA VAL A 321 40.55 30.73 -26.97
C VAL A 321 41.77 31.63 -27.10
N LEU A 322 42.63 31.63 -26.08
CA LEU A 322 43.82 32.48 -26.14
C LEU A 322 44.75 32.07 -27.28
N SER A 323 44.76 30.78 -27.64
CA SER A 323 45.61 30.30 -28.72
C SER A 323 45.15 30.77 -30.09
N GLY A 324 43.94 31.33 -30.20
CA GLY A 324 43.43 31.81 -31.47
C GLY A 324 42.80 30.75 -32.36
N GLU A 325 42.62 29.53 -31.85
CA GLU A 325 42.00 28.47 -32.64
C GLU A 325 40.49 28.47 -32.55
N TYR A 326 39.94 28.89 -31.41
CA TYR A 326 38.49 28.90 -31.21
C TYR A 326 38.00 30.34 -31.03
N SER A 327 36.68 30.48 -31.10
CA SER A 327 35.99 31.70 -30.74
C SER A 327 35.08 31.42 -29.54
N ILE A 328 34.60 32.50 -28.91
CA ILE A 328 33.75 32.36 -27.73
C ILE A 328 32.49 31.59 -28.08
N GLY A 329 31.91 31.87 -29.24
CA GLY A 329 30.68 31.18 -29.63
C GLY A 329 30.88 29.69 -29.75
N GLN A 330 31.98 29.26 -30.38
CA GLN A 330 32.23 27.83 -30.54
C GLN A 330 32.42 27.15 -29.20
N VAL A 331 33.19 27.77 -28.29
CA VAL A 331 33.42 27.17 -26.99
C VAL A 331 32.13 27.05 -26.20
N LEU A 332 31.33 28.12 -26.17
CA LEU A 332 30.07 28.08 -25.46
C LEU A 332 29.15 27.01 -26.04
N THR A 333 29.04 26.97 -27.37
CA THR A 333 28.17 26.00 -28.02
C THR A 333 28.60 24.58 -27.71
N VAL A 334 29.89 24.28 -27.91
CA VAL A 334 30.39 22.92 -27.67
C VAL A 334 30.19 22.53 -26.22
N PHE A 335 30.62 23.37 -25.30
CA PHE A 335 30.53 23.06 -23.88
C PHE A 335 29.08 22.80 -23.46
N PHE A 336 28.20 23.75 -23.75
CA PHE A 336 26.80 23.60 -23.32
C PHE A 336 26.14 22.43 -24.02
N SER A 337 26.38 22.26 -25.31
CA SER A 337 25.73 21.20 -26.07
C SER A 337 26.15 19.83 -25.55
N VAL A 338 27.46 19.60 -25.41
CA VAL A 338 27.93 18.30 -24.94
C VAL A 338 27.44 18.05 -23.52
N LEU A 339 27.51 19.06 -22.66
CA LEU A 339 27.06 18.87 -21.28
C LEU A 339 25.59 18.53 -21.21
N ILE A 340 24.74 19.28 -21.94
CA ILE A 340 23.31 19.02 -21.89
C ILE A 340 23.00 17.66 -22.49
N GLY A 341 23.72 17.25 -23.54
CA GLY A 341 23.50 15.91 -24.08
C GLY A 341 23.85 14.82 -23.08
N ALA A 342 25.00 14.96 -22.43
CA ALA A 342 25.42 13.96 -21.46
C ALA A 342 24.46 13.90 -20.27
N PHE A 343 23.97 15.05 -19.83
CA PHE A 343 22.98 15.05 -18.75
C PHE A 343 21.67 14.44 -19.21
N SER A 344 21.26 14.73 -20.45
CA SER A 344 19.98 14.23 -20.94
C SER A 344 20.00 12.73 -21.12
N VAL A 345 21.16 12.14 -21.47
CA VAL A 345 21.21 10.69 -21.66
C VAL A 345 20.87 9.98 -20.35
N GLY A 346 21.03 10.65 -19.21
CA GLY A 346 20.63 10.04 -17.95
C GLY A 346 19.13 10.05 -17.73
N GLN A 347 18.42 10.98 -18.39
CA GLN A 347 16.98 11.11 -18.17
C GLN A 347 16.17 9.95 -18.70
N ALA A 348 16.76 9.07 -19.50
CA ALA A 348 16.02 7.96 -20.10
C ALA A 348 15.86 6.77 -19.18
N SER A 349 16.58 6.73 -18.06
CA SER A 349 16.52 5.58 -17.16
C SER A 349 15.13 5.29 -16.63
N PRO A 350 14.35 6.27 -16.14
CA PRO A 350 12.98 5.95 -15.71
C PRO A 350 12.13 5.41 -16.84
N SER A 351 12.33 5.87 -18.08
CA SER A 351 11.59 5.33 -19.21
C SER A 351 11.96 3.87 -19.45
N ILE A 352 13.24 3.53 -19.35
CA ILE A 352 13.66 2.14 -19.55
C ILE A 352 13.07 1.26 -18.46
N GLU A 353 13.10 1.72 -17.21
CA GLU A 353 12.50 0.95 -16.12
C GLU A 353 11.00 0.77 -16.33
N ALA A 354 10.32 1.84 -16.78
CA ALA A 354 8.89 1.74 -17.04
C ALA A 354 8.60 0.72 -18.13
N PHE A 355 9.40 0.73 -19.21
CA PHE A 355 9.21 -0.24 -20.27
C PHE A 355 9.45 -1.66 -19.78
N ALA A 356 10.49 -1.85 -18.95
CA ALA A 356 10.79 -3.19 -18.46
C ALA A 356 9.66 -3.74 -17.59
N ASN A 357 9.19 -2.94 -16.64
CA ASN A 357 8.09 -3.42 -15.80
C ASN A 357 6.79 -3.54 -16.60
N ALA A 358 6.63 -2.74 -17.65
CA ALA A 358 5.47 -2.89 -18.52
C ALA A 358 5.49 -4.25 -19.20
N ARG A 359 6.64 -4.65 -19.74
CA ARG A 359 6.75 -5.98 -20.33
C ARG A 359 6.51 -7.06 -19.29
N GLY A 360 7.08 -6.90 -18.10
CA GLY A 360 6.90 -7.89 -17.06
C GLY A 360 5.44 -8.05 -16.67
N ALA A 361 4.69 -6.95 -16.63
CA ALA A 361 3.28 -7.03 -16.30
C ALA A 361 2.47 -7.62 -17.44
N ALA A 362 2.80 -7.26 -18.69
CA ALA A 362 2.01 -7.68 -19.83
C ALA A 362 2.26 -9.13 -20.22
N TYR A 363 3.37 -9.72 -19.78
CA TYR A 363 3.64 -11.12 -20.11
C TYR A 363 2.53 -12.03 -19.59
N GLU A 364 2.11 -11.82 -18.34
CA GLU A 364 1.04 -12.64 -17.77
C GLU A 364 -0.26 -12.46 -18.51
N ILE A 365 -0.60 -11.21 -18.86
CA ILE A 365 -1.85 -10.95 -19.57
C ILE A 365 -1.85 -11.65 -20.93
N PHE A 366 -0.74 -11.54 -21.65
CA PHE A 366 -0.66 -12.18 -22.97
C PHE A 366 -0.71 -13.69 -22.85
N LYS A 367 -0.07 -14.26 -21.82
CA LYS A 367 -0.15 -15.70 -21.62
C LYS A 367 -1.59 -16.12 -21.33
N ILE A 368 -2.30 -15.36 -20.51
CA ILE A 368 -3.67 -15.72 -20.16
C ILE A 368 -4.57 -15.64 -21.40
N ILE A 369 -4.44 -14.57 -22.18
CA ILE A 369 -5.32 -14.41 -23.33
C ILE A 369 -5.01 -15.43 -24.41
N ASP A 370 -3.73 -15.80 -24.57
CA ASP A 370 -3.36 -16.76 -25.60
C ASP A 370 -3.77 -18.19 -25.24
N ASN A 371 -4.09 -18.46 -23.99
CA ASN A 371 -4.38 -19.82 -23.54
C ASN A 371 -5.73 -20.26 -24.07
N LYS A 372 -5.71 -21.06 -25.13
CA LYS A 372 -6.94 -21.63 -25.67
C LYS A 372 -7.44 -22.73 -24.76
N PRO A 373 -8.66 -22.66 -24.25
CA PRO A 373 -9.13 -23.65 -23.27
C PRO A 373 -9.48 -24.98 -23.94
N SER A 374 -9.60 -26.00 -23.10
CA SER A 374 -10.03 -27.31 -23.59
C SER A 374 -11.45 -27.25 -24.12
N ILE A 375 -12.32 -26.52 -23.44
CA ILE A 375 -13.71 -26.33 -23.85
C ILE A 375 -13.92 -24.85 -24.14
N ASP A 376 -14.35 -24.54 -25.36
CA ASP A 376 -14.56 -23.17 -25.80
C ASP A 376 -16.06 -22.92 -25.86
N SER A 377 -16.54 -22.03 -24.98
CA SER A 377 -17.97 -21.70 -24.97
C SER A 377 -18.37 -20.92 -26.21
N TYR A 378 -17.47 -20.11 -26.76
CA TYR A 378 -17.77 -19.31 -27.94
C TYR A 378 -17.68 -20.10 -29.24
N SER A 379 -17.24 -21.35 -29.19
CA SER A 379 -17.07 -22.13 -30.41
C SER A 379 -18.41 -22.43 -31.05
N LYS A 380 -18.54 -22.13 -32.34
CA LYS A 380 -19.74 -22.43 -33.09
C LYS A 380 -19.77 -23.87 -33.61
N SER A 381 -18.66 -24.59 -33.54
CA SER A 381 -18.61 -25.95 -34.04
C SER A 381 -19.37 -26.90 -33.12
N GLY A 382 -19.72 -28.06 -33.66
CA GLY A 382 -20.43 -29.08 -32.93
C GLY A 382 -21.84 -29.28 -33.46
N HIS A 383 -22.45 -30.36 -32.99
CA HIS A 383 -23.82 -30.68 -33.38
C HIS A 383 -24.80 -29.69 -32.75
N LYS A 384 -25.93 -29.50 -33.43
CA LYS A 384 -26.99 -28.60 -32.97
C LYS A 384 -28.28 -29.41 -32.94
N PRO A 385 -28.49 -30.20 -31.90
CA PRO A 385 -29.65 -31.10 -31.87
C PRO A 385 -30.96 -30.34 -31.69
N ASP A 386 -32.05 -30.99 -32.08
CA ASP A 386 -33.40 -30.48 -31.91
C ASP A 386 -34.27 -31.57 -31.31
N ASN A 387 -35.50 -31.18 -30.95
CA ASN A 387 -36.50 -32.04 -30.33
C ASN A 387 -35.87 -32.99 -29.30
N ILE A 388 -35.13 -32.40 -28.37
CA ILE A 388 -34.45 -33.19 -27.34
C ILE A 388 -35.49 -33.74 -26.37
N LYS A 389 -35.57 -35.06 -26.29
CA LYS A 389 -36.53 -35.69 -25.38
C LYS A 389 -36.10 -35.49 -23.92
N GLY A 390 -34.84 -35.74 -23.63
CA GLY A 390 -34.32 -35.47 -22.29
C GLY A 390 -33.75 -36.65 -21.55
N ASN A 391 -33.46 -37.74 -22.26
CA ASN A 391 -32.84 -38.90 -21.63
C ASN A 391 -31.38 -38.60 -21.30
N LEU A 392 -30.89 -39.20 -20.21
CA LEU A 392 -29.52 -39.01 -19.75
C LEU A 392 -28.85 -40.36 -19.51
N GLU A 393 -27.57 -40.46 -19.87
CA GLU A 393 -26.83 -41.69 -19.73
C GLU A 393 -25.40 -41.39 -19.29
N PHE A 394 -24.96 -42.02 -18.20
CA PHE A 394 -23.60 -41.95 -17.72
C PHE A 394 -22.99 -43.35 -17.80
N ARG A 395 -21.84 -43.46 -18.47
CA ARG A 395 -21.17 -44.74 -18.61
C ARG A 395 -19.70 -44.61 -18.22
N ASN A 396 -19.31 -45.34 -17.18
CA ASN A 396 -17.92 -45.46 -16.74
C ASN A 396 -17.29 -44.08 -16.50
N VAL A 397 -18.10 -43.17 -15.97
CA VAL A 397 -17.69 -41.78 -15.83
C VAL A 397 -16.64 -41.69 -14.72
N HIS A 398 -15.40 -41.40 -15.10
CA HIS A 398 -14.32 -41.15 -14.16
C HIS A 398 -13.93 -39.68 -14.22
N PHE A 399 -13.75 -39.07 -13.05
CA PHE A 399 -13.39 -37.66 -12.99
C PHE A 399 -12.70 -37.35 -11.67
N SER A 400 -11.69 -36.48 -11.74
CA SER A 400 -11.01 -35.98 -10.55
C SER A 400 -10.74 -34.50 -10.74
N TYR A 401 -10.67 -33.77 -9.63
CA TYR A 401 -10.37 -32.35 -9.69
C TYR A 401 -8.93 -32.15 -10.18
N PRO A 402 -8.71 -31.28 -11.18
CA PRO A 402 -7.33 -31.01 -11.61
C PRO A 402 -6.44 -30.44 -10.51
N SER A 403 -7.03 -29.71 -9.56
CA SER A 403 -6.24 -29.17 -8.46
C SER A 403 -5.70 -30.28 -7.56
N ARG A 404 -6.45 -31.37 -7.41
CA ARG A 404 -6.09 -32.50 -6.56
C ARG A 404 -6.12 -33.80 -7.35
N LYS A 405 -5.45 -33.79 -8.52
CA LYS A 405 -5.49 -34.92 -9.42
C LYS A 405 -5.06 -36.22 -8.75
N GLU A 406 -4.13 -36.15 -7.80
CA GLU A 406 -3.69 -37.35 -7.09
C GLU A 406 -4.82 -38.00 -6.31
N VAL A 407 -5.88 -37.27 -5.99
CA VAL A 407 -7.06 -37.81 -5.33
C VAL A 407 -8.14 -38.04 -6.37
N LYS A 408 -8.73 -39.22 -6.36
CA LYS A 408 -9.76 -39.60 -7.34
C LYS A 408 -11.12 -39.55 -6.68
N ILE A 409 -12.08 -38.91 -7.36
CA ILE A 409 -13.41 -38.68 -6.81
C ILE A 409 -14.43 -39.65 -7.40
N LEU A 410 -14.45 -39.79 -8.73
CA LEU A 410 -15.42 -40.64 -9.40
C LEU A 410 -14.79 -41.96 -9.80
N LYS A 411 -15.60 -43.02 -9.78
CA LYS A 411 -15.14 -44.38 -10.00
C LYS A 411 -16.03 -45.09 -11.00
N GLY A 412 -16.34 -44.44 -12.11
CA GLY A 412 -17.08 -45.09 -13.18
C GLY A 412 -18.59 -45.05 -13.05
N LEU A 413 -19.15 -43.83 -13.05
CA LEU A 413 -20.59 -43.67 -12.95
C LEU A 413 -21.30 -44.34 -14.13
N ASN A 414 -22.45 -44.93 -13.84
CA ASN A 414 -23.31 -45.53 -14.87
C ASN A 414 -24.75 -45.30 -14.43
N LEU A 415 -25.37 -44.25 -14.97
CA LEU A 415 -26.69 -43.82 -14.54
C LEU A 415 -27.60 -43.64 -15.75
N LYS A 416 -28.80 -44.19 -15.67
CA LYS A 416 -29.80 -44.09 -16.74
C LYS A 416 -30.99 -43.29 -16.25
N VAL A 417 -31.36 -42.25 -17.00
CA VAL A 417 -32.50 -41.40 -16.67
C VAL A 417 -33.38 -41.29 -17.90
N GLN A 418 -34.64 -41.69 -17.76
CA GLN A 418 -35.62 -41.55 -18.82
C GLN A 418 -36.33 -40.20 -18.71
N SER A 419 -36.79 -39.70 -19.83
CA SER A 419 -37.47 -38.41 -19.86
C SER A 419 -38.87 -38.53 -19.26
N GLY A 420 -39.21 -37.61 -18.37
CA GLY A 420 -40.56 -37.54 -17.84
C GLY A 420 -40.70 -37.74 -16.34
N GLN A 421 -39.96 -38.69 -15.77
CA GLN A 421 -40.09 -39.02 -14.36
C GLN A 421 -39.03 -38.27 -13.55
N THR A 422 -39.07 -38.47 -12.23
CA THR A 422 -38.21 -37.75 -11.30
C THR A 422 -37.17 -38.70 -10.72
N VAL A 423 -35.90 -38.31 -10.83
CA VAL A 423 -34.79 -39.06 -10.27
C VAL A 423 -34.04 -38.13 -9.32
N ALA A 424 -33.83 -38.59 -8.10
CA ALA A 424 -33.07 -37.85 -7.10
C ALA A 424 -31.89 -38.68 -6.63
N LEU A 425 -30.88 -37.99 -6.12
CA LEU A 425 -29.65 -38.62 -5.64
C LEU A 425 -29.46 -38.31 -4.17
N VAL A 426 -29.12 -39.33 -3.39
CA VAL A 426 -28.89 -39.17 -1.97
C VAL A 426 -27.51 -39.71 -1.61
N GLY A 427 -26.94 -39.17 -0.55
CA GLY A 427 -25.62 -39.57 -0.11
C GLY A 427 -25.06 -38.57 0.88
N ASN A 428 -23.79 -38.77 1.22
CA ASN A 428 -23.10 -37.94 2.20
C ASN A 428 -22.39 -36.77 1.51
N SER A 429 -21.88 -35.86 2.32
CA SER A 429 -21.20 -34.68 1.80
C SER A 429 -19.90 -35.06 1.10
N GLY A 430 -19.61 -34.37 0.01
CA GLY A 430 -18.39 -34.62 -0.73
C GLY A 430 -18.33 -35.95 -1.44
N CYS A 431 -19.48 -36.55 -1.73
CA CYS A 431 -19.54 -37.86 -2.38
C CYS A 431 -19.78 -37.75 -3.88
N GLY A 432 -19.43 -36.62 -4.49
CA GLY A 432 -19.53 -36.45 -5.92
C GLY A 432 -20.83 -35.85 -6.42
N LYS A 433 -21.80 -35.59 -5.53
CA LYS A 433 -23.08 -35.04 -5.97
C LYS A 433 -22.89 -33.71 -6.67
N SER A 434 -22.19 -32.77 -6.02
CA SER A 434 -21.90 -31.49 -6.65
C SER A 434 -21.04 -31.68 -7.89
N THR A 435 -20.06 -32.59 -7.81
CA THR A 435 -19.24 -32.88 -8.98
C THR A 435 -20.08 -33.46 -10.11
N THR A 436 -21.03 -34.35 -9.77
CA THR A 436 -21.91 -34.91 -10.79
C THR A 436 -22.74 -33.83 -11.46
N VAL A 437 -23.28 -32.90 -10.67
CA VAL A 437 -24.08 -31.82 -11.25
C VAL A 437 -23.22 -30.93 -12.14
N GLN A 438 -22.01 -30.59 -11.68
CA GLN A 438 -21.13 -29.75 -12.49
C GLN A 438 -20.76 -30.43 -13.79
N LEU A 439 -20.49 -31.75 -13.74
CA LEU A 439 -20.16 -32.48 -14.95
C LEU A 439 -21.36 -32.59 -15.88
N MET A 440 -22.58 -32.65 -15.32
CA MET A 440 -23.78 -32.77 -16.16
C MET A 440 -23.93 -31.57 -17.08
N GLN A 441 -23.73 -30.36 -16.55
CA GLN A 441 -23.91 -29.14 -17.30
C GLN A 441 -22.63 -28.68 -18.00
N ARG A 442 -21.71 -29.61 -18.28
CA ARG A 442 -20.49 -29.34 -19.05
C ARG A 442 -19.66 -28.24 -18.39
N LEU A 443 -19.17 -28.56 -17.19
CA LEU A 443 -18.17 -27.75 -16.51
C LEU A 443 -16.81 -28.42 -16.43
N TYR A 444 -16.80 -29.73 -16.22
CA TYR A 444 -15.57 -30.52 -16.18
C TYR A 444 -15.77 -31.77 -17.01
N ASP A 445 -14.92 -31.96 -18.02
CA ASP A 445 -15.00 -33.17 -18.83
C ASP A 445 -14.48 -34.36 -18.02
N PRO A 446 -15.15 -35.51 -18.10
CA PRO A 446 -14.71 -36.67 -17.31
C PRO A 446 -13.37 -37.21 -17.79
N THR A 447 -12.60 -37.75 -16.84
CA THR A 447 -11.33 -38.38 -17.19
C THR A 447 -11.55 -39.61 -18.06
N GLU A 448 -12.53 -40.44 -17.71
CA GLU A 448 -12.87 -41.63 -18.48
C GLU A 448 -14.37 -41.82 -18.44
N GLY A 449 -14.89 -42.49 -19.46
CA GLY A 449 -16.33 -42.67 -19.61
C GLY A 449 -16.97 -41.48 -20.29
N MET A 450 -18.24 -41.66 -20.65
CA MET A 450 -18.94 -40.62 -21.40
C MET A 450 -20.35 -40.44 -20.89
N VAL A 451 -20.87 -39.24 -21.13
CA VAL A 451 -22.24 -38.87 -20.79
C VAL A 451 -22.95 -38.48 -22.07
N SER A 452 -24.15 -39.01 -22.27
CA SER A 452 -24.94 -38.76 -23.47
C SER A 452 -26.33 -38.29 -23.09
N VAL A 453 -26.91 -37.48 -23.97
CA VAL A 453 -28.27 -36.97 -23.79
C VAL A 453 -29.13 -37.56 -24.91
N ASP A 454 -30.14 -38.33 -24.53
CA ASP A 454 -31.02 -39.01 -25.49
C ASP A 454 -30.22 -39.85 -26.47
N GLY A 455 -29.15 -40.48 -25.98
CA GLY A 455 -28.30 -41.31 -26.79
C GLY A 455 -27.27 -40.56 -27.61
N GLN A 456 -27.16 -39.25 -27.45
CA GLN A 456 -26.21 -38.43 -28.19
C GLN A 456 -25.17 -37.86 -27.23
N ASP A 457 -23.89 -38.03 -27.57
CA ASP A 457 -22.82 -37.61 -26.68
C ASP A 457 -22.81 -36.10 -26.51
N ILE A 458 -22.49 -35.65 -25.29
CA ILE A 458 -22.41 -34.23 -25.00
C ILE A 458 -21.25 -33.58 -25.75
N ARG A 459 -20.20 -34.35 -26.06
CA ARG A 459 -19.07 -33.79 -26.80
C ARG A 459 -19.50 -33.31 -28.18
N THR A 460 -20.37 -34.07 -28.84
CA THR A 460 -20.85 -33.67 -30.16
C THR A 460 -21.66 -32.37 -30.10
N ILE A 461 -22.47 -32.22 -29.05
CA ILE A 461 -23.29 -31.02 -28.92
C ILE A 461 -22.42 -29.85 -28.52
N ASN A 462 -22.71 -28.68 -29.09
CA ASN A 462 -21.99 -27.47 -28.72
C ASN A 462 -22.34 -27.06 -27.30
N VAL A 463 -21.40 -26.38 -26.64
CA VAL A 463 -21.55 -26.05 -25.22
C VAL A 463 -22.70 -25.06 -25.01
N ARG A 464 -22.82 -24.06 -25.90
CA ARG A 464 -23.80 -23.00 -25.69
C ARG A 464 -25.21 -23.56 -25.64
N PHE A 465 -25.59 -24.35 -26.65
CA PHE A 465 -26.94 -24.89 -26.69
C PHE A 465 -27.20 -25.84 -25.53
N LEU A 466 -26.21 -26.65 -25.17
CA LEU A 466 -26.37 -27.57 -24.05
C LEU A 466 -26.63 -26.81 -22.75
N ARG A 467 -25.85 -25.76 -22.50
CA ARG A 467 -26.04 -24.99 -21.28
C ARG A 467 -27.37 -24.24 -21.29
N GLU A 468 -27.79 -23.76 -22.47
CA GLU A 468 -29.09 -23.09 -22.55
C GLU A 468 -30.24 -24.05 -22.26
N ILE A 469 -30.13 -25.30 -22.76
CA ILE A 469 -31.22 -26.25 -22.58
C ILE A 469 -31.41 -26.59 -21.10
N ILE A 470 -30.31 -26.83 -20.38
CA ILE A 470 -30.38 -27.33 -19.01
C ILE A 470 -30.48 -26.15 -18.05
N GLY A 471 -31.43 -26.23 -17.13
CA GLY A 471 -31.59 -25.23 -16.07
C GLY A 471 -31.10 -25.79 -14.75
N VAL A 472 -30.49 -24.93 -13.94
CA VAL A 472 -29.88 -25.36 -12.69
C VAL A 472 -30.20 -24.33 -11.60
N VAL A 473 -30.47 -24.83 -10.40
CA VAL A 473 -30.67 -23.99 -9.22
C VAL A 473 -29.61 -24.35 -8.20
N SER A 474 -28.91 -23.33 -7.71
CA SER A 474 -27.75 -23.51 -6.84
C SER A 474 -28.15 -23.44 -5.36
N GLN A 475 -27.20 -23.83 -4.50
CA GLN A 475 -27.45 -23.83 -3.06
C GLN A 475 -27.49 -22.41 -2.50
N GLU A 476 -26.53 -21.57 -2.91
CA GLU A 476 -26.42 -20.20 -2.42
C GLU A 476 -26.49 -19.26 -3.61
N PRO A 477 -27.68 -18.76 -3.95
CA PRO A 477 -27.80 -17.83 -5.07
C PRO A 477 -27.06 -16.54 -4.80
N VAL A 478 -26.53 -15.94 -5.86
CA VAL A 478 -25.90 -14.62 -5.80
C VAL A 478 -26.67 -13.71 -6.75
N LEU A 479 -27.03 -12.52 -6.27
CA LEU A 479 -27.86 -11.59 -7.01
C LEU A 479 -27.06 -10.35 -7.37
N PHE A 480 -27.16 -9.93 -8.62
CA PHE A 480 -26.44 -8.76 -9.08
C PHE A 480 -27.07 -7.48 -8.52
N ALA A 481 -26.22 -6.48 -8.28
CA ALA A 481 -26.67 -5.20 -7.73
C ALA A 481 -27.39 -4.41 -8.83
N THR A 482 -28.57 -4.90 -9.18
CA THR A 482 -29.41 -4.27 -10.19
C THR A 482 -30.86 -4.59 -9.88
N THR A 483 -31.76 -3.81 -10.47
CA THR A 483 -33.19 -3.95 -10.21
C THR A 483 -33.66 -5.36 -10.55
N ILE A 484 -34.77 -5.77 -9.93
CA ILE A 484 -35.34 -7.08 -10.17
C ILE A 484 -35.69 -7.26 -11.64
N ALA A 485 -36.08 -6.18 -12.32
CA ALA A 485 -36.40 -6.27 -13.73
C ALA A 485 -35.23 -6.80 -14.53
N GLU A 486 -34.04 -6.19 -14.38
CA GLU A 486 -32.88 -6.65 -15.11
C GLU A 486 -32.38 -8.01 -14.62
N ASN A 487 -32.58 -8.31 -13.33
CA ASN A 487 -32.23 -9.63 -12.81
C ASN A 487 -33.02 -10.72 -13.53
N ILE A 488 -34.31 -10.48 -13.74
CA ILE A 488 -35.11 -11.43 -14.52
C ILE A 488 -34.70 -11.39 -15.99
N ARG A 489 -34.38 -10.20 -16.52
CA ARG A 489 -33.94 -10.09 -17.90
C ARG A 489 -32.72 -10.93 -18.18
N TYR A 490 -31.87 -11.13 -17.16
CA TYR A 490 -30.69 -11.96 -17.34
C TYR A 490 -31.03 -13.39 -17.75
N GLY A 491 -32.26 -13.84 -17.48
CA GLY A 491 -32.63 -15.19 -17.88
C GLY A 491 -32.62 -15.39 -19.39
N ARG A 492 -33.17 -14.43 -20.13
CA ARG A 492 -33.20 -14.52 -21.58
C ARG A 492 -33.46 -13.15 -22.17
N GLU A 493 -32.91 -12.92 -23.36
CA GLU A 493 -32.96 -11.58 -23.97
C GLU A 493 -34.35 -11.23 -24.48
N ASN A 494 -35.03 -12.18 -25.14
CA ASN A 494 -36.24 -11.89 -25.89
C ASN A 494 -37.51 -12.25 -25.12
N VAL A 495 -37.51 -12.07 -23.81
CA VAL A 495 -38.68 -12.36 -22.98
C VAL A 495 -39.52 -11.11 -22.85
N THR A 496 -40.82 -11.25 -23.08
CA THR A 496 -41.72 -10.11 -22.94
C THR A 496 -42.06 -9.87 -21.47
N MET A 497 -42.60 -8.68 -21.19
CA MET A 497 -43.00 -8.35 -19.84
C MET A 497 -44.11 -9.27 -19.35
N ASP A 498 -45.06 -9.61 -20.21
CA ASP A 498 -46.13 -10.53 -19.84
C ASP A 498 -45.57 -11.89 -19.48
N GLU A 499 -44.56 -12.36 -20.22
CA GLU A 499 -43.92 -13.63 -19.90
C GLU A 499 -43.22 -13.56 -18.55
N ILE A 500 -42.60 -12.42 -18.25
CA ILE A 500 -41.98 -12.24 -16.92
C ILE A 500 -43.03 -12.32 -15.84
N GLU A 501 -44.18 -11.66 -16.05
CA GLU A 501 -45.25 -11.70 -15.06
C GLU A 501 -45.76 -13.12 -14.87
N LYS A 502 -45.93 -13.85 -15.96
CA LYS A 502 -46.39 -15.24 -15.87
C LYS A 502 -45.39 -16.10 -15.11
N ALA A 503 -44.10 -15.93 -15.39
CA ALA A 503 -43.08 -16.70 -14.70
C ALA A 503 -43.06 -16.39 -13.21
N VAL A 504 -43.17 -15.10 -12.86
CA VAL A 504 -43.19 -14.73 -11.45
C VAL A 504 -44.42 -15.30 -10.77
N LYS A 505 -45.57 -15.29 -11.46
CA LYS A 505 -46.78 -15.90 -10.90
C LYS A 505 -46.56 -17.39 -10.65
N GLU A 506 -45.93 -18.09 -11.60
CA GLU A 506 -45.67 -19.51 -11.41
C GLU A 506 -44.58 -19.76 -10.39
N ALA A 507 -43.80 -18.73 -10.04
CA ALA A 507 -42.72 -18.85 -9.07
C ALA A 507 -43.13 -18.42 -7.67
N ASN A 508 -44.41 -18.09 -7.47
CA ASN A 508 -44.98 -17.69 -6.18
C ASN A 508 -44.43 -16.36 -5.68
N ALA A 509 -43.58 -15.69 -6.45
CA ALA A 509 -43.04 -14.40 -6.05
C ALA A 509 -43.95 -13.23 -6.39
N TYR A 510 -45.11 -13.50 -6.99
CA TYR A 510 -46.00 -12.42 -7.43
C TYR A 510 -46.49 -11.59 -6.25
N ASP A 511 -46.83 -12.25 -5.13
CA ASP A 511 -47.41 -11.54 -4.00
C ASP A 511 -46.37 -10.66 -3.31
N PHE A 512 -45.16 -11.17 -3.09
CA PHE A 512 -44.18 -10.46 -2.28
C PHE A 512 -43.61 -9.25 -3.02
N ILE A 513 -43.51 -9.32 -4.35
CA ILE A 513 -42.90 -8.24 -5.12
C ILE A 513 -43.73 -6.96 -5.01
N MET A 514 -45.06 -7.09 -4.97
CA MET A 514 -45.92 -5.92 -4.91
C MET A 514 -45.69 -5.11 -3.64
N LYS A 515 -45.20 -5.75 -2.58
CA LYS A 515 -44.95 -5.03 -1.33
C LYS A 515 -43.71 -4.16 -1.41
N LEU A 516 -42.86 -4.36 -2.42
CA LEU A 516 -41.65 -3.56 -2.54
C LEU A 516 -42.00 -2.12 -2.92
N PRO A 517 -41.18 -1.15 -2.48
CA PRO A 517 -41.51 0.26 -2.77
C PRO A 517 -41.61 0.58 -4.25
N HIS A 518 -40.79 -0.05 -5.08
CA HIS A 518 -40.73 0.27 -6.51
C HIS A 518 -41.11 -0.92 -7.37
N LYS A 519 -42.04 -1.75 -6.87
CA LYS A 519 -42.51 -2.99 -7.50
C LYS A 519 -41.42 -3.71 -8.29
N PHE A 520 -41.69 -4.02 -9.56
CA PHE A 520 -40.78 -4.81 -10.36
C PHE A 520 -39.48 -4.09 -10.70
N ASP A 521 -39.40 -2.79 -10.47
CA ASP A 521 -38.19 -2.03 -10.72
C ASP A 521 -37.41 -1.72 -9.45
N THR A 522 -37.76 -2.38 -8.34
CA THR A 522 -37.07 -2.15 -7.07
C THR A 522 -35.61 -2.55 -7.18
N LEU A 523 -34.72 -1.68 -6.71
CA LEU A 523 -33.30 -2.02 -6.65
C LEU A 523 -33.05 -2.98 -5.49
N VAL A 524 -32.34 -4.06 -5.77
CA VAL A 524 -32.05 -5.10 -4.79
C VAL A 524 -30.55 -5.30 -4.70
N GLY A 525 -30.14 -6.21 -3.83
CA GLY A 525 -28.75 -6.49 -3.56
C GLY A 525 -28.29 -5.92 -2.24
N GLU A 526 -26.97 -5.77 -2.11
CA GLU A 526 -26.41 -5.21 -0.88
C GLU A 526 -26.82 -3.75 -0.71
N ARG A 527 -26.84 -2.98 -1.81
CA ARG A 527 -27.25 -1.59 -1.72
C ARG A 527 -28.75 -1.46 -1.52
N GLY A 528 -29.52 -2.33 -2.15
CA GLY A 528 -30.95 -2.36 -1.92
C GLY A 528 -31.30 -2.99 -0.58
N ALA A 529 -32.60 -2.97 -0.28
CA ALA A 529 -33.07 -3.55 0.97
C ALA A 529 -32.73 -5.03 1.04
N GLN A 530 -32.21 -5.47 2.18
CA GLN A 530 -31.81 -6.86 2.36
C GLN A 530 -33.06 -7.74 2.38
N LEU A 531 -33.29 -8.47 1.31
CA LEU A 531 -34.46 -9.33 1.22
C LEU A 531 -34.28 -10.55 2.12
N SER A 532 -35.38 -11.26 2.36
CA SER A 532 -35.33 -12.48 3.14
C SER A 532 -34.59 -13.58 2.39
N GLY A 533 -34.19 -14.60 3.14
CA GLY A 533 -33.49 -15.72 2.52
C GLY A 533 -34.31 -16.42 1.46
N GLY A 534 -35.62 -16.56 1.70
CA GLY A 534 -36.48 -17.22 0.73
C GLY A 534 -36.75 -16.37 -0.50
N GLN A 535 -36.67 -15.04 -0.36
CA GLN A 535 -36.89 -14.17 -1.51
C GLN A 535 -35.84 -14.39 -2.59
N LYS A 536 -34.57 -14.49 -2.19
CA LYS A 536 -33.52 -14.77 -3.14
C LYS A 536 -33.74 -16.11 -3.83
N GLN A 537 -34.12 -17.13 -3.06
CA GLN A 537 -34.34 -18.45 -3.64
C GLN A 537 -35.48 -18.44 -4.64
N ARG A 538 -36.57 -17.75 -4.32
CA ARG A 538 -37.73 -17.76 -5.21
C ARG A 538 -37.48 -16.92 -6.45
N ILE A 539 -36.76 -15.81 -6.33
CA ILE A 539 -36.44 -15.07 -7.55
C ILE A 539 -35.43 -15.84 -8.39
N ALA A 540 -34.54 -16.61 -7.75
CA ALA A 540 -33.62 -17.45 -8.51
C ALA A 540 -34.37 -18.55 -9.26
N ILE A 541 -35.35 -19.19 -8.62
CA ILE A 541 -36.11 -20.21 -9.32
C ILE A 541 -36.97 -19.58 -10.42
N ALA A 542 -37.43 -18.34 -10.23
CA ALA A 542 -38.10 -17.64 -11.32
C ALA A 542 -37.16 -17.41 -12.49
N ARG A 543 -35.92 -17.00 -12.20
CA ARG A 543 -34.93 -16.81 -13.26
C ARG A 543 -34.65 -18.10 -13.99
N ALA A 544 -34.58 -19.21 -13.26
CA ALA A 544 -34.37 -20.50 -13.91
C ALA A 544 -35.57 -20.90 -14.75
N LEU A 545 -36.78 -20.67 -14.25
CA LEU A 545 -37.98 -21.15 -14.91
C LEU A 545 -38.36 -20.32 -16.12
N VAL A 546 -38.00 -19.04 -16.15
CA VAL A 546 -38.35 -18.21 -17.29
C VAL A 546 -37.68 -18.73 -18.56
N ARG A 547 -36.51 -19.36 -18.43
CA ARG A 547 -35.88 -19.99 -19.57
C ARG A 547 -36.64 -21.22 -20.06
N ASN A 548 -37.53 -21.77 -19.22
CA ASN A 548 -38.27 -22.99 -19.50
C ASN A 548 -37.32 -24.11 -19.93
N PRO A 549 -36.51 -24.62 -19.01
CA PRO A 549 -35.54 -25.64 -19.38
C PRO A 549 -36.15 -27.02 -19.47
N LYS A 550 -35.60 -27.83 -20.37
CA LYS A 550 -36.09 -29.19 -20.54
C LYS A 550 -35.64 -30.10 -19.41
N ILE A 551 -34.40 -29.95 -18.96
CA ILE A 551 -33.84 -30.76 -17.89
C ILE A 551 -33.45 -29.84 -16.75
N LEU A 552 -33.91 -30.15 -15.55
CA LEU A 552 -33.73 -29.30 -14.38
C LEU A 552 -32.81 -29.96 -13.37
N LEU A 553 -31.97 -29.14 -12.71
CA LEU A 553 -31.06 -29.61 -11.69
C LEU A 553 -31.25 -28.78 -10.43
N LEU A 554 -31.26 -29.45 -9.28
CA LEU A 554 -31.42 -28.79 -7.99
C LEU A 554 -30.25 -29.18 -7.09
N ASP A 555 -29.53 -28.17 -6.59
CA ASP A 555 -28.42 -28.40 -5.68
C ASP A 555 -28.76 -27.76 -4.33
N GLU A 556 -29.34 -28.56 -3.43
CA GLU A 556 -29.67 -28.11 -2.07
C GLU A 556 -30.47 -26.80 -2.11
N ALA A 557 -31.66 -26.89 -2.71
CA ALA A 557 -32.48 -25.69 -2.91
C ALA A 557 -32.90 -25.07 -1.58
N THR A 558 -33.30 -25.90 -0.62
CA THR A 558 -33.84 -25.42 0.65
C THR A 558 -32.91 -25.70 1.83
N SER A 559 -31.62 -25.91 1.56
CA SER A 559 -30.70 -26.29 2.63
C SER A 559 -30.50 -25.17 3.63
N ALA A 560 -30.39 -23.93 3.16
CA ALA A 560 -30.05 -22.78 3.99
C ALA A 560 -31.22 -21.83 4.17
N LEU A 561 -32.42 -22.37 4.35
CA LEU A 561 -33.62 -21.56 4.49
C LEU A 561 -34.41 -21.99 5.72
N ASP A 562 -35.03 -21.01 6.38
CA ASP A 562 -35.86 -21.30 7.54
C ASP A 562 -37.15 -22.00 7.11
N THR A 563 -37.78 -22.67 8.08
CA THR A 563 -38.89 -23.56 7.78
C THR A 563 -40.08 -22.81 7.19
N GLU A 564 -40.37 -21.61 7.70
CA GLU A 564 -41.53 -20.86 7.24
C GLU A 564 -41.42 -20.55 5.74
N SER A 565 -40.24 -20.12 5.29
CA SER A 565 -40.02 -19.95 3.86
C SER A 565 -39.67 -21.27 3.17
N GLU A 566 -39.19 -22.26 3.93
CA GLU A 566 -38.87 -23.55 3.34
C GLU A 566 -40.11 -24.22 2.78
N ALA A 567 -41.23 -24.14 3.50
CA ALA A 567 -42.46 -24.74 3.00
C ALA A 567 -42.90 -24.10 1.69
N VAL A 568 -42.84 -22.77 1.61
CA VAL A 568 -43.28 -22.07 0.42
C VAL A 568 -42.37 -22.40 -0.76
N VAL A 569 -41.05 -22.35 -0.55
CA VAL A 569 -40.15 -22.66 -1.65
C VAL A 569 -40.26 -24.12 -2.05
N GLN A 570 -40.57 -25.02 -1.10
CA GLN A 570 -40.74 -26.42 -1.43
C GLN A 570 -41.99 -26.66 -2.27
N VAL A 571 -43.09 -26.00 -1.93
CA VAL A 571 -44.30 -26.15 -2.74
C VAL A 571 -44.08 -25.55 -4.12
N ALA A 572 -43.34 -24.44 -4.20
CA ALA A 572 -42.99 -23.88 -5.50
C ALA A 572 -42.15 -24.86 -6.31
N LEU A 573 -41.18 -25.50 -5.67
CA LEU A 573 -40.32 -26.46 -6.36
C LEU A 573 -41.12 -27.64 -6.89
N ASP A 574 -42.01 -28.20 -6.05
CA ASP A 574 -42.76 -29.36 -6.51
C ASP A 574 -43.87 -28.99 -7.49
N LYS A 575 -44.30 -27.73 -7.53
CA LYS A 575 -45.21 -27.31 -8.58
C LYS A 575 -44.47 -27.11 -9.90
N ALA A 576 -43.25 -26.57 -9.85
CA ALA A 576 -42.48 -26.34 -11.06
C ALA A 576 -41.83 -27.62 -11.59
N ARG A 577 -41.71 -28.66 -10.76
CA ARG A 577 -41.04 -29.88 -11.20
C ARG A 577 -41.87 -30.65 -12.23
N LYS A 578 -43.19 -30.51 -12.17
CA LYS A 578 -44.07 -31.29 -13.03
C LYS A 578 -43.87 -30.93 -14.50
N GLY A 579 -43.90 -31.94 -15.36
CA GLY A 579 -43.74 -31.75 -16.78
C GLY A 579 -42.31 -31.71 -17.28
N ARG A 580 -41.34 -31.88 -16.39
CA ARG A 580 -39.92 -31.82 -16.78
C ARG A 580 -39.17 -32.94 -16.08
N THR A 581 -38.03 -33.31 -16.65
CA THR A 581 -37.14 -34.29 -16.06
C THR A 581 -36.13 -33.57 -15.17
N THR A 582 -36.03 -34.00 -13.92
CA THR A 582 -35.28 -33.29 -12.90
C THR A 582 -34.33 -34.23 -12.18
N ILE A 583 -33.20 -33.66 -11.74
CA ILE A 583 -32.25 -34.33 -10.86
C ILE A 583 -32.03 -33.42 -9.66
N VAL A 584 -32.34 -33.91 -8.47
CA VAL A 584 -32.31 -33.13 -7.24
C VAL A 584 -31.37 -33.78 -6.25
N ILE A 585 -30.48 -32.99 -5.67
CA ILE A 585 -29.62 -33.44 -4.58
C ILE A 585 -29.87 -32.52 -3.38
N ALA A 586 -30.16 -33.13 -2.23
CA ALA A 586 -30.43 -32.35 -1.03
C ALA A 586 -30.11 -33.21 0.19
N HIS A 587 -29.80 -32.53 1.30
CA HIS A 587 -29.52 -33.23 2.55
C HIS A 587 -30.79 -33.71 3.21
N ARG A 588 -31.87 -32.92 3.14
CA ARG A 588 -33.14 -33.32 3.73
C ARG A 588 -33.86 -34.31 2.82
N LEU A 589 -34.25 -35.45 3.38
CA LEU A 589 -34.88 -36.52 2.62
C LEU A 589 -36.40 -36.33 2.49
N SER A 590 -36.99 -35.40 3.23
CA SER A 590 -38.42 -35.16 3.12
C SER A 590 -38.77 -34.62 1.74
N THR A 591 -37.94 -33.73 1.19
CA THR A 591 -38.22 -33.17 -0.13
C THR A 591 -38.15 -34.23 -1.22
N VAL A 592 -37.16 -35.14 -1.12
CA VAL A 592 -36.96 -36.14 -2.15
C VAL A 592 -37.71 -37.41 -1.80
N ARG A 593 -38.56 -37.34 -0.78
CA ARG A 593 -39.33 -38.50 -0.37
C ARG A 593 -40.31 -38.95 -1.44
N ASN A 594 -40.88 -38.00 -2.19
CA ASN A 594 -41.86 -38.30 -3.21
C ASN A 594 -41.24 -38.55 -4.59
N ALA A 595 -39.91 -38.55 -4.69
CA ALA A 595 -39.26 -38.76 -5.97
C ALA A 595 -39.53 -40.17 -6.48
N ASP A 596 -39.66 -40.29 -7.81
CA ASP A 596 -39.94 -41.59 -8.41
C ASP A 596 -38.80 -42.56 -8.20
N VAL A 597 -37.56 -42.13 -8.45
CA VAL A 597 -36.38 -42.98 -8.29
C VAL A 597 -35.41 -42.26 -7.37
N ILE A 598 -35.32 -42.71 -6.12
CA ILE A 598 -34.42 -42.13 -5.13
C ILE A 598 -33.17 -43.01 -5.11
N ALA A 599 -32.20 -42.67 -5.96
CA ALA A 599 -30.98 -43.47 -6.06
C ALA A 599 -29.97 -43.05 -5.00
N GLY A 600 -29.36 -44.04 -4.36
CA GLY A 600 -28.28 -43.76 -3.44
C GLY A 600 -26.97 -43.45 -4.16
N PHE A 601 -26.02 -42.90 -3.41
CA PHE A 601 -24.73 -42.53 -3.97
C PHE A 601 -23.66 -42.75 -2.91
N ASP A 602 -22.57 -43.41 -3.30
CA ASP A 602 -21.47 -43.66 -2.37
C ASP A 602 -20.20 -43.94 -3.18
N ASP A 603 -19.09 -43.33 -2.74
CA ASP A 603 -17.77 -43.59 -3.30
C ASP A 603 -17.76 -43.44 -4.82
N GLY A 604 -18.49 -42.45 -5.32
CA GLY A 604 -18.54 -42.21 -6.75
C GLY A 604 -19.07 -43.37 -7.57
N VAL A 605 -19.84 -44.27 -6.96
CA VAL A 605 -20.46 -45.38 -7.68
C VAL A 605 -21.90 -45.52 -7.20
N ILE A 606 -22.70 -46.20 -8.00
CA ILE A 606 -24.10 -46.47 -7.70
C ILE A 606 -24.22 -47.92 -7.27
N VAL A 607 -24.74 -48.14 -6.06
CA VAL A 607 -24.88 -49.47 -5.48
C VAL A 607 -26.35 -49.83 -5.29
N GLU A 608 -27.11 -48.97 -4.63
CA GLU A 608 -28.52 -49.20 -4.35
C GLU A 608 -29.36 -48.26 -5.22
N LYS A 609 -30.44 -48.79 -5.77
CA LYS A 609 -31.37 -48.03 -6.59
C LYS A 609 -32.78 -48.52 -6.32
N GLY A 610 -33.64 -47.62 -5.84
CA GLY A 610 -35.00 -48.01 -5.53
C GLY A 610 -35.82 -46.80 -5.14
N ASN A 611 -37.08 -47.07 -4.79
CA ASN A 611 -38.03 -46.04 -4.39
C ASN A 611 -38.15 -46.01 -2.87
N HIS A 612 -39.09 -45.20 -2.38
CA HIS A 612 -39.27 -45.01 -0.94
C HIS A 612 -39.47 -46.33 -0.21
N ASP A 613 -40.44 -47.13 -0.67
CA ASP A 613 -40.72 -48.40 -0.01
C ASP A 613 -39.54 -49.35 -0.12
N GLU A 614 -38.94 -49.45 -1.30
CA GLU A 614 -37.80 -50.34 -1.48
C GLU A 614 -36.60 -49.89 -0.65
N LEU A 615 -36.35 -48.58 -0.58
CA LEU A 615 -35.25 -48.08 0.23
C LEU A 615 -35.49 -48.36 1.71
N MET A 616 -36.73 -48.18 2.19
CA MET A 616 -37.02 -48.39 3.60
C MET A 616 -37.18 -49.87 3.95
N LYS A 617 -37.32 -50.75 2.97
CA LYS A 617 -37.33 -52.18 3.23
C LYS A 617 -35.95 -52.82 3.06
N GLU A 618 -35.06 -52.20 2.29
CA GLU A 618 -33.70 -52.73 2.15
C GLU A 618 -32.87 -52.51 3.40
N LYS A 619 -33.22 -51.53 4.23
CA LYS A 619 -32.47 -51.18 5.43
C LYS A 619 -31.01 -50.88 5.10
N GLY A 620 -30.82 -50.08 4.06
CA GLY A 620 -29.52 -49.68 3.59
C GLY A 620 -29.08 -48.33 4.13
N ILE A 621 -28.31 -47.60 3.32
CA ILE A 621 -27.81 -46.29 3.74
C ILE A 621 -28.96 -45.31 3.92
N TYR A 622 -29.95 -45.35 3.03
CA TYR A 622 -31.08 -44.42 3.12
C TYR A 622 -31.87 -44.65 4.41
N PHE A 623 -32.08 -45.91 4.79
CA PHE A 623 -32.80 -46.21 6.02
C PHE A 623 -32.05 -45.68 7.24
N LYS A 624 -30.72 -45.87 7.27
CA LYS A 624 -29.92 -45.36 8.38
C LYS A 624 -29.98 -43.83 8.42
N LEU A 625 -29.93 -43.18 7.26
CA LEU A 625 -30.02 -41.72 7.23
C LEU A 625 -31.38 -41.26 7.75
N VAL A 626 -32.45 -41.95 7.37
CA VAL A 626 -33.78 -41.60 7.86
C VAL A 626 -33.86 -41.78 9.37
N THR A 627 -33.34 -42.90 9.89
CA THR A 627 -33.45 -43.17 11.32
C THR A 627 -32.53 -42.30 12.15
N MET A 628 -31.48 -41.73 11.56
CA MET A 628 -30.64 -40.80 12.30
C MET A 628 -31.08 -39.35 12.18
N GLN A 629 -31.72 -38.97 11.07
CA GLN A 629 -32.26 -37.62 10.95
C GLN A 629 -33.55 -37.45 11.73
N THR A 630 -34.36 -38.49 11.81
CA THR A 630 -35.64 -38.41 12.51
C THR A 630 -35.57 -39.09 13.87
N ASP A 689 -6.71 10.70 5.72
CA ASP A 689 -7.03 9.74 6.77
C ASP A 689 -8.33 10.14 7.47
N GLU A 690 -8.20 10.91 8.56
CA GLU A 690 -9.34 11.32 9.36
C GLU A 690 -9.17 12.80 9.68
N SER A 691 -10.00 13.30 10.59
CA SER A 691 -9.95 14.69 10.99
C SER A 691 -8.74 14.94 11.90
N ILE A 692 -7.60 15.29 11.30
CA ILE A 692 -6.38 15.59 12.05
C ILE A 692 -6.20 17.11 12.04
N PRO A 693 -6.42 17.80 13.15
CA PRO A 693 -6.29 19.26 13.16
C PRO A 693 -4.84 19.67 12.98
N PRO A 694 -4.54 20.48 11.97
CA PRO A 694 -3.17 20.98 11.80
C PRO A 694 -2.73 21.76 13.02
N VAL A 695 -1.49 21.51 13.45
CA VAL A 695 -0.98 22.08 14.69
C VAL A 695 -0.13 23.33 14.48
N SER A 696 0.11 23.73 13.22
CA SER A 696 0.74 24.99 12.86
C SER A 696 2.25 24.90 12.97
N PHE A 697 2.96 25.74 12.22
CA PHE A 697 4.42 25.72 12.22
C PHE A 697 5.00 26.08 13.58
N TRP A 698 4.34 26.98 14.32
CA TRP A 698 4.89 27.47 15.57
C TRP A 698 5.01 26.34 16.61
N ARG A 699 3.99 25.49 16.71
CA ARG A 699 4.06 24.39 17.67
C ARG A 699 5.19 23.43 17.34
N ILE A 700 5.36 23.11 16.06
CA ILE A 700 6.43 22.22 15.64
C ILE A 700 7.79 22.83 15.98
N MET A 701 7.94 24.13 15.71
CA MET A 701 9.18 24.80 16.10
C MET A 701 9.39 24.76 17.61
N LYS A 702 8.30 24.90 18.37
CA LYS A 702 8.40 24.81 19.83
C LYS A 702 8.85 23.42 20.27
N LEU A 703 8.56 22.39 19.46
CA LEU A 703 9.07 21.07 19.81
C LEU A 703 10.59 20.99 19.79
N ASN A 704 11.27 21.94 19.17
CA ASN A 704 12.72 21.98 19.10
C ASN A 704 13.25 23.37 19.42
N LEU A 705 12.77 23.95 20.53
CA LEU A 705 13.26 25.25 20.93
C LEU A 705 14.52 25.16 21.79
N THR A 706 14.69 24.05 22.52
CA THR A 706 15.81 23.93 23.45
C THR A 706 17.15 23.87 22.74
N GLU A 707 17.17 23.48 21.47
CA GLU A 707 18.41 23.36 20.70
C GLU A 707 18.63 24.57 19.80
N TRP A 708 18.29 25.76 20.31
CA TRP A 708 18.36 26.97 19.48
C TRP A 708 19.75 27.26 18.90
N PRO A 709 20.87 27.07 19.61
CA PRO A 709 22.17 27.42 18.97
C PRO A 709 22.44 26.64 17.71
N TYR A 710 22.04 25.37 17.66
CA TYR A 710 22.21 24.59 16.45
C TYR A 710 21.44 25.20 15.29
N PHE A 711 20.19 25.60 15.54
CA PHE A 711 19.40 26.23 14.49
C PHE A 711 20.01 27.55 14.06
N VAL A 712 20.53 28.33 15.01
CA VAL A 712 21.11 29.63 14.67
C VAL A 712 22.33 29.45 13.77
N VAL A 713 23.23 28.54 14.16
CA VAL A 713 24.43 28.33 13.34
C VAL A 713 24.05 27.70 11.99
N GLY A 714 23.02 26.86 11.97
CA GLY A 714 22.59 26.28 10.72
C GLY A 714 22.01 27.30 9.76
N VAL A 715 21.20 28.22 10.27
CA VAL A 715 20.63 29.26 9.43
C VAL A 715 21.72 30.22 8.94
N PHE A 716 22.64 30.59 9.83
CA PHE A 716 23.72 31.47 9.40
C PHE A 716 24.63 30.79 8.37
N CYS A 717 24.76 29.47 8.44
CA CYS A 717 25.54 28.75 7.43
C CYS A 717 24.75 28.62 6.13
N ALA A 718 23.43 28.41 6.23
CA ALA A 718 22.61 28.27 5.04
C ALA A 718 22.55 29.57 4.26
N ILE A 719 22.57 30.71 4.94
CA ILE A 719 22.56 31.99 4.24
C ILE A 719 23.77 32.10 3.32
N ILE A 720 24.96 31.85 3.86
CA ILE A 720 26.18 31.99 3.07
C ILE A 720 26.28 30.87 2.03
N ASN A 721 25.76 29.68 2.34
CA ASN A 721 25.75 28.62 1.35
C ASN A 721 24.89 28.98 0.15
N GLY A 722 23.66 29.43 0.41
CA GLY A 722 22.77 29.77 -0.69
C GLY A 722 23.23 30.97 -1.48
N GLY A 723 23.68 32.02 -0.79
CA GLY A 723 24.01 33.27 -1.47
C GLY A 723 25.16 33.20 -2.45
N LEU A 724 25.74 32.01 -2.65
CA LEU A 724 26.89 31.89 -3.54
C LEU A 724 26.52 31.47 -4.95
N GLN A 725 25.33 30.91 -5.17
CA GLN A 725 24.91 30.61 -6.53
C GLN A 725 24.81 31.87 -7.38
N PRO A 726 24.21 32.97 -6.92
CA PRO A 726 24.37 34.22 -7.67
C PRO A 726 25.82 34.63 -7.82
N ALA A 727 26.68 34.36 -6.82
CA ALA A 727 28.09 34.67 -6.98
C ALA A 727 28.73 33.83 -8.07
N PHE A 728 28.37 32.54 -8.14
CA PHE A 728 28.80 31.71 -9.26
C PHE A 728 28.39 32.33 -10.58
N ALA A 729 27.15 32.82 -10.66
CA ALA A 729 26.70 33.46 -11.89
C ALA A 729 27.51 34.72 -12.21
N ILE A 730 27.82 35.51 -11.18
CA ILE A 730 28.58 36.74 -11.40
C ILE A 730 29.96 36.42 -11.96
N ILE A 731 30.64 35.44 -11.36
CA ILE A 731 31.97 35.07 -11.83
C ILE A 731 31.91 34.51 -13.24
N PHE A 732 30.89 33.70 -13.53
CA PHE A 732 30.72 33.13 -14.85
C PHE A 732 30.53 34.22 -15.90
N SER A 733 29.65 35.19 -15.61
CA SER A 733 29.43 36.28 -16.55
C SER A 733 30.70 37.11 -16.72
N LYS A 734 31.43 37.34 -15.63
CA LYS A 734 32.66 38.13 -15.73
C LYS A 734 33.68 37.44 -16.62
N ILE A 735 33.89 36.13 -16.42
CA ILE A 735 34.89 35.43 -17.22
C ILE A 735 34.46 35.36 -18.67
N ILE A 736 33.15 35.23 -18.92
CA ILE A 736 32.67 35.24 -20.31
C ILE A 736 32.94 36.60 -20.95
N GLY A 737 32.65 37.68 -20.21
CA GLY A 737 32.84 39.01 -20.76
C GLY A 737 34.29 39.45 -20.82
N VAL A 738 35.20 38.71 -20.20
CA VAL A 738 36.62 39.04 -20.28
C VAL A 738 37.07 39.16 -21.72
N PHE A 739 36.66 38.23 -22.57
CA PHE A 739 37.07 38.21 -23.96
C PHE A 739 36.24 39.13 -24.84
N THR A 740 35.26 39.82 -24.29
CA THR A 740 34.41 40.73 -25.06
C THR A 740 34.98 42.15 -25.13
N ARG A 741 36.17 42.37 -24.57
CA ARG A 741 36.81 43.67 -24.61
C ARG A 741 38.16 43.56 -25.32
N ILE A 742 38.64 44.69 -25.83
CA ILE A 742 39.89 44.73 -26.55
C ILE A 742 41.01 45.09 -25.58
N ASP A 743 42.02 44.23 -25.49
CA ASP A 743 43.17 44.44 -24.62
C ASP A 743 44.29 43.53 -25.09
N ASP A 744 45.46 43.67 -24.47
CA ASP A 744 46.58 42.82 -24.81
C ASP A 744 46.35 41.40 -24.27
N PRO A 745 46.89 40.39 -24.95
CA PRO A 745 46.63 39.00 -24.52
C PRO A 745 47.12 38.68 -23.12
N GLU A 746 48.23 39.26 -22.68
CA GLU A 746 48.81 38.87 -21.39
C GLU A 746 47.89 39.24 -20.23
N THR A 747 47.32 40.45 -20.26
CA THR A 747 46.38 40.84 -19.20
C THR A 747 45.15 39.94 -19.23
N LYS A 748 44.66 39.59 -20.42
CA LYS A 748 43.53 38.69 -20.52
C LYS A 748 43.84 37.35 -19.87
N ARG A 749 45.03 36.80 -20.16
CA ARG A 749 45.41 35.53 -19.55
C ARG A 749 45.51 35.66 -18.03
N GLN A 750 46.11 36.75 -17.56
CA GLN A 750 46.29 36.94 -16.11
C GLN A 750 44.94 36.98 -15.40
N ASN A 751 44.03 37.83 -15.87
CA ASN A 751 42.76 37.95 -15.15
C ASN A 751 41.84 36.76 -15.39
N SER A 752 41.97 36.07 -16.53
CA SER A 752 41.20 34.84 -16.72
C SER A 752 41.65 33.77 -15.74
N ASN A 753 42.96 33.61 -15.57
CA ASN A 753 43.46 32.66 -14.58
C ASN A 753 43.04 33.09 -13.17
N LEU A 754 43.07 34.39 -12.89
CA LEU A 754 42.63 34.88 -11.58
C LEU A 754 41.18 34.53 -11.32
N PHE A 755 40.31 34.75 -12.31
CA PHE A 755 38.89 34.44 -12.13
C PHE A 755 38.67 32.94 -11.98
N SER A 756 39.40 32.13 -12.73
CA SER A 756 39.28 30.68 -12.58
C SER A 756 39.69 30.25 -11.18
N LEU A 757 40.79 30.79 -10.67
CA LEU A 757 41.23 30.47 -9.32
C LEU A 757 40.21 30.93 -8.28
N LEU A 758 39.62 32.11 -8.50
CA LEU A 758 38.56 32.57 -7.61
C LEU A 758 37.37 31.63 -7.64
N PHE A 759 37.03 31.12 -8.83
CA PHE A 759 35.96 30.14 -8.94
C PHE A 759 36.27 28.91 -8.10
N LEU A 760 37.50 28.41 -8.21
CA LEU A 760 37.89 27.23 -7.41
C LEU A 760 37.85 27.53 -5.92
N ALA A 761 38.33 28.70 -5.51
CA ALA A 761 38.31 29.05 -4.10
C ALA A 761 36.88 29.15 -3.58
N LEU A 762 35.99 29.75 -4.37
CA LEU A 762 34.59 29.83 -3.98
C LEU A 762 33.97 28.44 -3.89
N GLY A 763 34.37 27.53 -4.77
CA GLY A 763 33.94 26.15 -4.63
C GLY A 763 34.39 25.53 -3.32
N ILE A 764 35.63 25.79 -2.92
CA ILE A 764 36.14 25.27 -1.66
C ILE A 764 35.33 25.82 -0.49
N ILE A 765 35.04 27.13 -0.53
CA ILE A 765 34.24 27.75 0.53
C ILE A 765 32.84 27.13 0.56
N SER A 766 32.27 26.91 -0.63
CA SER A 766 30.97 26.27 -0.70
C SER A 766 31.00 24.88 -0.08
N PHE A 767 32.08 24.14 -0.33
CA PHE A 767 32.20 22.79 0.21
C PHE A 767 32.24 22.82 1.74
N ILE A 768 33.07 23.71 2.31
CA ILE A 768 33.19 23.72 3.76
C ILE A 768 31.90 24.23 4.41
N THR A 769 31.24 25.23 3.80
CA THR A 769 29.98 25.72 4.34
C THR A 769 28.88 24.66 4.24
N PHE A 770 28.85 23.92 3.13
CA PHE A 770 27.87 22.85 3.00
C PHE A 770 28.09 21.78 4.04
N PHE A 771 29.36 21.41 4.28
CA PHE A 771 29.62 20.43 5.32
C PHE A 771 29.16 20.93 6.68
N LEU A 772 29.47 22.19 7.01
CA LEU A 772 29.06 22.74 8.30
C LEU A 772 27.54 22.72 8.46
N GLN A 773 26.83 23.23 7.45
CA GLN A 773 25.37 23.33 7.54
C GLN A 773 24.74 21.95 7.63
N GLY A 774 25.19 21.02 6.78
CA GLY A 774 24.64 19.68 6.83
C GLY A 774 24.89 19.01 8.16
N PHE A 775 26.10 19.13 8.70
CA PHE A 775 26.40 18.51 9.98
C PHE A 775 25.54 19.08 11.09
N THR A 776 25.45 20.42 11.18
CA THR A 776 24.71 21.01 12.29
C THR A 776 23.22 20.69 12.19
N PHE A 777 22.63 20.80 10.99
CA PHE A 777 21.22 20.48 10.86
C PHE A 777 20.96 19.00 11.13
N GLY A 778 21.85 18.12 10.67
CA GLY A 778 21.68 16.71 10.94
C GLY A 778 21.73 16.39 12.42
N LYS A 779 22.70 16.98 13.14
CA LYS A 779 22.77 16.72 14.57
C LYS A 779 21.55 17.26 15.29
N ALA A 780 21.08 18.45 14.91
CA ALA A 780 19.88 19.00 15.53
C ALA A 780 18.68 18.10 15.29
N GLY A 781 18.52 17.64 14.05
CA GLY A 781 17.41 16.76 13.73
C GLY A 781 17.49 15.45 14.46
N GLU A 782 18.70 14.91 14.64
CA GLU A 782 18.83 13.64 15.33
C GLU A 782 18.55 13.78 16.82
N ILE A 783 18.99 14.87 17.43
CA ILE A 783 18.63 15.12 18.83
C ILE A 783 17.12 15.27 18.96
N LEU A 784 16.50 15.97 18.00
CA LEU A 784 15.05 16.09 17.98
C LEU A 784 14.39 14.72 17.92
N THR A 785 14.88 13.86 17.02
CA THR A 785 14.29 12.53 16.86
C THR A 785 14.43 11.71 18.12
N LYS A 786 15.61 11.75 18.74
CA LYS A 786 15.83 10.99 19.97
C LYS A 786 14.90 11.47 21.08
N ARG A 787 14.81 12.78 21.28
CA ARG A 787 13.96 13.29 22.35
C ARG A 787 12.49 12.99 22.07
N LEU A 788 12.06 13.12 20.82
CA LEU A 788 10.69 12.79 20.48
C LEU A 788 10.38 11.33 20.70
N ARG A 789 11.29 10.43 20.32
CA ARG A 789 11.08 9.01 20.55
C ARG A 789 10.97 8.72 22.04
N TYR A 790 11.87 9.29 22.83
CA TYR A 790 11.82 9.07 24.27
C TYR A 790 10.50 9.55 24.86
N MET A 791 10.08 10.77 24.50
CA MET A 791 8.86 11.32 25.06
C MET A 791 7.63 10.56 24.61
N VAL A 792 7.57 10.16 23.33
CA VAL A 792 6.39 9.45 22.85
C VAL A 792 6.32 8.06 23.48
N PHE A 793 7.47 7.42 23.69
CA PHE A 793 7.47 6.14 24.39
C PHE A 793 6.99 6.31 25.82
N ARG A 794 7.45 7.38 26.49
CA ARG A 794 6.98 7.69 27.84
C ARG A 794 5.46 7.86 27.85
N SER A 795 4.93 8.62 26.90
CA SER A 795 3.50 8.87 26.85
C SER A 795 2.72 7.60 26.59
N MET A 796 3.21 6.76 25.68
CA MET A 796 2.53 5.50 25.40
C MET A 796 2.52 4.61 26.63
N LEU A 797 3.64 4.56 27.37
CA LEU A 797 3.67 3.77 28.60
C LEU A 797 2.80 4.39 29.68
N ARG A 798 2.54 5.69 29.63
CA ARG A 798 1.72 6.33 30.65
C ARG A 798 0.25 6.00 30.49
N GLN A 799 -0.25 5.96 29.26
CA GLN A 799 -1.67 5.74 29.02
C GLN A 799 -2.04 4.28 29.28
N ASP A 800 -3.31 4.06 29.58
CA ASP A 800 -3.81 2.73 29.93
C ASP A 800 -4.07 1.92 28.67
N VAL A 801 -4.73 0.76 28.82
CA VAL A 801 -4.95 -0.16 27.71
C VAL A 801 -6.14 0.23 26.84
N SER A 802 -6.99 1.15 27.28
CA SER A 802 -8.13 1.57 26.47
C SER A 802 -7.67 2.09 25.12
N TRP A 803 -6.54 2.79 25.09
CA TRP A 803 -5.93 3.21 23.83
C TRP A 803 -5.49 2.01 23.01
N PHE A 804 -4.84 1.04 23.65
CA PHE A 804 -4.25 -0.07 22.91
C PHE A 804 -5.32 -0.96 22.27
N ASP A 805 -6.42 -1.19 22.99
CA ASP A 805 -7.44 -2.11 22.49
C ASP A 805 -8.11 -1.62 21.22
N ASP A 806 -8.01 -0.33 20.92
CA ASP A 806 -8.59 0.20 19.70
C ASP A 806 -7.86 -0.40 18.49
N PRO A 807 -8.58 -0.94 17.51
CA PRO A 807 -7.90 -1.60 16.37
C PRO A 807 -7.34 -0.65 15.34
N LYS A 808 -7.66 0.65 15.41
CA LYS A 808 -7.04 1.60 14.50
C LYS A 808 -5.55 1.70 14.71
N ASN A 809 -5.09 1.59 15.97
CA ASN A 809 -3.69 1.71 16.33
C ASN A 809 -3.26 0.41 17.01
N THR A 810 -2.70 -0.50 16.24
CA THR A 810 -2.24 -1.79 16.74
C THR A 810 -0.75 -1.71 17.06
N THR A 811 -0.16 -2.87 17.37
CA THR A 811 1.27 -2.92 17.65
C THR A 811 2.08 -2.52 16.42
N GLY A 812 1.67 -2.99 15.24
CA GLY A 812 2.37 -2.59 14.02
C GLY A 812 2.28 -1.10 13.75
N ALA A 813 1.10 -0.52 13.94
CA ALA A 813 0.94 0.92 13.76
C ALA A 813 1.79 1.70 14.75
N LEU A 814 1.81 1.25 16.02
CA LEU A 814 2.59 1.95 17.04
C LEU A 814 4.09 1.85 16.76
N THR A 815 4.57 0.68 16.34
CA THR A 815 6.00 0.58 16.05
C THR A 815 6.36 1.33 14.77
N THR A 816 5.43 1.44 13.83
CA THR A 816 5.66 2.30 12.67
C THR A 816 5.76 3.77 13.11
N ARG A 817 4.90 4.17 14.04
CA ARG A 817 4.96 5.52 14.58
C ARG A 817 6.29 5.78 15.27
N LEU A 818 6.75 4.82 16.08
CA LEU A 818 8.02 4.98 16.79
C LEU A 818 9.20 5.00 15.84
N ALA A 819 9.18 4.15 14.81
CA ALA A 819 10.35 3.94 13.97
C ALA A 819 10.39 4.89 12.78
N ASN A 820 9.36 4.86 11.93
CA ASN A 820 9.38 5.58 10.67
C ASN A 820 8.67 6.92 10.74
N ASP A 821 7.56 7.02 11.48
CA ASP A 821 6.78 8.25 11.48
C ASP A 821 7.54 9.39 12.16
N ALA A 822 8.15 9.12 13.32
CA ALA A 822 8.86 10.16 14.05
C ALA A 822 10.18 10.55 13.42
N ALA A 823 10.66 9.78 12.43
CA ALA A 823 11.92 10.12 11.79
C ALA A 823 11.77 11.24 10.77
N GLN A 824 10.56 11.53 10.31
CA GLN A 824 10.33 12.57 9.32
C GLN A 824 10.01 13.92 9.93
N VAL A 825 9.95 14.03 11.27
CA VAL A 825 9.63 15.30 11.89
C VAL A 825 10.71 16.33 11.60
N LYS A 826 11.96 15.89 11.44
CA LYS A 826 13.02 16.81 11.07
C LYS A 826 12.83 17.40 9.67
N GLY A 827 11.92 16.84 8.87
CA GLY A 827 11.57 17.47 7.61
C GLY A 827 10.71 18.70 7.77
N ALA A 828 10.00 18.83 8.89
CA ALA A 828 9.13 19.98 9.09
C ALA A 828 9.91 21.19 9.62
N ILE A 829 10.87 20.96 10.49
CA ILE A 829 11.72 22.01 11.04
C ILE A 829 13.17 21.58 10.88
N GLY A 830 14.04 22.52 10.55
CA GLY A 830 15.39 22.17 10.20
C GLY A 830 15.60 22.21 8.70
N SER A 831 15.55 21.03 8.06
CA SER A 831 15.70 20.97 6.61
C SER A 831 14.73 21.90 5.90
N ARG A 832 13.51 22.04 6.42
CA ARG A 832 12.55 22.97 5.86
C ARG A 832 13.09 24.40 5.93
N LEU A 833 13.61 24.79 7.10
CA LEU A 833 14.23 26.09 7.24
C LEU A 833 15.41 26.24 6.30
N ALA A 834 16.19 25.17 6.13
CA ALA A 834 17.35 25.22 5.25
C ALA A 834 16.93 25.51 3.81
N VAL A 835 15.95 24.78 3.29
CA VAL A 835 15.55 24.98 1.90
C VAL A 835 14.88 26.34 1.72
N ILE A 836 14.03 26.74 2.66
CA ILE A 836 13.37 28.04 2.55
C ILE A 836 14.41 29.17 2.55
N THR A 837 15.35 29.12 3.49
CA THR A 837 16.37 30.16 3.59
C THR A 837 17.26 30.16 2.36
N GLN A 838 17.65 28.99 1.86
CA GLN A 838 18.50 28.92 0.70
C GLN A 838 17.83 29.52 -0.52
N ASN A 839 16.56 29.16 -0.75
CA ASN A 839 15.83 29.72 -1.88
C ASN A 839 15.65 31.23 -1.72
N ILE A 840 15.34 31.69 -0.51
CA ILE A 840 15.12 33.11 -0.29
C ILE A 840 16.39 33.90 -0.58
N ALA A 841 17.52 33.43 -0.06
CA ALA A 841 18.79 34.12 -0.33
C ALA A 841 19.14 34.06 -1.80
N ASN A 842 18.91 32.91 -2.45
CA ASN A 842 19.25 32.78 -3.87
C ASN A 842 18.44 33.74 -4.73
N LEU A 843 17.15 33.89 -4.45
CA LEU A 843 16.34 34.85 -5.17
C LEU A 843 16.76 36.28 -4.86
N GLY A 844 16.93 36.58 -3.56
CA GLY A 844 17.18 37.96 -3.17
C GLY A 844 18.48 38.51 -3.69
N THR A 845 19.57 37.75 -3.54
CA THR A 845 20.88 38.25 -3.97
C THR A 845 20.88 38.50 -5.48
N GLY A 846 20.35 37.56 -6.24
CA GLY A 846 20.29 37.74 -7.68
C GLY A 846 19.46 38.94 -8.08
N ILE A 847 18.26 39.07 -7.50
CA ILE A 847 17.39 40.18 -7.84
C ILE A 847 18.07 41.51 -7.52
N ILE A 848 18.67 41.59 -6.33
CA ILE A 848 19.28 42.85 -5.90
C ILE A 848 20.45 43.23 -6.79
N ILE A 849 21.32 42.26 -7.10
CA ILE A 849 22.49 42.58 -7.91
C ILE A 849 22.09 42.94 -9.33
N SER A 850 21.07 42.26 -9.86
CA SER A 850 20.58 42.61 -11.19
C SER A 850 19.99 44.01 -11.22
N PHE A 851 19.23 44.36 -10.18
CA PHE A 851 18.70 45.73 -10.08
C PHE A 851 19.83 46.74 -10.01
N ILE A 852 20.88 46.43 -9.25
CA ILE A 852 22.03 47.34 -9.15
C ILE A 852 22.66 47.54 -10.52
N TYR A 853 22.84 46.45 -11.26
CA TYR A 853 23.47 46.58 -12.58
C TYR A 853 22.51 47.14 -13.61
N GLY A 854 21.32 46.55 -13.75
CA GLY A 854 20.33 47.06 -14.68
C GLY A 854 18.89 46.78 -14.29
N TRP A 855 18.07 47.83 -14.21
CA TRP A 855 16.71 47.66 -13.69
C TRP A 855 15.71 47.29 -14.77
N GLN A 856 15.89 47.77 -16.00
CA GLN A 856 14.94 47.45 -17.06
C GLN A 856 14.94 45.97 -17.38
N LEU A 857 16.12 45.41 -17.63
CA LEU A 857 16.22 44.00 -17.99
C LEU A 857 15.76 43.10 -16.85
N THR A 858 16.13 43.44 -15.62
CA THR A 858 15.67 42.64 -14.49
C THR A 858 14.16 42.77 -14.30
N LEU A 859 13.58 43.93 -14.65
CA LEU A 859 12.12 44.06 -14.61
C LEU A 859 11.47 43.13 -15.64
N LEU A 860 12.01 43.12 -16.86
CA LEU A 860 11.46 42.23 -17.87
C LEU A 860 11.57 40.77 -17.45
N LEU A 861 12.72 40.38 -16.87
CA LEU A 861 12.88 39.02 -16.40
C LEU A 861 11.94 38.70 -15.25
N LEU A 862 11.76 39.66 -14.32
CA LEU A 862 10.83 39.49 -13.22
C LEU A 862 9.38 39.54 -13.66
N ALA A 863 9.14 39.88 -14.92
CA ALA A 863 7.81 39.76 -15.52
C ALA A 863 7.63 38.49 -16.34
N ILE A 864 8.70 37.94 -16.91
CA ILE A 864 8.55 36.80 -17.80
C ILE A 864 8.94 35.46 -17.16
N VAL A 865 9.59 35.47 -16.00
CA VAL A 865 9.90 34.22 -15.30
C VAL A 865 8.73 33.70 -14.46
N PRO A 866 8.04 34.55 -13.69
CA PRO A 866 6.89 34.05 -12.92
C PRO A 866 5.83 33.39 -13.78
N ILE A 867 5.64 33.83 -15.02
CA ILE A 867 4.66 33.17 -15.88
C ILE A 867 5.12 31.76 -16.23
N ILE A 868 6.43 31.56 -16.42
CA ILE A 868 6.94 30.22 -16.65
C ILE A 868 6.69 29.34 -15.44
N ALA A 869 6.96 29.87 -14.24
CA ALA A 869 6.73 29.09 -13.03
C ALA A 869 5.25 28.75 -12.86
N ILE A 870 4.37 29.71 -13.13
CA ILE A 870 2.94 29.47 -12.99
C ILE A 870 2.47 28.46 -14.06
N ALA A 871 3.08 28.49 -15.24
CA ALA A 871 2.75 27.49 -16.25
C ALA A 871 3.14 26.09 -15.77
N GLY A 872 4.32 25.98 -15.16
CA GLY A 872 4.73 24.69 -14.62
C GLY A 872 3.78 24.16 -13.56
N VAL A 873 3.40 25.03 -12.62
CA VAL A 873 2.52 24.58 -11.54
C VAL A 873 1.13 24.25 -12.08
N VAL A 874 0.67 25.02 -13.08
CA VAL A 874 -0.62 24.72 -13.70
C VAL A 874 -0.58 23.37 -14.40
N GLU A 875 0.52 23.07 -15.08
CA GLU A 875 0.67 21.76 -15.72
C GLU A 875 0.62 20.64 -14.70
N MET A 876 1.33 20.80 -13.57
CA MET A 876 1.30 19.77 -12.55
C MET A 876 -0.10 19.59 -11.98
N LYS A 877 -0.82 20.68 -11.74
CA LYS A 877 -2.19 20.60 -11.23
C LYS A 877 -3.09 19.87 -12.22
N MET A 878 -2.96 20.20 -13.51
CA MET A 878 -3.76 19.53 -14.53
C MET A 878 -3.48 18.04 -14.58
N LEU A 879 -2.19 17.66 -14.47
CA LEU A 879 -1.85 16.25 -14.48
C LEU A 879 -2.47 15.51 -13.30
N SER A 880 -2.37 16.10 -12.10
CA SER A 880 -2.94 15.45 -10.93
C SER A 880 -4.45 15.30 -11.05
N GLY A 881 -5.13 16.37 -11.49
CA GLY A 881 -6.56 16.29 -11.65
C GLY A 881 -6.98 15.27 -12.70
N GLN A 882 -6.24 15.20 -13.80
CA GLN A 882 -6.54 14.22 -14.85
C GLN A 882 -6.40 12.79 -14.32
N ALA A 883 -5.33 12.53 -13.57
CA ALA A 883 -5.14 11.19 -13.02
C ALA A 883 -6.27 10.83 -12.05
N LEU A 884 -6.63 11.76 -11.17
CA LEU A 884 -7.69 11.49 -10.21
C LEU A 884 -9.02 11.24 -10.91
N LYS A 885 -9.35 12.06 -11.91
CA LYS A 885 -10.59 11.88 -12.65
C LYS A 885 -10.60 10.54 -13.38
N ASP A 886 -9.47 10.15 -13.98
CA ASP A 886 -9.40 8.86 -14.66
C ASP A 886 -9.68 7.71 -13.71
N LYS A 887 -9.03 7.72 -12.54
CA LYS A 887 -9.26 6.64 -11.58
C LYS A 887 -10.70 6.62 -11.11
N LYS A 888 -11.26 7.79 -10.78
CA LYS A 888 -12.62 7.83 -10.26
C LYS A 888 -13.63 7.39 -11.32
N GLU A 889 -13.35 7.67 -12.59
CA GLU A 889 -14.25 7.23 -13.65
C GLU A 889 -14.12 5.73 -13.89
N LEU A 890 -12.89 5.20 -13.88
CA LEU A 890 -12.70 3.78 -14.13
C LEU A 890 -13.19 2.91 -12.99
N GLU A 891 -13.38 3.48 -11.79
CA GLU A 891 -13.97 2.69 -10.71
C GLU A 891 -15.35 2.15 -11.09
N GLY A 892 -16.08 2.86 -11.97
CA GLY A 892 -17.38 2.38 -12.38
C GLY A 892 -17.31 1.07 -13.14
N SER A 893 -16.38 0.98 -14.09
CA SER A 893 -16.18 -0.29 -14.80
C SER A 893 -15.54 -1.33 -13.90
N GLY A 894 -14.70 -0.91 -12.96
CA GLY A 894 -14.15 -1.85 -12.00
C GLY A 894 -15.22 -2.52 -11.16
N LYS A 895 -16.29 -1.78 -10.84
CA LYS A 895 -17.40 -2.37 -10.09
C LYS A 895 -18.03 -3.51 -10.87
N ILE A 896 -18.27 -3.30 -12.18
CA ILE A 896 -18.84 -4.37 -13.02
C ILE A 896 -17.87 -5.54 -13.10
N ALA A 897 -16.58 -5.26 -13.25
CA ALA A 897 -15.59 -6.32 -13.32
C ALA A 897 -15.60 -7.17 -12.06
N THR A 898 -15.64 -6.52 -10.89
CA THR A 898 -15.69 -7.26 -9.63
C THR A 898 -16.98 -8.07 -9.52
N GLU A 899 -18.11 -7.48 -9.93
CA GLU A 899 -19.37 -8.21 -9.88
C GLU A 899 -19.35 -9.43 -10.79
N ALA A 900 -18.59 -9.35 -11.89
CA ALA A 900 -18.53 -10.45 -12.84
C ALA A 900 -17.60 -11.56 -12.37
N ILE A 901 -16.37 -11.21 -12.00
CA ILE A 901 -15.36 -12.22 -11.70
C ILE A 901 -15.77 -13.03 -10.47
N GLU A 902 -16.23 -12.35 -9.41
CA GLU A 902 -16.54 -13.03 -8.17
C GLU A 902 -17.73 -13.97 -8.30
N ASN A 903 -18.54 -13.83 -9.34
CA ASN A 903 -19.67 -14.71 -9.60
C ASN A 903 -19.47 -15.48 -10.90
N PHE A 904 -18.23 -15.95 -11.13
CA PHE A 904 -17.91 -16.62 -12.39
C PHE A 904 -18.74 -17.88 -12.57
N ARG A 905 -18.94 -18.65 -11.49
CA ARG A 905 -19.71 -19.88 -11.58
C ARG A 905 -21.12 -19.62 -12.09
N THR A 906 -21.81 -18.66 -11.49
CA THR A 906 -23.19 -18.39 -11.87
C THR A 906 -23.30 -17.82 -13.28
N VAL A 907 -22.41 -16.88 -13.62
CA VAL A 907 -22.49 -16.27 -14.95
C VAL A 907 -22.17 -17.29 -16.04
N VAL A 908 -21.26 -18.22 -15.77
CA VAL A 908 -21.01 -19.29 -16.72
C VAL A 908 -22.21 -20.22 -16.82
N SER A 909 -22.81 -20.56 -15.67
CA SER A 909 -23.97 -21.46 -15.69
C SER A 909 -25.16 -20.85 -16.41
N LEU A 910 -25.28 -19.52 -16.40
CA LEU A 910 -26.41 -18.84 -17.01
C LEU A 910 -26.12 -18.33 -18.42
N THR A 911 -24.99 -18.72 -18.99
CA THR A 911 -24.54 -18.34 -20.34
C THR A 911 -24.88 -16.89 -20.67
N GLN A 912 -24.50 -16.00 -19.75
CA GLN A 912 -24.69 -14.55 -19.93
C GLN A 912 -23.37 -13.82 -20.11
N GLU A 913 -22.32 -14.53 -20.50
CA GLU A 913 -21.01 -13.91 -20.68
C GLU A 913 -21.05 -12.84 -21.77
N GLN A 914 -21.77 -13.10 -22.85
CA GLN A 914 -21.91 -12.11 -23.91
C GLN A 914 -22.55 -10.83 -23.39
N LYS A 915 -23.61 -10.95 -22.59
CA LYS A 915 -24.28 -9.78 -22.06
C LYS A 915 -23.36 -9.00 -21.13
N PHE A 916 -22.58 -9.70 -20.30
CA PHE A 916 -21.66 -9.01 -19.41
C PHE A 916 -20.58 -8.28 -20.20
N GLU A 917 -20.05 -8.91 -21.25
CA GLU A 917 -19.08 -8.23 -22.09
C GLU A 917 -19.68 -6.99 -22.74
N HIS A 918 -20.92 -7.11 -23.23
CA HIS A 918 -21.58 -5.96 -23.86
C HIS A 918 -21.79 -4.84 -22.86
N MET A 919 -22.19 -5.16 -21.63
CA MET A 919 -22.37 -4.14 -20.61
C MET A 919 -21.04 -3.48 -20.25
N TYR A 920 -19.96 -4.27 -20.19
CA TYR A 920 -18.63 -3.70 -19.94
C TYR A 920 -18.19 -2.79 -21.08
N ALA A 921 -18.70 -3.05 -22.30
CA ALA A 921 -18.25 -2.29 -23.46
C ALA A 921 -18.51 -0.79 -23.30
N GLN A 922 -19.75 -0.40 -22.94
CA GLN A 922 -20.06 1.03 -22.85
C GLN A 922 -19.36 1.69 -21.66
N SER A 923 -19.29 0.97 -20.54
CA SER A 923 -18.61 1.48 -19.36
C SER A 923 -17.14 1.72 -19.66
N LEU A 924 -16.56 0.95 -20.59
CA LEU A 924 -15.24 1.31 -21.10
C LEU A 924 -15.32 2.46 -22.10
N GLN A 925 -16.40 2.53 -22.88
CA GLN A 925 -16.48 3.47 -23.99
C GLN A 925 -16.44 4.91 -23.51
N VAL A 926 -17.13 5.21 -22.42
CA VAL A 926 -17.16 6.60 -21.92
C VAL A 926 -15.74 7.06 -21.54
N PRO A 927 -14.99 6.30 -20.70
CA PRO A 927 -13.62 6.71 -20.40
C PRO A 927 -12.73 6.77 -21.63
N TYR A 928 -13.09 6.08 -22.72
CA TYR A 928 -12.32 6.21 -23.95
C TYR A 928 -12.38 7.64 -24.49
N ARG A 929 -13.60 8.21 -24.56
CA ARG A 929 -13.75 9.60 -24.97
C ARG A 929 -13.06 10.53 -23.97
N ASN A 930 -13.21 10.24 -22.68
CA ASN A 930 -12.53 11.06 -21.67
C ASN A 930 -11.02 11.04 -21.89
N SER A 931 -10.47 9.87 -22.22
CA SER A 931 -9.03 9.75 -22.44
C SER A 931 -8.60 10.50 -23.69
N LEU A 932 -9.40 10.48 -24.75
CA LEU A 932 -9.07 11.27 -25.93
C LEU A 932 -9.01 12.75 -25.59
N ARG A 933 -10.02 13.24 -24.87
CA ARG A 933 -10.02 14.66 -24.50
C ARG A 933 -8.84 15.01 -23.61
N LYS A 934 -8.53 14.15 -22.63
CA LYS A 934 -7.40 14.40 -21.76
C LYS A 934 -6.09 14.38 -22.54
N ALA A 935 -5.99 13.51 -23.55
CA ALA A 935 -4.79 13.48 -24.37
C ALA A 935 -4.61 14.80 -25.11
N HIS A 936 -5.70 15.31 -25.70
CA HIS A 936 -5.58 16.59 -26.41
C HIS A 936 -5.20 17.73 -25.48
N ILE A 937 -5.85 17.81 -24.31
CA ILE A 937 -5.56 18.93 -23.42
C ILE A 937 -4.16 18.82 -22.84
N PHE A 938 -3.71 17.59 -22.54
CA PHE A 938 -2.34 17.39 -22.07
C PHE A 938 -1.35 17.78 -23.15
N GLY A 939 -1.63 17.44 -24.41
CA GLY A 939 -0.77 17.88 -25.49
C GLY A 939 -0.66 19.39 -25.54
N ILE A 940 -1.79 20.09 -25.42
CA ILE A 940 -1.77 21.54 -25.49
C ILE A 940 -0.96 22.13 -24.34
N THR A 941 -1.22 21.65 -23.11
CA THR A 941 -0.55 22.25 -21.96
C THR A 941 0.95 21.96 -21.96
N PHE A 942 1.34 20.73 -22.32
CA PHE A 942 2.77 20.42 -22.39
C PHE A 942 3.45 21.19 -23.51
N SER A 943 2.75 21.38 -24.63
CA SER A 943 3.33 22.16 -25.72
C SER A 943 3.58 23.60 -25.27
N PHE A 944 2.61 24.20 -24.57
CA PHE A 944 2.80 25.56 -24.10
C PHE A 944 3.90 25.63 -23.04
N THR A 945 3.97 24.65 -22.14
CA THR A 945 4.99 24.66 -21.11
C THR A 945 6.39 24.57 -21.71
N GLN A 946 6.56 23.70 -22.70
CA GLN A 946 7.89 23.45 -23.27
C GLN A 946 8.29 24.46 -24.33
N ALA A 947 7.38 25.33 -24.76
CA ALA A 947 7.66 26.30 -25.82
C ALA A 947 7.98 27.68 -25.30
N MET A 948 7.39 28.09 -24.17
CA MET A 948 7.54 29.46 -23.70
C MET A 948 8.99 29.84 -23.43
N MET A 949 9.86 28.86 -23.21
CA MET A 949 11.27 29.18 -22.94
C MET A 949 11.92 29.86 -24.14
N TYR A 950 11.65 29.35 -25.34
CA TYR A 950 12.30 29.90 -26.54
C TYR A 950 11.81 31.31 -26.83
N PHE A 951 10.49 31.53 -26.74
CA PHE A 951 9.97 32.88 -26.93
C PHE A 951 10.47 33.83 -25.87
N SER A 952 10.59 33.34 -24.63
CA SER A 952 11.15 34.16 -23.56
C SER A 952 12.58 34.56 -23.86
N TYR A 953 13.39 33.61 -24.32
CA TYR A 953 14.76 33.92 -24.74
C TYR A 953 14.76 34.98 -25.84
N ALA A 954 13.91 34.80 -26.85
CA ALA A 954 13.89 35.72 -27.98
C ALA A 954 13.55 37.13 -27.52
N GLY A 955 12.48 37.27 -26.74
CA GLY A 955 12.06 38.59 -26.29
C GLY A 955 13.08 39.24 -25.37
N CYS A 956 13.61 38.48 -24.41
CA CYS A 956 14.58 39.04 -23.48
C CYS A 956 15.83 39.50 -24.20
N PHE A 957 16.34 38.71 -25.14
CA PHE A 957 17.56 39.12 -25.81
C PHE A 957 17.30 40.22 -26.83
N ARG A 958 16.10 40.30 -27.40
CA ARG A 958 15.77 41.47 -28.22
C ARG A 958 15.77 42.74 -27.37
N PHE A 959 15.18 42.67 -26.18
CA PHE A 959 15.20 43.84 -25.30
C PHE A 959 16.62 44.19 -24.90
N GLY A 960 17.44 43.19 -24.61
CA GLY A 960 18.83 43.44 -24.28
C GLY A 960 19.60 44.09 -25.41
N ALA A 961 19.36 43.63 -26.64
CA ALA A 961 20.00 44.24 -27.79
C ALA A 961 19.58 45.69 -27.96
N TYR A 962 18.29 45.97 -27.77
CA TYR A 962 17.84 47.36 -27.82
C TYR A 962 18.54 48.19 -26.75
N LEU A 963 18.69 47.63 -25.56
CA LEU A 963 19.38 48.35 -24.48
C LEU A 963 20.82 48.65 -24.86
N VAL A 964 21.53 47.65 -25.36
CA VAL A 964 22.93 47.85 -25.75
C VAL A 964 23.06 48.79 -26.94
N ALA A 965 22.01 48.92 -27.75
CA ALA A 965 22.09 49.76 -28.94
C ALA A 965 22.36 51.21 -28.59
N HIS A 966 21.73 51.72 -27.52
CA HIS A 966 21.88 53.11 -27.13
C HIS A 966 22.79 53.27 -25.90
N LYS A 967 23.63 52.28 -25.62
CA LYS A 967 24.61 52.33 -24.53
C LYS A 967 23.96 52.55 -23.17
N LEU A 968 22.72 52.05 -23.01
CA LEU A 968 22.12 52.07 -21.67
C LEU A 968 22.88 51.17 -20.72
N MET A 969 23.31 50.01 -21.19
CA MET A 969 24.12 49.09 -20.40
C MET A 969 25.27 48.55 -21.24
N SER A 970 25.94 47.52 -20.75
CA SER A 970 26.99 46.84 -21.49
C SER A 970 26.63 45.37 -21.63
N PHE A 971 27.21 44.72 -22.65
CA PHE A 971 26.90 43.33 -22.92
C PHE A 971 27.22 42.45 -21.71
N GLU A 972 28.31 42.77 -21.01
CA GLU A 972 28.64 42.04 -19.79
C GLU A 972 27.52 42.18 -18.76
N ASP A 973 26.98 43.39 -18.61
CA ASP A 973 25.87 43.58 -17.68
C ASP A 973 24.63 42.81 -18.13
N VAL A 974 24.40 42.74 -19.44
CA VAL A 974 23.28 41.97 -19.96
C VAL A 974 23.42 40.50 -19.57
N LEU A 975 24.59 39.93 -19.83
CA LEU A 975 24.82 38.54 -19.45
C LEU A 975 24.71 38.35 -17.95
N LEU A 976 25.15 39.34 -17.17
CA LEU A 976 25.06 39.25 -15.72
C LEU A 976 23.61 39.18 -15.26
N VAL A 977 22.79 40.12 -15.70
CA VAL A 977 21.40 40.16 -15.26
C VAL A 977 20.59 39.03 -15.86
N PHE A 978 21.07 38.41 -16.93
CA PHE A 978 20.40 37.23 -17.48
C PHE A 978 20.73 35.99 -16.66
N SER A 979 22.02 35.71 -16.49
CA SER A 979 22.46 34.53 -15.78
C SER A 979 22.00 34.55 -14.32
N ALA A 980 22.16 35.69 -13.65
CA ALA A 980 21.85 35.75 -12.23
C ALA A 980 20.40 35.42 -11.94
N VAL A 981 19.52 35.53 -12.93
CA VAL A 981 18.12 35.18 -12.76
C VAL A 981 17.82 33.77 -13.24
N VAL A 982 18.32 33.39 -14.42
CA VAL A 982 17.96 32.07 -14.95
C VAL A 982 18.60 30.96 -14.12
N PHE A 983 19.91 31.09 -13.83
CA PHE A 983 20.57 30.09 -12.99
C PHE A 983 19.98 30.10 -11.59
N GLY A 984 19.60 31.28 -11.09
CA GLY A 984 18.94 31.34 -9.79
C GLY A 984 17.65 30.55 -9.75
N ALA A 985 16.82 30.70 -10.79
CA ALA A 985 15.56 29.97 -10.84
C ALA A 985 15.80 28.46 -10.93
N MET A 986 16.73 28.04 -11.78
CA MET A 986 17.02 26.61 -11.89
C MET A 986 17.54 26.05 -10.56
N ALA A 987 18.43 26.79 -9.90
CA ALA A 987 18.94 26.34 -8.61
C ALA A 987 17.83 26.28 -7.57
N VAL A 988 16.90 27.24 -7.60
CA VAL A 988 15.78 27.20 -6.68
C VAL A 988 14.98 25.92 -6.88
N GLY A 989 14.66 25.60 -8.13
CA GLY A 989 13.93 24.38 -8.41
C GLY A 989 14.66 23.14 -7.92
N GLN A 990 15.95 23.05 -8.21
CA GLN A 990 16.72 21.87 -7.83
C GLN A 990 16.84 21.72 -6.32
N VAL A 991 17.12 22.83 -5.62
CA VAL A 991 17.26 22.76 -4.17
C VAL A 991 15.92 22.42 -3.53
N SER A 992 14.82 22.93 -4.07
CA SER A 992 13.50 22.54 -3.57
C SER A 992 13.27 21.05 -3.79
N SER A 993 13.72 20.52 -4.93
CA SER A 993 13.57 19.09 -5.18
C SER A 993 14.41 18.26 -4.20
N PHE A 994 15.58 18.76 -3.81
CA PHE A 994 16.49 18.00 -2.95
C PHE A 994 15.85 17.67 -1.61
N ALA A 995 15.17 18.65 -0.99
CA ALA A 995 14.61 18.47 0.33
C ALA A 995 13.42 17.52 0.29
N PRO A 996 13.11 16.85 1.44
CA PRO A 996 12.00 15.89 1.51
C PRO A 996 10.61 16.54 1.63
N ASP A 997 10.38 17.57 0.83
CA ASP A 997 9.10 18.28 0.75
C ASP A 997 8.65 18.74 2.14
N TYR A 998 7.34 18.91 2.33
CA TYR A 998 6.79 19.36 3.61
C TYR A 998 5.54 18.61 4.06
N ALA A 999 4.75 18.03 3.14
CA ALA A 999 3.45 17.50 3.51
C ALA A 999 3.56 16.26 4.39
N LYS A 1000 4.49 15.37 4.05
CA LYS A 1000 4.69 14.18 4.87
C LYS A 1000 5.15 14.56 6.27
N ALA A 1001 6.05 15.53 6.37
CA ALA A 1001 6.50 16.00 7.68
C ALA A 1001 5.35 16.60 8.47
N LYS A 1002 4.49 17.38 7.82
CA LYS A 1002 3.37 18.00 8.51
C LYS A 1002 2.40 16.94 9.03
N ILE A 1003 2.06 15.96 8.20
CA ILE A 1003 1.10 14.95 8.64
C ILE A 1003 1.70 14.07 9.72
N SER A 1004 3.01 13.85 9.69
CA SER A 1004 3.66 13.09 10.76
C SER A 1004 3.67 13.88 12.06
N ALA A 1005 3.99 15.18 11.98
CA ALA A 1005 4.06 16.01 13.18
C ALA A 1005 2.70 16.14 13.83
N ALA A 1006 1.63 16.20 13.03
CA ALA A 1006 0.29 16.24 13.60
C ALA A 1006 0.06 15.03 14.51
N HIS A 1007 0.33 13.83 14.00
CA HIS A 1007 0.16 12.62 14.80
C HIS A 1007 1.05 12.64 16.02
N ILE A 1008 2.31 13.04 15.85
CA ILE A 1008 3.26 13.01 16.97
C ILE A 1008 2.80 13.93 18.08
N ILE A 1009 2.40 15.16 17.73
CA ILE A 1009 1.98 16.11 18.75
C ILE A 1009 0.67 15.67 19.40
N MET A 1010 -0.26 15.13 18.62
CA MET A 1010 -1.51 14.66 19.20
C MET A 1010 -1.27 13.50 20.16
N ILE A 1011 -0.29 12.65 19.86
CA ILE A 1011 0.02 11.55 20.78
C ILE A 1011 0.68 12.09 22.04
N ILE A 1012 1.63 13.01 21.91
CA ILE A 1012 2.35 13.52 23.06
C ILE A 1012 1.40 14.26 24.00
N GLU A 1013 0.59 15.16 23.46
CA GLU A 1013 -0.30 15.97 24.29
C GLU A 1013 -1.45 15.18 24.88
N LYS A 1014 -1.69 13.95 24.43
CA LYS A 1014 -2.83 13.17 24.89
C LYS A 1014 -2.61 12.75 26.33
N THR A 1015 -3.27 13.44 27.26
CA THR A 1015 -3.19 13.09 28.67
C THR A 1015 -4.13 11.92 28.97
N PRO A 1016 -3.64 10.86 29.61
CA PRO A 1016 -4.50 9.70 29.87
C PRO A 1016 -5.57 10.01 30.91
N LEU A 1017 -6.67 9.23 30.83
CA LEU A 1017 -7.72 9.34 31.83
C LEU A 1017 -7.19 8.93 33.20
N ILE A 1018 -6.39 7.87 33.26
CA ILE A 1018 -5.76 7.41 34.49
C ILE A 1018 -4.27 7.63 34.34
N ASP A 1019 -3.75 8.67 34.98
CA ASP A 1019 -2.34 9.02 34.85
C ASP A 1019 -1.49 8.05 35.66
N SER A 1020 -0.54 7.40 34.98
CA SER A 1020 0.31 6.44 35.67
C SER A 1020 1.35 7.13 36.55
N TYR A 1021 1.99 8.19 36.03
CA TYR A 1021 3.09 8.81 36.74
C TYR A 1021 2.64 9.71 37.89
N SER A 1022 1.36 10.05 37.96
CA SER A 1022 0.89 10.96 39.00
C SER A 1022 1.05 10.33 40.37
N THR A 1023 1.56 11.11 41.32
CA THR A 1023 1.68 10.68 42.71
C THR A 1023 0.42 10.97 43.51
N GLU A 1024 -0.61 11.54 42.87
CA GLU A 1024 -1.85 11.86 43.57
C GLU A 1024 -2.63 10.59 43.87
N GLY A 1025 -2.44 10.04 45.06
CA GLY A 1025 -3.13 8.84 45.47
C GLY A 1025 -2.87 8.47 46.92
N LEU A 1026 -3.85 7.87 47.57
CA LEU A 1026 -3.70 7.51 48.98
C LEU A 1026 -2.68 6.39 49.14
N MET A 1027 -1.90 6.47 50.22
CA MET A 1027 -0.84 5.51 50.52
C MET A 1027 -1.07 4.94 51.91
N PRO A 1028 -2.01 4.01 52.06
CA PRO A 1028 -2.24 3.40 53.37
C PRO A 1028 -1.16 2.40 53.75
N ASN A 1029 -1.37 1.67 54.83
CA ASN A 1029 -0.39 0.69 55.31
C ASN A 1029 -0.54 -0.61 54.51
N THR A 1030 0.04 -1.69 55.01
CA THR A 1030 0.04 -2.96 54.30
C THR A 1030 -1.39 -3.41 53.99
N LEU A 1031 -1.58 -3.90 52.77
CA LEU A 1031 -2.90 -4.28 52.30
C LEU A 1031 -3.36 -5.56 52.99
N GLU A 1032 -4.67 -5.77 53.00
CA GLU A 1032 -5.29 -6.88 53.71
C GLU A 1032 -5.85 -7.95 52.80
N GLY A 1033 -6.77 -7.61 51.91
CA GLY A 1033 -7.29 -8.58 50.97
C GLY A 1033 -8.80 -8.62 50.86
N ASN A 1034 -9.49 -7.72 51.54
CA ASN A 1034 -10.95 -7.67 51.53
C ASN A 1034 -11.45 -7.01 50.24
N VAL A 1035 -11.30 -7.74 49.13
CA VAL A 1035 -11.74 -7.27 47.83
C VAL A 1035 -13.24 -7.52 47.68
N THR A 1036 -13.97 -6.48 47.28
CA THR A 1036 -15.42 -6.55 47.14
C THR A 1036 -15.83 -5.87 45.83
N PHE A 1037 -16.96 -6.30 45.28
CA PHE A 1037 -17.53 -5.72 44.08
C PHE A 1037 -18.98 -5.33 44.36
N GLY A 1038 -19.37 -4.13 43.94
CA GLY A 1038 -20.76 -3.72 44.05
C GLY A 1038 -21.31 -3.10 42.80
N GLU A 1039 -22.28 -3.80 42.17
CA GLU A 1039 -22.98 -3.31 40.99
C GLU A 1039 -22.00 -2.85 39.90
N VAL A 1040 -20.91 -3.58 39.75
CA VAL A 1040 -19.84 -3.14 38.85
C VAL A 1040 -20.28 -3.33 37.41
N VAL A 1041 -20.31 -2.24 36.66
CA VAL A 1041 -20.75 -2.23 35.26
C VAL A 1041 -19.63 -1.65 34.41
N PHE A 1042 -19.29 -2.34 33.32
CA PHE A 1042 -18.25 -1.89 32.42
C PHE A 1042 -18.52 -2.42 31.02
N ASN A 1043 -18.09 -1.66 30.03
CA ASN A 1043 -18.22 -2.04 28.63
C ASN A 1043 -16.87 -1.90 27.93
N TYR A 1044 -16.53 -2.89 27.11
CA TYR A 1044 -15.28 -2.83 26.36
C TYR A 1044 -15.32 -1.70 25.33
N PRO A 1045 -14.21 -1.00 25.13
CA PRO A 1045 -14.18 0.02 24.07
C PRO A 1045 -14.46 -0.54 22.68
N THR A 1046 -13.99 -1.77 22.41
CA THR A 1046 -14.24 -2.38 21.12
C THR A 1046 -15.69 -2.81 20.98
N ARG A 1047 -16.29 -3.34 22.05
CA ARG A 1047 -17.66 -3.82 22.05
C ARG A 1047 -18.42 -3.19 23.21
N PRO A 1048 -18.75 -1.89 23.11
CA PRO A 1048 -19.53 -1.28 24.19
C PRO A 1048 -20.95 -1.82 24.27
N ASP A 1049 -21.56 -2.11 23.12
CA ASP A 1049 -22.90 -2.68 23.13
C ASP A 1049 -22.93 -4.07 23.75
N ILE A 1050 -21.92 -4.88 23.45
CA ILE A 1050 -21.86 -6.24 24.00
C ILE A 1050 -21.66 -6.15 25.51
N PRO A 1051 -22.49 -6.79 26.32
CA PRO A 1051 -22.33 -6.71 27.77
C PRO A 1051 -21.15 -7.53 28.28
N VAL A 1052 -20.07 -6.85 28.67
CA VAL A 1052 -18.93 -7.53 29.26
C VAL A 1052 -18.91 -7.42 30.78
N LEU A 1053 -19.55 -6.40 31.35
CA LEU A 1053 -19.60 -6.25 32.80
C LEU A 1053 -20.86 -5.48 33.15
N GLN A 1054 -21.80 -6.14 33.83
CA GLN A 1054 -23.07 -5.53 34.20
C GLN A 1054 -23.47 -6.03 35.58
N GLY A 1055 -23.30 -5.18 36.59
CA GLY A 1055 -23.73 -5.50 37.94
C GLY A 1055 -22.99 -6.65 38.58
N LEU A 1056 -21.68 -6.74 38.37
CA LEU A 1056 -20.89 -7.75 39.03
C LEU A 1056 -20.74 -7.43 40.51
N SER A 1057 -20.76 -8.48 41.33
CA SER A 1057 -20.66 -8.33 42.79
C SER A 1057 -20.08 -9.63 43.35
N LEU A 1058 -18.79 -9.59 43.70
CA LEU A 1058 -18.10 -10.71 44.31
C LEU A 1058 -17.28 -10.22 45.49
N GLU A 1059 -17.01 -11.13 46.43
CA GLU A 1059 -16.33 -10.79 47.67
C GLU A 1059 -15.30 -11.85 48.03
N VAL A 1060 -14.11 -11.40 48.42
CA VAL A 1060 -13.07 -12.27 48.94
C VAL A 1060 -12.46 -11.61 50.17
N LYS A 1061 -11.90 -12.44 51.06
CA LYS A 1061 -11.40 -11.98 52.34
C LYS A 1061 -9.89 -12.27 52.44
N LYS A 1062 -9.34 -12.02 53.63
CA LYS A 1062 -7.91 -12.20 53.85
C LYS A 1062 -7.53 -13.68 53.80
N GLY A 1063 -6.46 -13.99 53.07
CA GLY A 1063 -5.90 -15.33 53.07
C GLY A 1063 -6.84 -16.42 52.63
N GLN A 1064 -7.80 -16.09 51.77
CA GLN A 1064 -8.78 -17.06 51.29
C GLN A 1064 -8.60 -17.27 49.79
N THR A 1065 -8.57 -18.53 49.37
CA THR A 1065 -8.39 -18.85 47.96
C THR A 1065 -9.73 -18.80 47.24
N LEU A 1066 -9.80 -17.98 46.19
CA LEU A 1066 -10.99 -17.83 45.37
C LEU A 1066 -10.64 -18.18 43.94
N ALA A 1067 -11.66 -18.57 43.17
CA ALA A 1067 -11.48 -18.91 41.76
C ALA A 1067 -12.50 -18.15 40.92
N LEU A 1068 -12.09 -17.82 39.69
CA LEU A 1068 -12.93 -17.08 38.75
C LEU A 1068 -12.93 -17.85 37.43
N VAL A 1069 -13.83 -18.81 37.31
CA VAL A 1069 -13.88 -19.69 36.15
C VAL A 1069 -14.85 -19.13 35.13
N GLY A 1070 -14.62 -19.43 33.86
CA GLY A 1070 -15.48 -18.98 32.79
C GLY A 1070 -14.81 -19.13 31.45
N SER A 1071 -15.56 -18.79 30.41
CA SER A 1071 -15.04 -18.86 29.06
C SER A 1071 -14.04 -17.73 28.81
N SER A 1072 -13.23 -17.89 27.77
CA SER A 1072 -12.19 -16.92 27.48
C SER A 1072 -12.79 -15.55 27.18
N GLY A 1073 -12.27 -14.53 27.87
CA GLY A 1073 -12.75 -13.18 27.67
C GLY A 1073 -14.20 -12.96 28.06
N CYS A 1074 -14.69 -13.70 29.04
CA CYS A 1074 -16.06 -13.53 29.53
C CYS A 1074 -16.15 -12.66 30.76
N GLY A 1075 -15.02 -12.12 31.22
CA GLY A 1075 -15.02 -11.31 32.43
C GLY A 1075 -13.81 -11.56 33.31
N LYS A 1076 -13.25 -12.77 33.22
CA LYS A 1076 -12.06 -13.10 34.00
C LYS A 1076 -10.90 -12.18 33.64
N SER A 1077 -10.66 -12.00 32.34
CA SER A 1077 -9.66 -11.03 31.91
C SER A 1077 -10.04 -9.63 32.37
N THR A 1078 -11.32 -9.29 32.29
CA THR A 1078 -11.76 -7.96 32.71
C THR A 1078 -11.54 -7.73 34.19
N VAL A 1079 -11.88 -8.71 35.03
CA VAL A 1079 -11.70 -8.52 36.47
C VAL A 1079 -10.22 -8.49 36.83
N VAL A 1080 -9.40 -9.29 36.14
CA VAL A 1080 -7.96 -9.24 36.35
C VAL A 1080 -7.42 -7.86 35.99
N GLN A 1081 -7.87 -7.33 34.85
CA GLN A 1081 -7.40 -6.02 34.40
C GLN A 1081 -7.84 -4.91 35.35
N LEU A 1082 -9.08 -4.98 35.84
CA LEU A 1082 -9.58 -3.91 36.71
C LEU A 1082 -8.95 -3.99 38.10
N LEU A 1083 -8.68 -5.20 38.60
CA LEU A 1083 -7.90 -5.33 39.82
C LEU A 1083 -6.52 -4.71 39.64
N GLU A 1084 -5.90 -4.94 38.48
CA GLU A 1084 -4.70 -4.24 38.08
C GLU A 1084 -4.96 -2.82 37.62
N ARG A 1085 -6.23 -2.40 37.58
CA ARG A 1085 -6.62 -1.05 37.19
C ARG A 1085 -6.23 -0.76 35.74
N PHE A 1086 -6.65 -1.66 34.84
CA PHE A 1086 -6.49 -1.42 33.41
C PHE A 1086 -7.74 -0.87 32.76
N TYR A 1087 -8.91 -1.09 33.36
CA TYR A 1087 -10.17 -0.58 32.84
C TYR A 1087 -11.01 -0.09 34.01
N ASP A 1088 -11.48 1.15 33.91
CA ASP A 1088 -12.32 1.72 34.96
C ASP A 1088 -13.78 1.41 34.65
N PRO A 1089 -14.50 0.71 35.52
CA PRO A 1089 -15.90 0.37 35.22
C PRO A 1089 -16.75 1.62 35.08
N LEU A 1090 -17.73 1.53 34.16
CA LEU A 1090 -18.65 2.65 33.96
C LEU A 1090 -19.48 2.91 35.21
N ALA A 1091 -19.95 1.85 35.87
CA ALA A 1091 -20.73 1.98 37.08
C ALA A 1091 -20.28 0.91 38.07
N GLY A 1092 -20.61 1.12 39.33
CA GLY A 1092 -20.25 0.20 40.39
C GLY A 1092 -18.94 0.57 41.07
N LYS A 1093 -18.72 -0.08 42.22
CA LYS A 1093 -17.55 0.21 43.05
C LYS A 1093 -16.78 -1.07 43.31
N VAL A 1094 -15.48 -1.04 43.02
CA VAL A 1094 -14.57 -2.12 43.35
C VAL A 1094 -13.81 -1.69 44.61
N LEU A 1095 -14.13 -2.32 45.73
CA LEU A 1095 -13.62 -1.92 47.03
C LEU A 1095 -12.41 -2.77 47.40
N LEU A 1096 -11.32 -2.10 47.77
CA LEU A 1096 -10.13 -2.76 48.30
C LEU A 1096 -10.02 -2.43 49.78
N ASP A 1097 -9.94 -3.48 50.61
CA ASP A 1097 -9.98 -3.33 52.07
C ASP A 1097 -11.24 -2.55 52.49
N GLY A 1098 -12.36 -2.91 51.88
CA GLY A 1098 -13.62 -2.26 52.14
C GLY A 1098 -13.75 -0.86 51.59
N LYS A 1099 -12.79 -0.40 50.79
CA LYS A 1099 -12.79 0.96 50.26
C LYS A 1099 -12.47 0.91 48.77
N GLU A 1100 -13.12 1.78 48.01
CA GLU A 1100 -13.02 1.73 46.55
C GLU A 1100 -11.60 1.97 46.08
N ILE A 1101 -11.24 1.31 44.98
CA ILE A 1101 -9.88 1.38 44.44
C ILE A 1101 -9.61 2.67 43.68
N LYS A 1102 -10.58 3.58 43.60
CA LYS A 1102 -10.39 4.80 42.84
C LYS A 1102 -9.33 5.71 43.48
N ARG A 1103 -9.39 5.87 44.80
CA ARG A 1103 -8.57 6.87 45.48
C ARG A 1103 -7.12 6.43 45.69
N LEU A 1104 -6.78 5.19 45.36
CA LEU A 1104 -5.42 4.70 45.53
C LEU A 1104 -4.56 5.04 44.32
N ASN A 1105 -3.27 5.27 44.57
CA ASN A 1105 -2.33 5.50 43.49
C ASN A 1105 -2.12 4.22 42.69
N VAL A 1106 -1.91 4.38 41.39
CA VAL A 1106 -1.89 3.24 40.48
C VAL A 1106 -0.74 2.29 40.81
N GLN A 1107 0.48 2.83 40.92
CA GLN A 1107 1.63 1.98 41.20
C GLN A 1107 1.52 1.34 42.58
N TRP A 1108 1.05 2.10 43.57
CA TRP A 1108 0.97 1.59 44.93
C TRP A 1108 0.03 0.40 45.02
N LEU A 1109 -1.12 0.45 44.33
CA LEU A 1109 -2.05 -0.67 44.36
C LEU A 1109 -1.56 -1.81 43.47
N ARG A 1110 -0.95 -1.50 42.33
CA ARG A 1110 -0.48 -2.55 41.43
C ARG A 1110 0.70 -3.32 42.00
N ALA A 1111 1.47 -2.72 42.91
CA ALA A 1111 2.64 -3.40 43.45
C ALA A 1111 2.28 -4.56 44.38
N HIS A 1112 1.02 -4.72 44.76
CA HIS A 1112 0.61 -5.72 45.74
C HIS A 1112 -0.06 -6.93 45.12
N LEU A 1113 -0.13 -7.02 43.80
CA LEU A 1113 -0.82 -8.11 43.12
C LEU A 1113 0.17 -9.01 42.39
N GLY A 1114 -0.20 -10.28 42.24
CA GLY A 1114 0.59 -11.23 41.49
C GLY A 1114 -0.20 -11.80 40.34
N ILE A 1115 0.28 -11.62 39.12
CA ILE A 1115 -0.44 -12.00 37.91
C ILE A 1115 0.39 -13.02 37.15
N VAL A 1116 -0.20 -14.19 36.90
CA VAL A 1116 0.37 -15.18 36.00
C VAL A 1116 -0.69 -15.51 34.96
N SER A 1117 -0.41 -15.20 33.70
CA SER A 1117 -1.38 -15.35 32.63
C SER A 1117 -1.30 -16.75 32.02
N GLN A 1118 -2.19 -17.01 31.04
CA GLN A 1118 -2.20 -18.30 30.38
C GLN A 1118 -0.90 -18.53 29.61
N GLU A 1119 -0.43 -17.51 28.91
CA GLU A 1119 0.82 -17.60 28.17
C GLU A 1119 1.88 -16.85 28.94
N PRO A 1120 2.83 -17.52 29.58
CA PRO A 1120 3.89 -16.80 30.28
C PRO A 1120 4.86 -16.14 29.32
N ILE A 1121 4.78 -14.83 29.19
CA ILE A 1121 5.62 -14.09 28.25
C ILE A 1121 6.90 -13.67 28.96
N LEU A 1122 8.04 -14.02 28.36
CA LEU A 1122 9.34 -13.69 28.90
C LEU A 1122 10.08 -12.76 27.95
N PHE A 1123 10.97 -11.95 28.50
CA PHE A 1123 11.65 -10.90 27.75
C PHE A 1123 13.09 -11.30 27.46
N ASP A 1124 13.64 -10.69 26.41
CA ASP A 1124 14.96 -11.02 25.91
C ASP A 1124 16.01 -10.44 26.85
N CYS A 1125 16.26 -11.17 27.93
CA CYS A 1125 17.29 -10.81 28.91
C CYS A 1125 17.68 -12.08 29.66
N SER A 1126 18.42 -11.92 30.75
CA SER A 1126 18.86 -13.07 31.52
C SER A 1126 17.76 -13.56 32.45
N ILE A 1127 17.94 -14.78 32.96
CA ILE A 1127 17.00 -15.34 33.92
C ILE A 1127 16.99 -14.50 35.19
N ALA A 1128 18.16 -14.09 35.66
CA ALA A 1128 18.23 -13.25 36.85
C ALA A 1128 17.50 -11.93 36.64
N GLU A 1129 17.68 -11.31 35.48
CA GLU A 1129 16.97 -10.07 35.19
C GLU A 1129 15.47 -10.31 35.10
N ASN A 1130 15.06 -11.42 34.47
CA ASN A 1130 13.64 -11.71 34.36
C ASN A 1130 12.99 -11.90 35.72
N ILE A 1131 13.67 -12.62 36.62
CA ILE A 1131 13.09 -12.81 37.95
C ILE A 1131 13.14 -11.53 38.76
N ALA A 1132 14.21 -10.73 38.62
CA ALA A 1132 14.28 -9.45 39.31
C ALA A 1132 13.22 -8.47 38.82
N TYR A 1133 12.71 -8.68 37.60
CA TYR A 1133 11.63 -7.85 37.09
C TYR A 1133 10.39 -7.95 37.96
N GLY A 1134 10.27 -9.02 38.76
CA GLY A 1134 9.08 -9.20 39.59
C GLY A 1134 8.79 -8.04 40.51
N ASP A 1135 9.84 -7.41 41.06
CA ASP A 1135 9.69 -6.24 41.90
C ASP A 1135 10.58 -5.13 41.36
N ASN A 1136 10.08 -3.89 41.43
CA ASN A 1136 10.79 -2.75 40.91
C ASN A 1136 11.01 -1.64 41.94
N SER A 1137 10.36 -1.70 43.10
CA SER A 1137 10.56 -0.69 44.13
C SER A 1137 11.96 -0.75 44.72
N ARG A 1138 12.64 -1.90 44.60
CA ARG A 1138 13.96 -2.07 45.17
C ARG A 1138 14.69 -3.17 44.40
N VAL A 1139 16.01 -3.17 44.52
CA VAL A 1139 16.84 -4.18 43.87
C VAL A 1139 16.78 -5.47 44.66
N VAL A 1140 16.97 -6.59 43.96
CA VAL A 1140 16.89 -7.93 44.55
C VAL A 1140 18.28 -8.55 44.51
N SER A 1141 18.75 -9.05 45.65
CA SER A 1141 20.03 -9.72 45.71
C SER A 1141 19.89 -11.18 45.26
N GLN A 1142 20.99 -11.92 45.33
CA GLN A 1142 21.01 -13.27 44.78
C GLN A 1142 20.25 -14.27 45.65
N GLU A 1143 20.33 -14.12 46.98
CA GLU A 1143 19.73 -15.12 47.87
C GLU A 1143 18.21 -15.15 47.73
N GLU A 1144 17.59 -13.99 47.54
CA GLU A 1144 16.14 -13.96 47.31
C GLU A 1144 15.78 -14.70 46.03
N ILE A 1145 16.57 -14.51 44.98
CA ILE A 1145 16.35 -15.24 43.73
C ILE A 1145 16.49 -16.73 43.96
N VAL A 1146 17.50 -17.13 44.73
CA VAL A 1146 17.73 -18.55 44.98
C VAL A 1146 16.55 -19.16 45.72
N ARG A 1147 16.08 -18.48 46.77
CA ARG A 1147 14.96 -19.02 47.54
C ARG A 1147 13.67 -19.00 46.74
N ALA A 1148 13.47 -17.99 45.89
CA ALA A 1148 12.30 -17.98 45.02
C ALA A 1148 12.31 -19.14 44.04
N ALA A 1149 13.49 -19.43 43.47
CA ALA A 1149 13.60 -20.58 42.56
C ALA A 1149 13.34 -21.88 43.31
N LYS A 1150 13.86 -21.98 44.53
CA LYS A 1150 13.62 -23.19 45.34
C LYS A 1150 12.13 -23.36 45.63
N GLU A 1151 11.44 -22.28 45.98
CA GLU A 1151 10.01 -22.35 46.22
C GLU A 1151 9.25 -22.73 44.96
N ALA A 1152 9.65 -22.17 43.83
CA ALA A 1152 9.02 -22.49 42.54
C ALA A 1152 9.50 -23.81 41.97
N ASN A 1153 10.48 -24.45 42.60
CA ASN A 1153 11.05 -25.74 42.22
C ASN A 1153 11.78 -25.69 40.89
N ILE A 1154 11.84 -24.54 40.23
CA ILE A 1154 12.62 -24.43 39.01
C ILE A 1154 14.11 -24.57 39.28
N HIS A 1155 14.53 -24.33 40.53
CA HIS A 1155 15.94 -24.47 40.89
C HIS A 1155 16.45 -25.87 40.62
N ALA A 1156 15.58 -26.89 40.75
CA ALA A 1156 15.97 -28.25 40.40
C ALA A 1156 16.31 -28.36 38.91
N PHE A 1157 15.75 -27.47 38.09
CA PHE A 1157 16.05 -27.43 36.66
C PHE A 1157 17.04 -26.34 36.29
N ILE A 1158 17.18 -25.30 37.11
CA ILE A 1158 18.13 -24.23 36.80
C ILE A 1158 19.56 -24.76 36.80
N GLU A 1159 19.89 -25.58 37.80
CA GLU A 1159 21.23 -26.16 37.85
C GLU A 1159 21.52 -27.08 36.67
N SER A 1160 20.48 -27.64 36.05
CA SER A 1160 20.67 -28.42 34.84
C SER A 1160 21.17 -27.57 33.68
N LEU A 1161 20.80 -26.28 33.67
CA LEU A 1161 21.27 -25.39 32.63
C LEU A 1161 22.77 -25.15 32.77
N PRO A 1162 23.50 -25.03 31.66
CA PRO A 1162 24.95 -24.85 31.76
C PRO A 1162 25.38 -23.60 32.50
N ASN A 1163 24.61 -22.51 32.39
CA ASN A 1163 24.98 -21.24 33.01
C ASN A 1163 24.04 -20.84 34.14
N LYS A 1164 23.27 -21.79 34.66
CA LYS A 1164 22.29 -21.60 35.74
C LYS A 1164 21.59 -20.24 35.70
N TYR A 1165 21.82 -19.41 36.72
CA TYR A 1165 21.17 -18.11 36.79
C TYR A 1165 21.59 -17.20 35.64
N SER A 1166 22.82 -17.35 35.15
CA SER A 1166 23.34 -16.49 34.08
C SER A 1166 22.89 -16.93 32.70
N THR A 1167 22.17 -18.04 32.58
CA THR A 1167 21.70 -18.50 31.28
C THR A 1167 20.76 -17.47 30.65
N LYS A 1168 21.00 -17.16 29.38
CA LYS A 1168 20.13 -16.26 28.65
C LYS A 1168 18.89 -17.00 28.19
N VAL A 1169 17.74 -16.32 28.23
CA VAL A 1169 16.47 -16.90 27.85
C VAL A 1169 15.83 -16.02 26.77
N GLY A 1170 15.23 -16.65 25.78
CA GLY A 1170 14.56 -15.97 24.69
C GLY A 1170 14.73 -16.73 23.40
N ASP A 1171 14.29 -16.11 22.31
CA ASP A 1171 14.42 -16.74 21.00
C ASP A 1171 15.89 -16.90 20.61
N LYS A 1172 16.71 -15.89 20.88
CA LYS A 1172 18.13 -15.97 20.55
C LYS A 1172 18.89 -16.87 21.52
N GLY A 1173 18.31 -17.16 22.69
CA GLY A 1173 18.92 -18.04 23.66
C GLY A 1173 18.43 -19.47 23.54
N THR A 1174 18.74 -20.25 24.57
CA THR A 1174 18.32 -21.64 24.61
C THR A 1174 16.80 -21.74 24.75
N GLN A 1175 16.21 -22.70 24.06
CA GLN A 1175 14.77 -22.90 24.11
C GLN A 1175 14.35 -23.69 25.34
N LEU A 1176 13.29 -23.25 25.98
CA LEU A 1176 12.73 -23.91 27.15
C LEU A 1176 11.29 -24.33 26.87
N SER A 1177 10.85 -25.38 27.57
CA SER A 1177 9.51 -25.90 27.38
C SER A 1177 8.48 -25.02 28.09
N GLY A 1178 7.21 -25.36 27.91
CA GLY A 1178 6.15 -24.61 28.54
C GLY A 1178 6.19 -24.69 30.06
N GLY A 1179 6.49 -25.88 30.59
CA GLY A 1179 6.54 -26.05 32.03
C GLY A 1179 7.64 -25.22 32.67
N GLN A 1180 8.83 -25.21 32.06
CA GLN A 1180 9.92 -24.41 32.60
C GLN A 1180 9.63 -22.92 32.52
N LYS A 1181 9.02 -22.48 31.43
CA LYS A 1181 8.64 -21.07 31.32
C LYS A 1181 7.60 -20.69 32.37
N GLN A 1182 6.63 -21.59 32.61
CA GLN A 1182 5.64 -21.32 33.65
C GLN A 1182 6.30 -21.28 35.03
N ARG A 1183 7.28 -22.15 35.26
CA ARG A 1183 7.99 -22.15 36.54
C ARG A 1183 8.76 -20.85 36.74
N ILE A 1184 9.45 -20.38 35.70
CA ILE A 1184 10.18 -19.13 35.86
C ILE A 1184 9.21 -17.96 36.01
N ALA A 1185 8.05 -18.03 35.36
CA ALA A 1185 7.05 -16.98 35.51
C ALA A 1185 6.50 -16.94 36.93
N ILE A 1186 6.20 -18.10 37.51
CA ILE A 1186 5.69 -18.11 38.88
C ILE A 1186 6.79 -17.70 39.86
N ALA A 1187 8.04 -18.01 39.55
CA ALA A 1187 9.14 -17.50 40.37
C ALA A 1187 9.21 -15.97 40.30
N ARG A 1188 9.03 -15.41 39.11
CA ARG A 1188 9.00 -13.95 38.97
C ARG A 1188 7.83 -13.36 39.73
N ALA A 1189 6.70 -14.05 39.74
CA ALA A 1189 5.57 -13.59 40.54
C ALA A 1189 5.88 -13.64 42.03
N LEU A 1190 6.52 -14.72 42.48
CA LEU A 1190 6.74 -14.94 43.91
C LEU A 1190 7.85 -14.07 44.49
N VAL A 1191 8.84 -13.69 43.69
CA VAL A 1191 9.99 -12.96 44.22
C VAL A 1191 9.54 -11.62 44.81
N ARG A 1192 8.60 -10.94 44.16
CA ARG A 1192 8.05 -9.72 44.72
C ARG A 1192 7.32 -9.98 46.04
N GLN A 1193 6.85 -11.21 46.25
CA GLN A 1193 6.10 -11.62 47.43
C GLN A 1193 4.85 -10.77 47.66
N PRO A 1194 3.92 -10.70 46.70
CA PRO A 1194 2.65 -10.03 46.97
C PRO A 1194 1.79 -10.88 47.90
N HIS A 1195 0.92 -10.22 48.64
CA HIS A 1195 0.00 -10.92 49.53
C HIS A 1195 -1.27 -11.37 48.82
N ILE A 1196 -1.49 -10.92 47.58
CA ILE A 1196 -2.58 -11.38 46.74
C ILE A 1196 -2.02 -11.72 45.37
N LEU A 1197 -2.39 -12.90 44.87
CA LEU A 1197 -1.90 -13.36 43.58
C LEU A 1197 -3.06 -13.98 42.80
N LEU A 1198 -3.00 -13.84 41.48
CA LEU A 1198 -4.06 -14.33 40.62
C LEU A 1198 -3.46 -15.23 39.54
N LEU A 1199 -4.16 -16.32 39.24
CA LEU A 1199 -3.79 -17.23 38.16
C LEU A 1199 -4.86 -17.13 37.08
N ASP A 1200 -4.42 -16.99 35.83
CA ASP A 1200 -5.32 -16.82 34.69
C ASP A 1200 -4.97 -17.86 33.63
N GLU A 1201 -5.56 -19.04 33.75
CA GLU A 1201 -5.44 -20.12 32.76
C GLU A 1201 -3.97 -20.49 32.50
N ALA A 1202 -3.12 -20.32 33.53
CA ALA A 1202 -1.70 -20.60 33.35
C ALA A 1202 -1.44 -22.09 33.15
N THR A 1203 -2.21 -22.94 33.83
CA THR A 1203 -2.02 -24.38 33.79
C THR A 1203 -2.74 -25.04 32.61
N SER A 1204 -3.14 -24.25 31.60
CA SER A 1204 -3.86 -24.78 30.45
C SER A 1204 -2.94 -25.23 29.32
N ALA A 1205 -1.65 -25.02 29.44
CA ALA A 1205 -0.69 -25.40 28.40
C ALA A 1205 0.56 -26.02 29.00
N LEU A 1206 0.38 -26.94 29.94
CA LEU A 1206 1.48 -27.58 30.64
C LEU A 1206 1.39 -29.09 30.49
N ASP A 1207 2.53 -29.72 30.22
CA ASP A 1207 2.60 -31.18 30.21
C ASP A 1207 2.50 -31.71 31.64
N THR A 1208 1.94 -32.93 31.75
CA THR A 1208 1.61 -33.46 33.07
C THR A 1208 2.85 -33.65 33.95
N GLU A 1209 3.96 -34.08 33.36
CA GLU A 1209 5.18 -34.27 34.13
C GLU A 1209 5.66 -32.97 34.75
N SER A 1210 5.66 -31.88 33.97
CA SER A 1210 5.97 -30.58 34.52
C SER A 1210 4.79 -29.99 35.30
N GLU A 1211 3.57 -30.40 34.96
CA GLU A 1211 2.40 -29.92 35.69
C GLU A 1211 2.44 -30.36 37.15
N LYS A 1212 2.95 -31.57 37.41
CA LYS A 1212 3.04 -32.03 38.80
C LYS A 1212 3.96 -31.13 39.61
N VAL A 1213 5.12 -30.77 39.05
CA VAL A 1213 6.05 -29.89 39.75
C VAL A 1213 5.45 -28.49 39.90
N VAL A 1214 4.73 -28.03 38.87
CA VAL A 1214 4.08 -26.72 38.94
C VAL A 1214 3.06 -26.69 40.05
N GLN A 1215 2.25 -27.74 40.16
CA GLN A 1215 1.27 -27.83 41.24
C GLN A 1215 1.95 -27.94 42.60
N GLU A 1216 3.07 -28.66 42.67
CA GLU A 1216 3.82 -28.74 43.91
C GLU A 1216 4.28 -27.35 44.37
N ALA A 1217 4.81 -26.56 43.43
CA ALA A 1217 5.22 -25.20 43.77
C ALA A 1217 4.02 -24.33 44.14
N LEU A 1218 2.92 -24.46 43.41
CA LEU A 1218 1.76 -23.61 43.64
C LEU A 1218 1.07 -23.93 44.95
N ASP A 1219 1.17 -25.18 45.43
CA ASP A 1219 0.59 -25.51 46.72
C ASP A 1219 1.27 -24.73 47.84
N LYS A 1220 2.60 -24.61 47.78
CA LYS A 1220 3.31 -23.78 48.75
C LYS A 1220 3.05 -22.30 48.49
N ALA A 1221 2.96 -21.90 47.23
CA ALA A 1221 2.78 -20.48 46.90
C ALA A 1221 1.44 -19.97 47.41
N ARG A 1222 0.36 -20.73 47.25
CA ARG A 1222 -0.96 -20.30 47.67
C ARG A 1222 -1.12 -20.31 49.18
N GLU A 1223 -0.30 -21.09 49.89
CA GLU A 1223 -0.38 -21.13 51.34
C GLU A 1223 0.09 -19.80 51.92
N GLY A 1224 -0.72 -19.22 52.80
CA GLY A 1224 -0.39 -17.95 53.42
C GLY A 1224 -0.67 -16.73 52.57
N ARG A 1225 -1.21 -16.90 51.36
CA ARG A 1225 -1.50 -15.79 50.46
C ARG A 1225 -2.89 -15.97 49.85
N THR A 1226 -3.48 -14.85 49.45
CA THR A 1226 -4.78 -14.85 48.81
C THR A 1226 -4.61 -15.14 47.32
N CYS A 1227 -5.33 -16.15 46.82
CA CYS A 1227 -5.14 -16.65 45.47
C CYS A 1227 -6.43 -16.53 44.66
N ILE A 1228 -6.28 -16.16 43.40
CA ILE A 1228 -7.38 -16.17 42.42
C ILE A 1228 -7.01 -17.19 41.34
N VAL A 1229 -7.91 -18.14 41.10
CA VAL A 1229 -7.65 -19.25 40.20
C VAL A 1229 -8.56 -19.12 38.98
N ILE A 1230 -7.96 -19.10 37.80
CA ILE A 1230 -8.66 -19.19 36.53
C ILE A 1230 -8.03 -20.33 35.75
N ALA A 1231 -8.84 -21.29 35.33
CA ALA A 1231 -8.33 -22.44 34.59
C ALA A 1231 -9.46 -23.10 33.82
N HIS A 1232 -9.09 -23.88 32.81
CA HIS A 1232 -10.04 -24.64 32.01
C HIS A 1232 -10.04 -26.12 32.36
N ARG A 1233 -9.29 -26.51 33.39
CA ARG A 1233 -9.21 -27.90 33.82
C ARG A 1233 -9.82 -28.05 35.21
N LEU A 1234 -10.73 -29.02 35.35
CA LEU A 1234 -11.36 -29.24 36.64
C LEU A 1234 -10.38 -29.81 37.67
N SER A 1235 -9.44 -30.64 37.22
CA SER A 1235 -8.49 -31.25 38.15
C SER A 1235 -7.60 -30.20 38.80
N THR A 1236 -7.16 -29.19 38.03
CA THR A 1236 -6.27 -28.17 38.57
C THR A 1236 -6.97 -27.27 39.59
N ILE A 1237 -8.30 -27.23 39.59
CA ILE A 1237 -9.05 -26.38 40.50
C ILE A 1237 -9.75 -27.19 41.58
N GLN A 1238 -9.38 -28.46 41.74
CA GLN A 1238 -9.98 -29.29 42.78
C GLN A 1238 -9.66 -28.76 44.17
N ASN A 1239 -8.42 -28.33 44.39
CA ASN A 1239 -8.02 -27.80 45.68
C ASN A 1239 -8.53 -26.39 45.95
N ALA A 1240 -9.10 -25.74 44.95
CA ALA A 1240 -9.66 -24.40 45.14
C ALA A 1240 -10.86 -24.45 46.08
N ASP A 1241 -11.00 -23.40 46.89
CA ASP A 1241 -12.06 -23.34 47.89
C ASP A 1241 -13.27 -22.54 47.41
N LEU A 1242 -13.05 -21.34 46.88
CA LEU A 1242 -14.13 -20.45 46.48
C LEU A 1242 -14.09 -20.24 44.97
N ILE A 1243 -15.28 -20.14 44.37
CA ILE A 1243 -15.43 -20.00 42.92
C ILE A 1243 -16.52 -18.97 42.64
N VAL A 1244 -16.30 -18.16 41.60
CA VAL A 1244 -17.30 -17.23 41.08
C VAL A 1244 -17.38 -17.44 39.57
N VAL A 1245 -18.61 -17.54 39.05
CA VAL A 1245 -18.84 -17.77 37.62
C VAL A 1245 -19.34 -16.48 37.00
N PHE A 1246 -18.79 -16.12 35.85
CA PHE A 1246 -19.13 -14.89 35.16
C PHE A 1246 -20.08 -15.19 34.01
N GLN A 1247 -21.15 -14.39 33.91
CA GLN A 1247 -22.14 -14.52 32.84
C GLN A 1247 -22.33 -13.13 32.23
N ASN A 1248 -21.51 -12.82 31.22
CA ASN A 1248 -21.53 -11.53 30.53
C ASN A 1248 -21.37 -10.36 31.50
N GLY A 1249 -20.58 -10.58 32.57
CA GLY A 1249 -20.41 -9.58 33.59
C GLY A 1249 -21.49 -9.54 34.64
N ARG A 1250 -22.50 -10.40 34.55
CA ARG A 1250 -23.55 -10.49 35.55
C ARG A 1250 -23.28 -11.73 36.41
N VAL A 1251 -23.23 -11.53 37.72
CA VAL A 1251 -22.94 -12.63 38.63
C VAL A 1251 -24.06 -13.65 38.54
N LYS A 1252 -23.73 -14.86 38.07
CA LYS A 1252 -24.68 -15.94 38.01
C LYS A 1252 -24.62 -16.83 39.23
N GLU A 1253 -23.41 -17.14 39.71
CA GLU A 1253 -23.24 -17.95 40.91
C GLU A 1253 -21.87 -17.66 41.50
N HIS A 1254 -21.84 -17.13 42.71
CA HIS A 1254 -20.60 -16.78 43.38
C HIS A 1254 -20.62 -17.36 44.80
N GLY A 1255 -19.43 -17.75 45.27
CA GLY A 1255 -19.33 -18.28 46.62
C GLY A 1255 -18.22 -19.30 46.73
N THR A 1256 -18.53 -20.47 47.30
CA THR A 1256 -17.56 -21.54 47.39
C THR A 1256 -17.68 -22.47 46.18
N HIS A 1257 -16.69 -23.35 46.04
CA HIS A 1257 -16.68 -24.31 44.94
C HIS A 1257 -17.80 -25.33 45.10
C1 UPL B . 9.46 35.68 5.05
C2 UPL B . 10.00 34.26 5.16
C3 UPL B . 8.95 33.17 5.42
C4 UPL B . 7.60 33.52 4.78
C5 UPL B . 6.90 32.35 4.10
C6 UPL B . 7.65 31.81 2.89
C7 UPL B . 6.81 30.86 2.06
C8 UPL B . 7.53 30.30 0.83
C9 UPL B . 8.15 31.40 -0.03
C10 UPL B . 8.61 30.90 -1.41
C11 UPL B . 10.05 30.40 -1.44
C12 UPL B . 10.14 28.88 -1.39
C13 UPL B . 9.29 28.19 -2.43
C14 UPL B . 9.76 26.76 -2.74
C15 UPL B . 9.86 25.87 -1.51
C16 UPL B . 8.53 25.59 -0.86
C13 UPL C . 12.77 22.55 -36.17
C14 UPL C . 14.21 22.86 -35.76
C15 UPL C . 14.98 23.64 -36.81
C16 UPL C . 14.38 25.01 -37.10
C17 UPL C . 15.30 25.97 -37.85
C18 UPL C . 16.71 26.05 -37.26
C19 UPL C . 17.49 27.25 -37.79
C20 UPL C . 18.96 26.97 -38.02
C21 UPL C . 19.83 27.22 -36.80
C22 UPL C . 21.25 27.66 -37.13
C23 UPL C . 21.31 29.02 -37.83
C24 UPL C . 22.73 29.51 -38.08
C25 UPL C . 22.77 30.86 -38.77
C13 UPL D . 27.50 9.11 -29.75
C14 UPL D . 27.53 9.46 -31.24
C15 UPL D . 28.91 9.90 -31.72
C16 UPL D . 29.07 9.81 -33.22
C17 UPL D . 28.18 10.77 -34.00
C18 UPL D . 28.96 11.86 -34.71
C19 UPL D . 30.12 11.32 -35.54
C20 UPL D . 30.92 12.41 -36.24
C21 UPL D . 30.06 13.35 -37.07
C22 UPL D . 30.86 14.18 -38.08
C23 UPL D . 32.18 14.67 -37.53
C24 UPL D . 32.91 15.62 -38.47
C25 UPL D . 32.99 15.09 -39.89
C13 UPL E . 13.21 42.68 -2.02
C14 UPL E . 13.83 44.06 -1.81
C15 UPL E . 14.13 44.81 -3.10
C16 UPL E . 14.85 46.13 -2.86
C17 UPL E . 15.46 46.73 -4.13
C18 UPL E . 16.40 47.90 -3.83
C19 UPL E . 17.44 48.13 -4.90
C20 UPL E . 17.00 49.08 -6.01
C21 UPL E . 18.16 49.78 -6.69
C22 UPL E . 19.16 50.37 -5.71
C23 UPL E . 20.33 51.06 -6.38
C24 UPL E . 21.38 51.58 -5.39
C25 UPL E . 21.95 50.48 -4.50
C13 UPL F . 22.93 10.73 -37.76
C14 UPL F . 22.57 11.95 -38.61
C15 UPL F . 23.74 12.90 -38.81
C16 UPL F . 24.88 12.27 -39.59
C17 UPL F . 26.15 13.10 -39.61
C18 UPL F . 25.90 14.58 -39.91
C19 UPL F . 27.17 15.40 -39.91
C20 UPL F . 26.90 16.91 -39.92
C21 UPL F . 26.17 17.38 -41.17
C22 UPL F . 26.60 18.77 -41.60
C23 UPL F . 28.11 18.93 -41.75
C24 UPL F . 28.55 20.31 -42.19
C25 UPL F . 30.06 20.44 -42.31
C1 UPL G . 14.57 8.33 -37.92
C2 UPL G . 13.47 7.65 -37.13
C3 UPL G . 13.79 6.20 -36.75
C4 UPL G . 13.22 5.78 -35.40
C5 UPL G . 12.31 4.56 -35.47
C6 UPL G . 10.87 4.91 -35.81
C7 UPL G . 9.94 3.71 -35.76
C8 UPL G . 10.06 2.87 -34.48
C9 UPL G . 8.98 3.27 -33.47
C10 UPL G . 8.76 2.25 -32.34
C11 UPL G . 8.35 0.87 -32.82
C12 UPL G . 7.03 0.81 -33.56
C13 UPL G . 7.08 -0.06 -34.81
C14 UPL G . 5.71 -0.48 -35.31
C15 UPL G . 5.04 -1.54 -34.44
C16 UPL G . 5.86 -2.81 -34.32
C17 UPL G . 5.10 -3.93 -33.64
C13 UPL H . 7.27 24.52 -38.83
C14 UPL H . 8.35 25.50 -39.29
C15 UPL H . 8.15 26.91 -38.75
C16 UPL H . 9.03 27.94 -39.45
C17 UPL H . 10.52 27.77 -39.19
C18 UPL H . 11.26 29.10 -39.19
C19 UPL H . 12.64 29.04 -39.84
C20 UPL H . 13.31 30.39 -39.94
C21 UPL H . 12.41 31.47 -40.52
C22 UPL H . 12.93 32.88 -40.33
C23 UPL H . 14.11 33.22 -41.22
C24 UPL H . 14.41 34.71 -41.29
C25 UPL H . 15.54 35.04 -42.26
C13 UPL I . 27.50 4.84 -14.53
C14 UPL I . 28.29 5.82 -15.38
C15 UPL I . 29.33 5.15 -16.28
C16 UPL I . 30.12 6.15 -17.12
C17 UPL I . 31.16 5.49 -18.02
C18 UPL I . 31.86 6.48 -18.95
C19 UPL I . 31.84 6.02 -20.41
C20 UPL I . 32.64 6.93 -21.34
C21 UPL I . 34.13 6.96 -20.99
C22 UPL I . 35.02 7.36 -22.17
C23 UPL I . 36.48 7.55 -21.77
C24 UPL I . 37.42 7.67 -22.97
C25 UPL I . 36.98 8.74 -23.96
C13 UPL J . 5.12 43.55 -15.16
C14 UPL J . 5.98 44.80 -15.25
C15 UPL J . 6.66 44.98 -16.60
C16 UPL J . 7.53 46.22 -16.66
C17 UPL J . 8.18 46.45 -18.02
C18 UPL J . 8.96 47.76 -18.10
C19 UPL J . 9.55 48.01 -19.49
C20 UPL J . 10.07 49.43 -19.68
C21 UPL J . 11.26 49.75 -18.80
C22 UPL J . 12.18 50.81 -19.39
C23 UPL J . 11.44 52.09 -19.79
C24 UPL J . 12.37 53.27 -20.04
C25 UPL J . 13.48 52.95 -21.04
C13 UPL K . 15.67 -4.75 -23.42
C14 UPL K . 15.17 -3.32 -23.57
C15 UPL K . 15.32 -2.77 -24.98
C16 UPL K . 15.09 -1.27 -25.05
C17 UPL K . 15.59 -0.63 -26.34
C18 UPL K . 14.75 -0.99 -27.56
C19 UPL K . 15.57 -1.54 -28.71
C20 UPL K . 14.92 -1.33 -30.07
C21 UPL K . 14.52 0.12 -30.30
C22 UPL K . 14.21 0.43 -31.76
C23 UPL K . 15.44 0.37 -32.66
C24 UPL K . 15.24 1.04 -34.01
C25 UPL K . 14.93 2.53 -33.89
C1 UPL L . 41.09 41.89 -9.64
C2 UPL L . 39.57 41.68 -9.64
C3 UPL L . 39.07 40.87 -8.46
C4 UPL L . 37.56 40.72 -8.45
C5 UPL L . 37.05 39.72 -7.41
C6 UPL L . 35.56 39.47 -7.46
C7 UPL L . 34.68 40.72 -7.34
C8 UPL L . 33.54 40.73 -8.37
C9 UPL L . 32.15 40.68 -7.76
C10 UPL L . 31.97 39.57 -6.75
C11 UPL L . 30.59 39.56 -6.13
C12 UPL L . 30.40 38.47 -5.08
C13 UPL L . 29.04 38.53 -4.39
C14 UPL L . 28.90 37.47 -3.31
C15 UPL L . 27.59 37.55 -2.55
C16 UPL L . 27.52 36.51 -1.43
C17 UPL L . 26.28 36.65 -0.55
C18 UPL L . 26.29 35.68 0.62
C19 UPL L . 25.13 35.90 1.60
C13 UPL M . 4.58 39.67 -21.14
C14 UPL M . 3.95 40.91 -20.50
C15 UPL M . 4.96 41.99 -20.14
C16 UPL M . 5.49 42.73 -21.37
C17 UPL M . 6.49 43.82 -21.02
C18 UPL M . 6.87 44.70 -22.21
C19 UPL M . 7.88 45.77 -21.85
C20 UPL M . 7.98 46.89 -22.88
C21 UPL M . 8.53 46.43 -24.22
C22 UPL M . 8.84 47.58 -25.17
C23 UPL M . 9.81 48.60 -24.60
C24 UPL M . 10.12 49.75 -25.54
C25 UPL M . 11.12 50.74 -24.96
C13 UPL N . 18.26 10.66 -34.20
C14 UPL N . 19.64 11.09 -34.70
C15 UPL N . 19.60 12.27 -35.66
C16 UPL N . 18.91 13.50 -35.07
C17 UPL N . 19.10 14.76 -35.89
C18 UPL N . 20.47 15.41 -35.68
C19 UPL N . 20.65 16.69 -36.50
C20 UPL N . 21.88 17.49 -36.10
C21 UPL N . 22.15 18.68 -37.02
C22 UPL N . 23.41 19.45 -36.64
C23 UPL N . 23.81 20.50 -37.67
C24 UPL N . 25.14 21.17 -37.36
C25 UPL N . 25.57 22.16 -38.42
C13 UPL O . 41.30 10.64 -22.49
C14 UPL O . 40.62 10.72 -23.85
C15 UPL O . 40.54 12.13 -24.40
C16 UPL O . 41.92 12.79 -24.51
C17 UPL O . 41.89 14.15 -25.19
C18 UPL O . 43.28 14.74 -25.37
C19 UPL O . 43.31 15.99 -26.25
C20 UPL O . 44.72 16.47 -26.55
C21 UPL O . 44.76 17.83 -27.25
C22 UPL O . 46.15 18.45 -27.25
C23 UPL O . 46.12 19.98 -27.29
C24 UPL O . 47.45 20.62 -26.93
C25 UPL O . 47.34 22.13 -26.75
C13 UPL P . 39.92 11.73 -14.67
C14 UPL P . 40.87 11.10 -15.66
C15 UPL P . 40.92 11.82 -16.99
C16 UPL P . 41.21 13.31 -16.84
C17 UPL P . 41.54 14.01 -18.14
C18 UPL P . 41.87 15.48 -17.95
C19 UPL P . 42.59 16.10 -19.14
C20 UPL P . 43.09 17.51 -18.87
C21 UPL P . 44.00 18.03 -19.98
C22 UPL P . 44.49 19.45 -19.73
C23 UPL P . 45.44 19.95 -20.81
C24 UPL P . 45.93 21.37 -20.56
C25 UPL P . 46.91 21.84 -21.62
C13 UPL Q . 9.38 25.57 -9.18
C14 UPL Q . 9.99 24.57 -10.16
C15 UPL Q . 9.92 25.02 -11.61
C16 UPL Q . 10.92 26.12 -11.95
C17 UPL Q . 10.78 26.65 -13.37
C18 UPL Q . 11.94 27.54 -13.79
C19 UPL Q . 11.77 28.15 -15.18
C20 UPL Q . 13.03 28.77 -15.75
C21 UPL Q . 12.82 29.40 -17.12
C22 UPL Q . 14.08 29.95 -17.74
C23 UPL Q . 13.80 31.06 -18.75
C24 UPL Q . 15.06 31.79 -19.21
C25 UPL Q . 14.75 33.14 -19.84
C13 UPL R . 29.86 8.37 -23.60
C14 UPL R . 29.19 7.78 -22.37
C15 UPL R . 29.10 8.75 -21.20
C16 UPL R . 27.79 8.63 -20.43
C17 UPL R . 27.70 9.53 -19.21
C18 UPL R . 26.41 9.34 -18.43
C19 UPL R . 26.27 10.27 -17.23
C20 UPL R . 24.98 10.07 -16.46
C21 UPL R . 24.73 11.16 -15.42
C22 UPL R . 23.34 11.10 -14.80
C23 UPL R . 23.04 12.28 -13.88
C13 UPL S . 26.64 23.89 -15.86
C14 UPL S . 25.81 24.47 -16.99
C15 UPL S . 25.09 23.42 -17.82
C16 UPL S . 24.17 22.54 -16.97
C17 UPL S . 23.06 21.86 -17.76
C18 UPL S . 22.02 21.20 -16.87
C19 UPL S . 22.61 20.18 -15.90
C20 UPL S . 21.57 19.56 -14.97
C21 UPL S . 20.52 18.76 -15.70
C22 UPL S . 19.49 18.12 -14.77
C23 UPL S . 20.12 17.19 -13.75
C13 UPL T . 7.04 29.13 7.59
C14 UPL T . 7.96 29.65 8.68
C15 UPL T . 9.16 30.43 8.15
C16 UPL T . 10.13 30.84 9.25
C17 UPL T . 11.32 31.64 8.74
C18 UPL T . 12.28 32.07 9.85
C19 UPL T . 13.36 33.03 9.38
C20 UPL T . 14.18 32.49 8.21
C21 UPL T . 14.13 33.37 6.98
C22 UPL T . 15.12 34.52 7.01
C23 UPL T . 15.68 34.86 5.64
C24 UPL T . 16.55 36.11 5.62
C25 UPL T . 17.61 36.12 6.71
C13 UPL U . 20.63 38.20 2.14
C14 UPL U . 21.69 39.13 1.56
C15 UPL U . 21.12 40.15 0.58
C16 UPL U . 22.03 41.36 0.39
C17 UPL U . 23.24 41.11 -0.51
C18 UPL U . 23.82 42.39 -1.08
C19 UPL U . 25.06 42.17 -1.94
C20 UPL U . 25.46 43.39 -2.76
C21 UPL U . 26.73 43.18 -3.57
C22 UPL U . 26.95 44.22 -4.64
C23 UPL U . 27.25 45.61 -4.09
C24 UPL U . 27.75 46.58 -5.14
C25 UPL U . 28.13 47.94 -4.57
C13 UPL V . 5.61 36.15 -22.85
C14 UPL V . 6.49 35.84 -24.06
C15 UPL V . 7.72 36.74 -24.14
C16 UPL V . 7.38 38.20 -24.38
C17 UPL V . 8.47 39.17 -23.94
C18 UPL V . 8.20 40.61 -24.33
C19 UPL V . 9.08 41.10 -25.48
C20 UPL V . 8.94 42.59 -25.77
C21 UPL V . 10.10 43.15 -26.57
C22 UPL V . 9.85 44.57 -27.08
C23 UPL V . 11.08 45.19 -27.72
C24 UPL V . 10.80 46.51 -28.42
C25 UPL V . 12.05 47.15 -29.01
C13 UPL W . 2.58 37.15 -26.68
C14 UPL W . 2.91 35.66 -26.62
C15 UPL W . 3.75 35.18 -27.80
C16 UPL W . 5.13 35.83 -27.85
C17 UPL W . 5.86 35.62 -29.16
C18 UPL W . 7.13 36.45 -29.28
C19 UPL W . 7.59 36.61 -30.73
C20 UPL W . 8.88 37.42 -30.86
C21 UPL W . 8.81 38.76 -30.14
C22 UPL W . 9.79 39.78 -30.69
C23 UPL W . 9.63 40.01 -32.19
C24 UPL W . 10.50 41.13 -32.74
C25 UPL W . 10.28 41.38 -34.22
PG ATP X . -22.77 -29.73 1.00
O1G ATP X . -24.05 -29.25 0.40
O2G ATP X . -21.69 -28.66 1.09
O3G ATP X . -22.94 -30.39 2.36
PB ATP X . -20.88 -31.09 -0.91
O1B ATP X . -19.74 -31.72 -0.21
O2B ATP X . -21.40 -31.84 -2.13
O3B ATP X . -22.12 -30.87 0.07
PA ATP X . -19.43 -28.86 -2.18
O1A ATP X . -18.81 -27.76 -1.39
O2A ATP X . -20.03 -28.42 -3.52
O3A ATP X . -20.57 -29.60 -1.36
O5' ATP X . -18.38 -30.01 -2.46
C5' ATP X . -17.27 -30.24 -1.56
C4' ATP X . -16.57 -31.51 -1.95
O4' ATP X . -16.04 -31.38 -3.29
C3' ATP X . -15.37 -31.88 -1.10
O3' ATP X . -15.11 -33.27 -1.14
C2' ATP X . -14.24 -31.07 -1.76
O2' ATP X . -12.97 -31.67 -1.56
C1' ATP X . -14.65 -31.13 -3.24
N9 ATP X . -14.38 -29.90 -3.99
C8 ATP X . -15.30 -29.01 -4.46
N7 ATP X . -14.76 -27.99 -5.10
C5 ATP X . -13.41 -28.22 -5.02
C6 ATP X . -12.29 -27.51 -5.49
N6 ATP X . -12.38 -26.36 -6.17
N1 ATP X . -11.07 -28.02 -5.25
C2 ATP X . -10.97 -29.17 -4.57
N3 ATP X . -11.95 -29.93 -4.08
C4 ATP X . -13.15 -29.40 -4.34
O01 TA1 Y . 27.53 22.36 -10.33
C01 TA1 Y . 26.43 23.23 -10.16
C02 TA1 Y . 25.26 22.56 -10.99
O02 TA1 Y . 25.24 21.23 -10.46
C03 TA1 Y . 25.47 20.17 -11.23
O03 TA1 Y . 26.11 20.20 -12.26
C04 TA1 Y . 24.86 18.94 -10.69
C05 TA1 Y . 24.74 17.82 -11.52
C06 TA1 Y . 24.15 16.66 -11.04
C07 TA1 Y . 23.71 16.59 -9.73
C08 TA1 Y . 23.82 17.69 -8.90
C09 TA1 Y . 24.40 18.87 -9.38
C10 TA1 Y . 23.80 23.17 -10.92
C11 TA1 Y . 22.72 22.22 -10.37
O04 TA1 Y . 23.02 22.12 -8.98
C12 TA1 Y . 22.21 22.61 -8.02
O05 TA1 Y . 21.96 23.77 -7.88
C13 TA1 Y . 21.68 21.51 -7.16
C14 TA1 Y . 22.35 20.95 -11.15
O06 TA1 Y . 20.97 21.21 -10.90
C15 TA1 Y . 21.25 22.60 -10.63
C16 TA1 Y . 20.89 23.50 -11.79
C17 TA1 Y . 21.91 24.59 -12.07
O07 TA1 Y . 21.50 25.37 -13.15
C18 TA1 Y . 23.34 23.97 -12.25
C19 TA1 Y . 23.24 23.12 -13.51
C20 TA1 Y . 24.30 25.17 -12.49
O08 TA1 Y . 24.68 25.34 -13.63
C21 TA1 Y . 24.88 26.24 -11.51
O09 TA1 Y . 25.55 27.30 -12.16
C22 TA1 Y . 25.80 28.44 -11.51
O10 TA1 Y . 25.39 28.68 -10.42
C23 TA1 Y . 26.66 29.35 -12.35
C24 TA1 Y . 25.77 25.61 -10.44
C25 TA1 Y . 25.22 25.66 -9.20
C26 TA1 Y . 25.65 24.69 -8.12
O11 TA1 Y . 24.60 24.41 -7.17
C27 TA1 Y . 24.85 24.61 -5.89
O12 TA1 Y . 25.81 25.19 -5.46
C28 TA1 Y . 23.77 24.01 -5.00
O13 TA1 Y . 23.45 24.88 -3.96
C29 TA1 Y . 24.32 22.70 -4.40
N01 TA1 Y . 25.76 22.84 -4.33
C30 TA1 Y . 26.60 21.96 -3.73
O14 TA1 Y . 26.22 20.96 -3.14
C31 TA1 Y . 28.04 22.30 -3.81
C32 TA1 Y . 28.84 22.12 -2.68
C33 TA1 Y . 30.19 22.43 -2.74
C34 TA1 Y . 30.75 22.92 -3.92
C35 TA1 Y . 29.96 23.11 -5.05
C36 TA1 Y . 28.61 22.80 -4.98
C37 TA1 Y . 23.60 22.30 -3.13
C38 TA1 Y . 22.54 21.40 -3.24
C39 TA1 Y . 21.83 20.99 -2.12
C40 TA1 Y . 22.18 21.46 -0.87
C41 TA1 Y . 23.24 22.36 -0.75
C42 TA1 Y . 23.94 22.77 -1.87
C43 TA1 Y . 26.08 23.33 -8.67
C44 TA1 Y . 23.93 26.34 -8.86
C45 TA1 Y . 26.90 24.60 -10.75
C46 TA1 Y . 28.26 25.09 -10.17
C47 TA1 Y . 27.40 24.38 -12.19
#